data_7JI5
# 
_entry.id   7JI5 
# 
_audit_conform.dict_name       mmcif_pdbx.dic 
_audit_conform.dict_version    5.380 
_audit_conform.dict_location   http://mmcif.pdb.org/dictionaries/ascii/mmcif_pdbx.dic 
# 
loop_
_database_2.database_id 
_database_2.database_code 
_database_2.pdbx_database_accession 
_database_2.pdbx_DOI 
PDB   7JI5         pdb_00007ji5 10.2210/pdb7ji5/pdb 
WWPDB D_1000250826 ?            ?                   
# 
_pdbx_database_status.status_code                     REL 
_pdbx_database_status.status_code_sf                  REL 
_pdbx_database_status.status_code_mr                  ? 
_pdbx_database_status.entry_id                        7JI5 
_pdbx_database_status.recvd_initial_deposition_date   2020-07-22 
_pdbx_database_status.SG_entry                        N 
_pdbx_database_status.deposit_site                    RCSB 
_pdbx_database_status.process_site                    RCSB 
_pdbx_database_status.status_code_cs                  ? 
_pdbx_database_status.status_code_nmr_data            ? 
_pdbx_database_status.methods_development_category    ? 
_pdbx_database_status.pdb_format_compatible           Y 
# 
loop_
_audit_author.name 
_audit_author.pdbx_ordinal 
_audit_author.identifier_ORCID 
'Simmons, C.R.'      1 0000-0002-2290-6132 
'MacCulloch, T.'     2 0000-0001-5875-3361 
'Stephanopoulos, N.' 3 0000-0001-7859-410X 
'Yan, H.'            4 0000-0001-7397-9852 
# 
_citation.abstract                  ? 
_citation.abstract_id_CAS           ? 
_citation.book_id_ISBN              ? 
_citation.book_publisher            ? 
_citation.book_publisher_city       ? 
_citation.book_title                ? 
_citation.coordinate_linkage        ? 
_citation.country                   UK 
_citation.database_id_Medline       ? 
_citation.details                   ? 
_citation.id                        primary 
_citation.journal_abbrev            'Nat Commun' 
_citation.journal_id_ASTM           ? 
_citation.journal_id_CSD            ? 
_citation.journal_id_ISSN           2041-1723 
_citation.journal_full              ? 
_citation.journal_issue             ? 
_citation.journal_volume            13 
_citation.language                  ? 
_citation.page_first                3112 
_citation.page_last                 3112 
_citation.title                     'The influence of Holliday junction sequence and dynamics on DNA crystal self-assembly.' 
_citation.year                      2022 
_citation.database_id_CSD           ? 
_citation.pdbx_database_id_DOI      10.1038/s41467-022-30779-6 
_citation.pdbx_database_id_PubMed   35662248 
_citation.unpublished_flag          ? 
# 
loop_
_citation_author.citation_id 
_citation_author.name 
_citation_author.ordinal 
_citation_author.identifier_ORCID 
primary 'Simmons, C.R.'      1  ?                   
primary 'MacCulloch, T.'     2  ?                   
primary 'Krepl, M.'          3  0000-0002-9833-4281 
primary 'Matthies, M.'       4  ?                   
primary 'Buchberger, A.'     5  ?                   
primary 'Crawford, I.'       6  ?                   
primary 'Sponer, J.'         7  0000-0001-6558-6186 
primary 'Sulc, P.'           8  0000-0003-1565-6769 
primary 'Stephanopoulos, N.' 9  0000-0001-7859-410X 
primary 'Yan, H.'            10 0000-0001-7397-9852 
# 
_cell.angle_alpha                  90.000 
_cell.angle_alpha_esd              ? 
_cell.angle_beta                   90.000 
_cell.angle_beta_esd               ? 
_cell.angle_gamma                  120.000 
_cell.angle_gamma_esd              ? 
_cell.entry_id                     7JI5 
_cell.details                      ? 
_cell.formula_units_Z              ? 
_cell.length_a                     112.705 
_cell.length_a_esd                 ? 
_cell.length_b                     112.705 
_cell.length_b_esd                 ? 
_cell.length_c                     50.618 
_cell.length_c_esd                 ? 
_cell.volume                       ? 
_cell.volume_esd                   ? 
_cell.Z_PDB                        9 
_cell.reciprocal_angle_alpha       ? 
_cell.reciprocal_angle_beta        ? 
_cell.reciprocal_angle_gamma       ? 
_cell.reciprocal_angle_alpha_esd   ? 
_cell.reciprocal_angle_beta_esd    ? 
_cell.reciprocal_angle_gamma_esd   ? 
_cell.reciprocal_length_a          ? 
_cell.reciprocal_length_b          ? 
_cell.reciprocal_length_c          ? 
_cell.reciprocal_length_a_esd      ? 
_cell.reciprocal_length_b_esd      ? 
_cell.reciprocal_length_c_esd      ? 
_cell.pdbx_unique_axis             ? 
# 
_symmetry.entry_id                         7JI5 
_symmetry.cell_setting                     ? 
_symmetry.Int_Tables_number                146 
_symmetry.space_group_name_Hall            ? 
_symmetry.space_group_name_H-M             'H 3' 
_symmetry.pdbx_full_space_group_name_H-M   ? 
# 
loop_
_entity.id 
_entity.type 
_entity.src_method 
_entity.pdbx_description 
_entity.formula_weight 
_entity.pdbx_number_of_molecules 
_entity.pdbx_ec 
_entity.pdbx_mutation 
_entity.pdbx_fragment 
_entity.details 
1 polymer     syn 
;DNA (5'-D(*GP*AP*AP*CP*GP*AP*CP*AP*GP*TP*GP*A)-3')
;
3720.456 1 ? ? ? ? 
2 polymer     syn 
;DNA (5'-D(P*CP*GP*AP*CP*GP*AP*CP*TP*C)-3')
;
2700.788 1 ? ? ? ? 
3 polymer     syn 
;DNA (5'-D(P*TP*CP*AP*TP*CP*G)-3')
;
1784.204 1 ? ? ? ? 
4 polymer     syn 
;DNA (5'-D(*TP*CP*GP*AP*GP*TP*CP*GP*CP*TP*GP*TP*CP*GP*T)-3')
;
4591.969 1 ? ? ? ? 
5 non-polymer syn 'CACODYLATE ION'                                              136.989  1 ? ? ? ? 
# 
loop_
_entity_poly.entity_id 
_entity_poly.type 
_entity_poly.nstd_linkage 
_entity_poly.nstd_monomer 
_entity_poly.pdbx_seq_one_letter_code 
_entity_poly.pdbx_seq_one_letter_code_can 
_entity_poly.pdbx_strand_id 
_entity_poly.pdbx_target_identifier 
1 polydeoxyribonucleotide no no '(DG)(DA)(DA)(DC)(DG)(DA)(DC)(DA)(DG)(DT)(DG)(DA)'             GAACGACAGTGA    A ? 
2 polydeoxyribonucleotide no no '(DC)(DG)(DA)(DC)(DG)(DA)(DC)(DT)(DC)'                         CGACGACTC       B ? 
3 polydeoxyribonucleotide no no '(DT)(DC)(DA)(DT)(DC)(DG)'                                     TCATCG          C ? 
4 polydeoxyribonucleotide no no '(DT)(DC)(DG)(DA)(DG)(DT)(DC)(DG)(DC)(DT)(DG)(DT)(DC)(DG)(DT)' TCGAGTCGCTGTCGT D ? 
# 
loop_
_entity_poly_seq.entity_id 
_entity_poly_seq.num 
_entity_poly_seq.mon_id 
_entity_poly_seq.hetero 
1 1  DG n 
1 2  DA n 
1 3  DA n 
1 4  DC n 
1 5  DG n 
1 6  DA n 
1 7  DC n 
1 8  DA n 
1 9  DG n 
1 10 DT n 
1 11 DG n 
1 12 DA n 
2 1  DC n 
2 2  DG n 
2 3  DA n 
2 4  DC n 
2 5  DG n 
2 6  DA n 
2 7  DC n 
2 8  DT n 
2 9  DC n 
3 1  DT n 
3 2  DC n 
3 3  DA n 
3 4  DT n 
3 5  DC n 
3 6  DG n 
4 1  DT n 
4 2  DC n 
4 3  DG n 
4 4  DA n 
4 5  DG n 
4 6  DT n 
4 7  DC n 
4 8  DG n 
4 9  DC n 
4 10 DT n 
4 11 DG n 
4 12 DT n 
4 13 DC n 
4 14 DG n 
4 15 DT n 
# 
loop_
_pdbx_entity_src_syn.entity_id 
_pdbx_entity_src_syn.pdbx_src_id 
_pdbx_entity_src_syn.pdbx_alt_source_flag 
_pdbx_entity_src_syn.pdbx_beg_seq_num 
_pdbx_entity_src_syn.pdbx_end_seq_num 
_pdbx_entity_src_syn.organism_scientific 
_pdbx_entity_src_syn.organism_common_name 
_pdbx_entity_src_syn.ncbi_taxonomy_id 
_pdbx_entity_src_syn.details 
1 1 sample 1 12 'synthetic construct' ? 32630 ? 
2 1 sample 1 9  'synthetic construct' ? 32630 ? 
3 1 sample 1 6  'synthetic construct' ? 32630 ? 
4 1 sample 1 15 'synthetic construct' ? 32630 ? 
# 
loop_
_struct_ref.id 
_struct_ref.db_name 
_struct_ref.db_code 
_struct_ref.pdbx_db_accession 
_struct_ref.pdbx_db_isoform 
_struct_ref.entity_id 
_struct_ref.pdbx_seq_one_letter_code 
_struct_ref.pdbx_align_begin 
1 PDB 7JI5 7JI5 ? 1 ? 1 
2 PDB 7JI5 7JI5 ? 2 ? 1 
3 PDB 7JI5 7JI5 ? 3 ? 1 
4 PDB 7JI5 7JI5 ? 4 ? 1 
# 
loop_
_struct_ref_seq.align_id 
_struct_ref_seq.ref_id 
_struct_ref_seq.pdbx_PDB_id_code 
_struct_ref_seq.pdbx_strand_id 
_struct_ref_seq.seq_align_beg 
_struct_ref_seq.pdbx_seq_align_beg_ins_code 
_struct_ref_seq.seq_align_end 
_struct_ref_seq.pdbx_seq_align_end_ins_code 
_struct_ref_seq.pdbx_db_accession 
_struct_ref_seq.db_align_beg 
_struct_ref_seq.pdbx_db_align_beg_ins_code 
_struct_ref_seq.db_align_end 
_struct_ref_seq.pdbx_db_align_end_ins_code 
_struct_ref_seq.pdbx_auth_seq_align_beg 
_struct_ref_seq.pdbx_auth_seq_align_end 
1 1 7JI5 A 1 ? 12 ? 7JI5 1  ? 12 ? 1  12 
2 2 7JI5 B 1 ? 9  ? 7JI5 12 ? 20 ? 12 20 
3 3 7JI5 C 1 ? 6  ? 7JI5 0  ? 5  ? 0  5  
4 4 7JI5 D 1 ? 15 ? 7JI5 2  ? 16 ? 2  16 
# 
loop_
_chem_comp.id 
_chem_comp.type 
_chem_comp.mon_nstd_flag 
_chem_comp.name 
_chem_comp.pdbx_synonyms 
_chem_comp.formula 
_chem_comp.formula_weight 
CAC non-polymer   . 'CACODYLATE ION'                     dimethylarsinate 'C2 H6 As O2 -1'  136.989 
DA  'DNA linking' y "2'-DEOXYADENOSINE-5'-MONOPHOSPHATE" ?                'C10 H14 N5 O6 P' 331.222 
DC  'DNA linking' y "2'-DEOXYCYTIDINE-5'-MONOPHOSPHATE"  ?                'C9 H14 N3 O7 P'  307.197 
DG  'DNA linking' y "2'-DEOXYGUANOSINE-5'-MONOPHOSPHATE" ?                'C10 H14 N5 O7 P' 347.221 
DT  'DNA linking' y "THYMIDINE-5'-MONOPHOSPHATE"         ?                'C10 H15 N2 O8 P' 322.208 
# 
_exptl.absorpt_coefficient_mu     ? 
_exptl.absorpt_correction_T_max   ? 
_exptl.absorpt_correction_T_min   ? 
_exptl.absorpt_correction_type    ? 
_exptl.absorpt_process_details    ? 
_exptl.entry_id                   7JI5 
_exptl.crystals_number            1 
_exptl.details                    ? 
_exptl.method                     'X-RAY DIFFRACTION' 
_exptl.method_details             ? 
# 
_exptl_crystal.colour                      ? 
_exptl_crystal.density_diffrn              ? 
_exptl_crystal.density_Matthews            4.83 
_exptl_crystal.density_method              ? 
_exptl_crystal.density_percent_sol         74.56 
_exptl_crystal.description                 ? 
_exptl_crystal.F_000                       ? 
_exptl_crystal.id                          1 
_exptl_crystal.preparation                 ? 
_exptl_crystal.size_max                    ? 
_exptl_crystal.size_mid                    ? 
_exptl_crystal.size_min                    ? 
_exptl_crystal.size_rad                    ? 
_exptl_crystal.colour_lustre               ? 
_exptl_crystal.colour_modifier             ? 
_exptl_crystal.colour_primary              ? 
_exptl_crystal.density_meas                ? 
_exptl_crystal.density_meas_esd            ? 
_exptl_crystal.density_meas_gt             ? 
_exptl_crystal.density_meas_lt             ? 
_exptl_crystal.density_meas_temp           ? 
_exptl_crystal.density_meas_temp_esd       ? 
_exptl_crystal.density_meas_temp_gt        ? 
_exptl_crystal.density_meas_temp_lt        ? 
_exptl_crystal.pdbx_crystal_image_url      ? 
_exptl_crystal.pdbx_crystal_image_format   ? 
_exptl_crystal.pdbx_mosaicity              ? 
_exptl_crystal.pdbx_mosaicity_esd          ? 
# 
_exptl_crystal_grow.apparatus       ? 
_exptl_crystal_grow.atmosphere      ? 
_exptl_crystal_grow.crystal_id      1 
_exptl_crystal_grow.details         ? 
_exptl_crystal_grow.method          'VAPOR DIFFUSION, SITTING DROP' 
_exptl_crystal_grow.method_ref      ? 
_exptl_crystal_grow.pH              ? 
_exptl_crystal_grow.pressure        ? 
_exptl_crystal_grow.pressure_esd    ? 
_exptl_crystal_grow.seeding         ? 
_exptl_crystal_grow.seeding_ref     ? 
_exptl_crystal_grow.temp            298 
_exptl_crystal_grow.temp_details    'temperature gradient generated from 60 to 25 C at 0.3 degrees per hour' 
_exptl_crystal_grow.temp_esd        ? 
_exptl_crystal_grow.time            ? 
_exptl_crystal_grow.pdbx_details    
;0.5 mL of 0.05 M Cacodylate pH 7.0 with 18 mM MgCl2, 2.25 mM spermine, 0.9 mM CoH18N6, and 4.5% MPD was added to the reservoir with 2 uL added to the drop containing 4 uL of DNA stock
;
_exptl_crystal_grow.pdbx_pH_range   ? 
# 
_diffrn.ambient_environment              ? 
_diffrn.ambient_temp                     100 
_diffrn.ambient_temp_details             ? 
_diffrn.ambient_temp_esd                 ? 
_diffrn.crystal_id                       1 
_diffrn.crystal_support                  ? 
_diffrn.crystal_treatment                ? 
_diffrn.details                          ? 
_diffrn.id                               1 
_diffrn.ambient_pressure                 ? 
_diffrn.ambient_pressure_esd             ? 
_diffrn.ambient_pressure_gt              ? 
_diffrn.ambient_pressure_lt              ? 
_diffrn.ambient_temp_gt                  ? 
_diffrn.ambient_temp_lt                  ? 
_diffrn.pdbx_serial_crystal_experiment   N 
# 
_diffrn_detector.details                      ? 
_diffrn_detector.detector                     PIXEL 
_diffrn_detector.diffrn_id                    1 
_diffrn_detector.type                         'DECTRIS PILATUS3 6M' 
_diffrn_detector.area_resol_mean              ? 
_diffrn_detector.dtime                        ? 
_diffrn_detector.pdbx_frames_total            ? 
_diffrn_detector.pdbx_collection_time_total   ? 
_diffrn_detector.pdbx_collection_date         2018-08-15 
_diffrn_detector.pdbx_frequency               ? 
# 
_diffrn_radiation.collimation                      ? 
_diffrn_radiation.diffrn_id                        1 
_diffrn_radiation.filter_edge                      ? 
_diffrn_radiation.inhomogeneity                    ? 
_diffrn_radiation.monochromator                    ? 
_diffrn_radiation.polarisn_norm                    ? 
_diffrn_radiation.polarisn_ratio                   ? 
_diffrn_radiation.probe                            ? 
_diffrn_radiation.type                             ? 
_diffrn_radiation.xray_symbol                      ? 
_diffrn_radiation.wavelength_id                    1 
_diffrn_radiation.pdbx_monochromatic_or_laue_m_l   M 
_diffrn_radiation.pdbx_wavelength_list             ? 
_diffrn_radiation.pdbx_wavelength                  ? 
_diffrn_radiation.pdbx_diffrn_protocol             'SINGLE WAVELENGTH' 
_diffrn_radiation.pdbx_analyzer                    ? 
_diffrn_radiation.pdbx_scattering_type             x-ray 
# 
_diffrn_radiation_wavelength.id           1 
_diffrn_radiation_wavelength.wavelength   0.92 
_diffrn_radiation_wavelength.wt           1.0 
# 
_diffrn_source.current                     ? 
_diffrn_source.details                     ? 
_diffrn_source.diffrn_id                   1 
_diffrn_source.power                       ? 
_diffrn_source.size                        ? 
_diffrn_source.source                      SYNCHROTRON 
_diffrn_source.target                      ? 
_diffrn_source.type                        'APS BEAMLINE 19-ID' 
_diffrn_source.voltage                     ? 
_diffrn_source.take-off_angle              ? 
_diffrn_source.pdbx_wavelength_list        0.92 
_diffrn_source.pdbx_wavelength             ? 
_diffrn_source.pdbx_synchrotron_beamline   19-ID 
_diffrn_source.pdbx_synchrotron_site       APS 
# 
_reflns.B_iso_Wilson_estimate            99.370 
_reflns.entry_id                         7JI5 
_reflns.data_reduction_details           ? 
_reflns.data_reduction_method            ? 
_reflns.d_resolution_high                2.700 
_reflns.d_resolution_low                 50.000 
_reflns.details                          ? 
_reflns.limit_h_max                      ? 
_reflns.limit_h_min                      ? 
_reflns.limit_k_max                      ? 
_reflns.limit_k_min                      ? 
_reflns.limit_l_max                      ? 
_reflns.limit_l_min                      ? 
_reflns.number_all                       ? 
_reflns.number_obs                       6544 
_reflns.observed_criterion               ? 
_reflns.observed_criterion_F_max         ? 
_reflns.observed_criterion_F_min         ? 
_reflns.observed_criterion_I_max         ? 
_reflns.observed_criterion_I_min         ? 
_reflns.observed_criterion_sigma_F       ? 
_reflns.observed_criterion_sigma_I       ? 
_reflns.percent_possible_obs             99.700 
_reflns.R_free_details                   ? 
_reflns.Rmerge_F_all                     ? 
_reflns.Rmerge_F_obs                     ? 
_reflns.Friedel_coverage                 ? 
_reflns.number_gt                        ? 
_reflns.threshold_expression             ? 
_reflns.pdbx_redundancy                  10.200 
_reflns.pdbx_Rmerge_I_obs                0.076 
_reflns.pdbx_Rmerge_I_all                ? 
_reflns.pdbx_Rsym_value                  ? 
_reflns.pdbx_netI_over_av_sigmaI         ? 
_reflns.pdbx_netI_over_sigmaI            9.800 
_reflns.pdbx_res_netI_over_av_sigmaI_2   ? 
_reflns.pdbx_res_netI_over_sigmaI_2      ? 
_reflns.pdbx_chi_squared                 4.030 
_reflns.pdbx_scaling_rejects             ? 
_reflns.pdbx_d_res_high_opt              ? 
_reflns.pdbx_d_res_low_opt               ? 
_reflns.pdbx_d_res_opt_method            ? 
_reflns.phase_calculation_details        ? 
_reflns.pdbx_Rrim_I_all                  0.080 
_reflns.pdbx_Rpim_I_all                  0.025 
_reflns.pdbx_d_opt                       ? 
_reflns.pdbx_number_measured_all         ? 
_reflns.pdbx_diffrn_id                   1 
_reflns.pdbx_ordinal                     1 
_reflns.pdbx_CC_half                     0.924 
_reflns.pdbx_CC_star                     ? 
_reflns.pdbx_R_split                     ? 
# 
loop_
_reflns_shell.d_res_high 
_reflns_shell.d_res_low 
_reflns_shell.meanI_over_sigI_all 
_reflns_shell.meanI_over_sigI_obs 
_reflns_shell.number_measured_all 
_reflns_shell.number_measured_obs 
_reflns_shell.number_possible 
_reflns_shell.number_unique_all 
_reflns_shell.number_unique_obs 
_reflns_shell.percent_possible_all 
_reflns_shell.percent_possible_obs 
_reflns_shell.Rmerge_F_all 
_reflns_shell.Rmerge_F_obs 
_reflns_shell.Rmerge_I_all 
_reflns_shell.Rmerge_I_obs 
_reflns_shell.meanI_over_sigI_gt 
_reflns_shell.meanI_over_uI_all 
_reflns_shell.meanI_over_uI_gt 
_reflns_shell.number_measured_gt 
_reflns_shell.number_unique_gt 
_reflns_shell.percent_possible_gt 
_reflns_shell.Rmerge_F_gt 
_reflns_shell.Rmerge_I_gt 
_reflns_shell.pdbx_redundancy 
_reflns_shell.pdbx_Rsym_value 
_reflns_shell.pdbx_chi_squared 
_reflns_shell.pdbx_netI_over_sigmaI_all 
_reflns_shell.pdbx_netI_over_sigmaI_obs 
_reflns_shell.pdbx_Rrim_I_all 
_reflns_shell.pdbx_Rpim_I_all 
_reflns_shell.pdbx_rejects 
_reflns_shell.pdbx_ordinal 
_reflns_shell.pdbx_diffrn_id 
_reflns_shell.pdbx_CC_half 
_reflns_shell.pdbx_CC_star 
_reflns_shell.pdbx_R_split 
2.700 2.750  ? ? ? ? ? ? 328 98.800  ? ? ? ? 1.022 ? ? ? ? ? ? ? ? 8.800  ? 0.457  ? ? 1.084 0.354 ? 1  1 0.746 ? ? 
2.750 2.800  ? ? ? ? ? ? 339 100.000 ? ? ? ? 0.718 ? ? ? ? ? ? ? ? 9.100  ? 0.442  ? ? 0.761 0.248 ? 2  1 0.847 ? ? 
2.800 2.850  ? ? ? ? ? ? 301 99.700  ? ? ? ? 0.653 ? ? ? ? ? ? ? ? 10.000 ? 0.455  ? ? 0.688 0.216 ? 3  1 0.915 ? ? 
2.850 2.910  ? ? ? ? ? ? 338 100.000 ? ? ? ? 0.508 ? ? ? ? ? ? ? ? 10.200 ? 0.607  ? ? 0.534 0.166 ? 4  1 0.939 ? ? 
2.910 2.970  ? ? ? ? ? ? 331 100.000 ? ? ? ? 0.399 ? ? ? ? ? ? ? ? 10.100 ? 0.587  ? ? 0.420 0.132 ? 5  1 0.979 ? ? 
2.970 3.040  ? ? ? ? ? ? 335 99.700  ? ? ? ? 0.217 ? ? ? ? ? ? ? ? 9.300  ? 0.625  ? ? 0.230 0.075 ? 6  1 0.987 ? ? 
3.040 3.120  ? ? ? ? ? ? 307 100.000 ? ? ? ? 0.134 ? ? ? ? ? ? ? ? 10.900 ? 0.999  ? ? 0.141 0.043 ? 7  1 0.996 ? ? 
3.120 3.200  ? ? ? ? ? ? 344 98.600  ? ? ? ? 0.109 ? ? ? ? ? ? ? ? 10.500 ? 2.721  ? ? 0.117 0.041 ? 8  1 0.954 ? ? 
3.200 3.300  ? ? ? ? ? ? 301 99.300  ? ? ? ? 0.136 ? ? ? ? ? ? ? ? 10.900 ? 4.264  ? ? 0.144 0.047 ? 9  1 0.920 ? ? 
3.300 3.400  ? ? ? ? ? ? 325 97.900  ? ? ? ? 0.094 ? ? ? ? ? ? ? ? 10.600 ? 2.189  ? ? 0.099 0.032 ? 10 1 0.958 ? ? 
3.400 3.520  ? ? ? ? ? ? 351 100.000 ? ? ? ? 0.078 ? ? ? ? ? ? ? ? 10.400 ? 2.054  ? ? 0.082 0.026 ? 11 1 0.997 ? ? 
3.520 3.660  ? ? ? ? ? ? 316 99.700  ? ? ? ? 0.081 ? ? ? ? ? ? ? ? 10.200 ? 2.149  ? ? 0.086 0.027 ? 12 1 0.991 ? ? 
3.660 3.830  ? ? ? ? ? ? 328 100.000 ? ? ? ? 0.090 ? ? ? ? ? ? ? ? 9.800  ? 3.532  ? ? 0.094 0.029 ? 13 1 0.991 ? ? 
3.830 4.030  ? ? ? ? ? ? 323 100.000 ? ? ? ? 0.080 ? ? ? ? ? ? ? ? 10.900 ? 4.324  ? ? 0.084 0.025 ? 14 1 0.991 ? ? 
4.030 4.290  ? ? ? ? ? ? 339 100.000 ? ? ? ? 0.071 ? ? ? ? ? ? ? ? 10.800 ? 3.220  ? ? 0.075 0.023 ? 15 1 0.995 ? ? 
4.290 4.620  ? ? ? ? ? ? 326 100.000 ? ? ? ? 0.069 ? ? ? ? ? ? ? ? 10.600 ? 4.320  ? ? 0.072 0.022 ? 16 1 0.994 ? ? 
4.620 5.080  ? ? ? ? ? ? 325 100.000 ? ? ? ? 0.063 ? ? ? ? ? ? ? ? 9.800  ? 4.304  ? ? 0.067 0.021 ? 17 1 0.995 ? ? 
5.080 5.810  ? ? ? ? ? ? 324 100.000 ? ? ? ? 0.058 ? ? ? ? ? ? ? ? 11.100 ? 5.684  ? ? 0.061 0.018 ? 18 1 0.995 ? ? 
5.810 7.320  ? ? ? ? ? ? 340 100.000 ? ? ? ? 0.056 ? ? ? ? ? ? ? ? 10.400 ? 10.262 ? ? 0.059 0.018 ? 19 1 0.995 ? ? 
7.320 50.000 ? ? ? ? ? ? 323 99.700  ? ? ? ? 0.077 ? ? ? ? ? ? ? ? 10.500 ? 25.422 ? ? 0.081 0.025 ? 20 1 0.981 ? ? 
# 
_refine.aniso_B[1][1]                            ? 
_refine.aniso_B[1][2]                            ? 
_refine.aniso_B[1][3]                            ? 
_refine.aniso_B[2][2]                            ? 
_refine.aniso_B[2][3]                            ? 
_refine.aniso_B[3][3]                            ? 
_refine.B_iso_max                                182.040 
_refine.B_iso_mean                               90.6054 
_refine.B_iso_min                                58.050 
_refine.correlation_coeff_Fo_to_Fc               ? 
_refine.correlation_coeff_Fo_to_Fc_free          ? 
_refine.details                                  ? 
_refine.diff_density_max                         ? 
_refine.diff_density_max_esd                     ? 
_refine.diff_density_min                         ? 
_refine.diff_density_min_esd                     ? 
_refine.diff_density_rms                         ? 
_refine.diff_density_rms_esd                     ? 
_refine.entry_id                                 7JI5 
_refine.pdbx_refine_id                           'X-RAY DIFFRACTION' 
_refine.ls_abs_structure_details                 ? 
_refine.ls_abs_structure_Flack                   ? 
_refine.ls_abs_structure_Flack_esd               ? 
_refine.ls_abs_structure_Rogers                  ? 
_refine.ls_abs_structure_Rogers_esd              ? 
_refine.ls_d_res_high                            2.7020 
_refine.ls_d_res_low                             24.4990 
_refine.ls_extinction_coef                       ? 
_refine.ls_extinction_coef_esd                   ? 
_refine.ls_extinction_expression                 ? 
_refine.ls_extinction_method                     ? 
_refine.ls_goodness_of_fit_all                   ? 
_refine.ls_goodness_of_fit_all_esd               ? 
_refine.ls_goodness_of_fit_obs                   ? 
_refine.ls_goodness_of_fit_obs_esd               ? 
_refine.ls_hydrogen_treatment                    ? 
_refine.ls_matrix_type                           ? 
_refine.ls_number_constraints                    ? 
_refine.ls_number_parameters                     ? 
_refine.ls_number_reflns_all                     ? 
_refine.ls_number_reflns_obs                     6478 
_refine.ls_number_reflns_R_free                  330 
_refine.ls_number_reflns_R_work                  6148 
_refine.ls_number_restraints                     ? 
_refine.ls_percent_reflns_obs                    98.7200 
_refine.ls_percent_reflns_R_free                 5.0900 
_refine.ls_R_factor_all                          ? 
_refine.ls_R_factor_obs                          0.2311 
_refine.ls_R_factor_R_free                       0.2677 
_refine.ls_R_factor_R_free_error                 ? 
_refine.ls_R_factor_R_free_error_details         ? 
_refine.ls_R_factor_R_work                       0.2291 
_refine.ls_R_Fsqd_factor_obs                     ? 
_refine.ls_R_I_factor_obs                        ? 
_refine.ls_redundancy_reflns_all                 ? 
_refine.ls_redundancy_reflns_obs                 ? 
_refine.ls_restrained_S_all                      ? 
_refine.ls_restrained_S_obs                      ? 
_refine.ls_shift_over_esd_max                    ? 
_refine.ls_shift_over_esd_mean                   ? 
_refine.ls_structure_factor_coef                 ? 
_refine.ls_weighting_details                     ? 
_refine.ls_weighting_scheme                      ? 
_refine.ls_wR_factor_all                         ? 
_refine.ls_wR_factor_obs                         ? 
_refine.ls_wR_factor_R_free                      ? 
_refine.ls_wR_factor_R_work                      ? 
_refine.occupancy_max                            ? 
_refine.occupancy_min                            ? 
_refine.solvent_model_details                    'FLAT BULK SOLVENT MODEL' 
_refine.solvent_model_param_bsol                 ? 
_refine.solvent_model_param_ksol                 ? 
_refine.pdbx_R_complete                          ? 
_refine.ls_R_factor_gt                           ? 
_refine.ls_goodness_of_fit_gt                    ? 
_refine.ls_goodness_of_fit_ref                   ? 
_refine.ls_shift_over_su_max                     ? 
_refine.ls_shift_over_su_max_lt                  ? 
_refine.ls_shift_over_su_mean                    ? 
_refine.ls_shift_over_su_mean_lt                 ? 
_refine.pdbx_ls_sigma_I                          ? 
_refine.pdbx_ls_sigma_F                          2.000 
_refine.pdbx_ls_sigma_Fsqd                       ? 
_refine.pdbx_data_cutoff_high_absF               ? 
_refine.pdbx_data_cutoff_high_rms_absF           ? 
_refine.pdbx_data_cutoff_low_absF                ? 
_refine.pdbx_isotropic_thermal_model             ? 
_refine.pdbx_ls_cross_valid_method               THROUGHOUT 
_refine.pdbx_method_to_determine_struct          'MOLECULAR REPLACEMENT' 
_refine.pdbx_starting_model                      6XNA 
_refine.pdbx_stereochemistry_target_values       ML 
_refine.pdbx_R_Free_selection_details            ? 
_refine.pdbx_stereochem_target_val_spec_case     ? 
_refine.pdbx_overall_ESU_R                       ? 
_refine.pdbx_overall_ESU_R_Free                  ? 
_refine.pdbx_solvent_vdw_probe_radii             1.1100 
_refine.pdbx_solvent_ion_probe_radii             ? 
_refine.pdbx_solvent_shrinkage_radii             0.9000 
_refine.pdbx_real_space_R                        ? 
_refine.pdbx_density_correlation                 ? 
_refine.pdbx_pd_number_of_powder_patterns        ? 
_refine.pdbx_pd_number_of_points                 ? 
_refine.pdbx_pd_meas_number_of_points            ? 
_refine.pdbx_pd_proc_ls_prof_R_factor            ? 
_refine.pdbx_pd_proc_ls_prof_wR_factor           ? 
_refine.pdbx_pd_Marquardt_correlation_coeff      ? 
_refine.pdbx_pd_Fsqrd_R_factor                   ? 
_refine.pdbx_pd_ls_matrix_band_width             ? 
_refine.pdbx_overall_phase_error                 39.7100 
_refine.pdbx_overall_SU_R_free_Cruickshank_DPI   ? 
_refine.pdbx_overall_SU_R_free_Blow_DPI          ? 
_refine.pdbx_overall_SU_R_Blow_DPI               ? 
_refine.pdbx_TLS_residual_ADP_flag               ? 
_refine.pdbx_diffrn_id                           1 
_refine.overall_SU_B                             ? 
_refine.overall_SU_ML                            0.4000 
_refine.overall_SU_R_Cruickshank_DPI             ? 
_refine.overall_SU_R_free                        ? 
_refine.overall_FOM_free_R_set                   ? 
_refine.overall_FOM_work_R_set                   ? 
_refine.pdbx_average_fsc_overall                 ? 
_refine.pdbx_average_fsc_work                    ? 
_refine.pdbx_average_fsc_free                    ? 
# 
_refine_hist.pdbx_refine_id                   'X-RAY DIFFRACTION' 
_refine_hist.cycle_id                         final 
_refine_hist.details                          ? 
_refine_hist.d_res_high                       2.7020 
_refine_hist.d_res_low                        24.4990 
_refine_hist.number_atoms_solvent             0 
_refine_hist.number_atoms_total               856 
_refine_hist.number_reflns_all                ? 
_refine_hist.number_reflns_obs                ? 
_refine_hist.number_reflns_R_free             ? 
_refine_hist.number_reflns_R_work             ? 
_refine_hist.R_factor_all                     ? 
_refine_hist.R_factor_obs                     ? 
_refine_hist.R_factor_R_free                  ? 
_refine_hist.R_factor_R_work                  ? 
_refine_hist.pdbx_number_residues_total       42 
_refine_hist.pdbx_B_iso_mean_ligand           182.04 
_refine_hist.pdbx_B_iso_mean_solvent          ? 
_refine_hist.pdbx_number_atoms_protein        0 
_refine_hist.pdbx_number_atoms_nucleic_acid   855 
_refine_hist.pdbx_number_atoms_ligand         1 
_refine_hist.pdbx_number_atoms_lipid          ? 
_refine_hist.pdbx_number_atoms_carb           ? 
_refine_hist.pdbx_pseudo_atom_details         ? 
# 
loop_
_refine_ls_restr.pdbx_refine_id 
_refine_ls_restr.criterion 
_refine_ls_restr.dev_ideal 
_refine_ls_restr.dev_ideal_target 
_refine_ls_restr.number 
_refine_ls_restr.rejects 
_refine_ls_restr.type 
_refine_ls_restr.weight 
_refine_ls_restr.pdbx_restraint_function 
'X-RAY DIFFRACTION' ? 0.006  ? 956  ? f_bond_d           ? ? 
'X-RAY DIFFRACTION' ? 0.781  ? 1467 ? f_angle_d          ? ? 
'X-RAY DIFFRACTION' ? 0.037  ? 166  ? f_chiral_restr     ? ? 
'X-RAY DIFFRACTION' ? 0.005  ? 42   ? f_plane_restr      ? ? 
'X-RAY DIFFRACTION' ? 33.494 ? 406  ? f_dihedral_angle_d ? ? 
# 
loop_
_refine_ls_shell.pdbx_refine_id 
_refine_ls_shell.d_res_high 
_refine_ls_shell.d_res_low 
_refine_ls_shell.number_reflns_all 
_refine_ls_shell.number_reflns_obs 
_refine_ls_shell.number_reflns_R_free 
_refine_ls_shell.number_reflns_R_work 
_refine_ls_shell.percent_reflns_obs 
_refine_ls_shell.percent_reflns_R_free 
_refine_ls_shell.R_factor_all 
_refine_ls_shell.R_factor_obs 
_refine_ls_shell.R_factor_R_free 
_refine_ls_shell.R_factor_R_free_error 
_refine_ls_shell.R_factor_R_work 
_refine_ls_shell.redundancy_reflns_all 
_refine_ls_shell.redundancy_reflns_obs 
_refine_ls_shell.wR_factor_all 
_refine_ls_shell.wR_factor_obs 
_refine_ls_shell.wR_factor_R_free 
_refine_ls_shell.wR_factor_R_work 
_refine_ls_shell.pdbx_R_complete 
_refine_ls_shell.pdbx_total_number_of_bins_used 
_refine_ls_shell.pdbx_phase_error 
_refine_ls_shell.pdbx_fsc_work 
_refine_ls_shell.pdbx_fsc_free 
'X-RAY DIFFRACTION' 2.7023 3.4032 . . 160 3035 98.0000  . . . 0.3594 0.0000 0.3088 . . . . . . . . . . . 
'X-RAY DIFFRACTION' 3.4032 24.499 . . 170 3113 100.0000 . . . 0.2511 0.0000 0.2134 . . . . . . . . . . . 
# 
_struct.entry_id                     7JI5 
_struct.title                        
;Self-assembly of a 3D DNA crystal lattice (4x6 scramble junction version) containing the J36 immobile Holliday junction with R3 symmetry
;
_struct.pdbx_model_details           ? 
_struct.pdbx_formula_weight          ? 
_struct.pdbx_formula_weight_method   ? 
_struct.pdbx_model_type_details      ? 
_struct.pdbx_CASP_flag               N 
# 
_struct_keywords.entry_id        7JI5 
_struct_keywords.text            
'Structural DNA nanotechnology, immobile Holliday junctions, 3D DNA self-assembly, designer DNA crystals, DNA' 
_struct_keywords.pdbx_keywords   DNA 
# 
loop_
_struct_asym.id 
_struct_asym.pdbx_blank_PDB_chainid_flag 
_struct_asym.pdbx_modified 
_struct_asym.entity_id 
_struct_asym.details 
A N N 1 ? 
B N N 2 ? 
C N N 3 ? 
D N N 4 ? 
E N N 5 ? 
# 
loop_
_struct_conn.id 
_struct_conn.conn_type_id 
_struct_conn.pdbx_leaving_atom_flag 
_struct_conn.pdbx_PDB_id 
_struct_conn.ptnr1_label_asym_id 
_struct_conn.ptnr1_label_comp_id 
_struct_conn.ptnr1_label_seq_id 
_struct_conn.ptnr1_label_atom_id 
_struct_conn.pdbx_ptnr1_label_alt_id 
_struct_conn.pdbx_ptnr1_PDB_ins_code 
_struct_conn.pdbx_ptnr1_standard_comp_id 
_struct_conn.ptnr1_symmetry 
_struct_conn.ptnr2_label_asym_id 
_struct_conn.ptnr2_label_comp_id 
_struct_conn.ptnr2_label_seq_id 
_struct_conn.ptnr2_label_atom_id 
_struct_conn.pdbx_ptnr2_label_alt_id 
_struct_conn.pdbx_ptnr2_PDB_ins_code 
_struct_conn.ptnr1_auth_asym_id 
_struct_conn.ptnr1_auth_comp_id 
_struct_conn.ptnr1_auth_seq_id 
_struct_conn.ptnr2_auth_asym_id 
_struct_conn.ptnr2_auth_comp_id 
_struct_conn.ptnr2_auth_seq_id 
_struct_conn.ptnr2_symmetry 
_struct_conn.pdbx_ptnr3_label_atom_id 
_struct_conn.pdbx_ptnr3_label_seq_id 
_struct_conn.pdbx_ptnr3_label_comp_id 
_struct_conn.pdbx_ptnr3_label_asym_id 
_struct_conn.pdbx_ptnr3_label_alt_id 
_struct_conn.pdbx_ptnr3_PDB_ins_code 
_struct_conn.details 
_struct_conn.pdbx_dist_value 
_struct_conn.pdbx_value_order 
_struct_conn.pdbx_role 
hydrog1  hydrog ? ? A DA 3  N1 ? ? ? 1_555 D DT 15 N3 ? ? A DA 3  D DT 16 1_555 ? ? ? ? ? ? WATSON-CRICK ? ? ? 
hydrog2  hydrog ? ? A DA 3  N6 ? ? ? 1_555 D DT 15 O4 ? ? A DA 3  D DT 16 1_555 ? ? ? ? ? ? WATSON-CRICK ? ? ? 
hydrog3  hydrog ? ? A DC 4  N3 ? ? ? 1_555 D DG 14 N1 ? ? A DC 4  D DG 15 1_555 ? ? ? ? ? ? WATSON-CRICK ? ? ? 
hydrog4  hydrog ? ? A DC 4  N4 ? ? ? 1_555 D DG 14 O6 ? ? A DC 4  D DG 15 1_555 ? ? ? ? ? ? WATSON-CRICK ? ? ? 
hydrog5  hydrog ? ? A DC 4  O2 ? ? ? 1_555 D DG 14 N2 ? ? A DC 4  D DG 15 1_555 ? ? ? ? ? ? WATSON-CRICK ? ? ? 
hydrog6  hydrog ? ? A DG 5  N1 ? ? ? 1_555 D DC 13 N3 ? ? A DG 5  D DC 14 1_555 ? ? ? ? ? ? WATSON-CRICK ? ? ? 
hydrog7  hydrog ? ? A DG 5  N2 ? ? ? 1_555 D DC 13 O2 ? ? A DG 5  D DC 14 1_555 ? ? ? ? ? ? WATSON-CRICK ? ? ? 
hydrog8  hydrog ? ? A DG 5  O6 ? ? ? 1_555 D DC 13 N4 ? ? A DG 5  D DC 14 1_555 ? ? ? ? ? ? WATSON-CRICK ? ? ? 
hydrog9  hydrog ? ? A DA 6  N1 ? ? ? 1_555 D DT 12 N3 ? ? A DA 6  D DT 13 1_555 ? ? ? ? ? ? WATSON-CRICK ? ? ? 
hydrog10 hydrog ? ? A DA 6  N6 ? ? ? 1_555 D DT 12 O4 ? ? A DA 6  D DT 13 1_555 ? ? ? ? ? ? WATSON-CRICK ? ? ? 
hydrog11 hydrog ? ? A DC 7  N3 ? ? ? 1_555 D DG 11 N1 ? ? A DC 7  D DG 12 1_555 ? ? ? ? ? ? WATSON-CRICK ? ? ? 
hydrog12 hydrog ? ? A DC 7  N4 ? ? ? 1_555 D DG 11 O6 ? ? A DC 7  D DG 12 1_555 ? ? ? ? ? ? WATSON-CRICK ? ? ? 
hydrog13 hydrog ? ? A DC 7  O2 ? ? ? 1_555 D DG 11 N2 ? ? A DC 7  D DG 12 1_555 ? ? ? ? ? ? WATSON-CRICK ? ? ? 
hydrog14 hydrog ? ? A DA 8  N1 ? ? ? 1_555 D DT 10 N3 ? ? A DA 8  D DT 11 1_555 ? ? ? ? ? ? WATSON-CRICK ? ? ? 
hydrog15 hydrog ? ? A DA 8  N6 ? ? ? 1_555 D DT 10 O4 ? ? A DA 8  D DT 11 1_555 ? ? ? ? ? ? WATSON-CRICK ? ? ? 
hydrog16 hydrog ? ? A DG 9  N1 ? ? ? 1_555 D DC 9  N3 ? ? A DG 9  D DC 10 1_555 ? ? ? ? ? ? WATSON-CRICK ? ? ? 
hydrog17 hydrog ? ? A DG 9  N2 ? ? ? 1_555 D DC 9  O2 ? ? A DG 9  D DC 10 1_555 ? ? ? ? ? ? WATSON-CRICK ? ? ? 
hydrog18 hydrog ? ? A DG 9  O6 ? ? ? 1_555 D DC 9  N4 ? ? A DG 9  D DC 10 1_555 ? ? ? ? ? ? WATSON-CRICK ? ? ? 
hydrog19 hydrog ? ? A DT 10 N3 ? ? ? 1_555 C DA 3  N1 ? ? A DT 10 C DA 2  1_555 ? ? ? ? ? ? WATSON-CRICK ? ? ? 
hydrog20 hydrog ? ? A DT 10 O4 ? ? ? 1_555 C DA 3  N6 ? ? A DT 10 C DA 2  1_555 ? ? ? ? ? ? WATSON-CRICK ? ? ? 
hydrog21 hydrog ? ? A DG 11 N1 ? ? ? 1_555 C DC 2  N3 ? ? A DG 11 C DC 1  1_555 ? ? ? ? ? ? WATSON-CRICK ? ? ? 
hydrog22 hydrog ? ? A DG 11 N2 ? ? ? 1_555 C DC 2  O2 ? ? A DG 11 C DC 1  1_555 ? ? ? ? ? ? WATSON-CRICK ? ? ? 
hydrog23 hydrog ? ? A DG 11 O6 ? ? ? 1_555 C DC 2  N4 ? ? A DG 11 C DC 1  1_555 ? ? ? ? ? ? WATSON-CRICK ? ? ? 
hydrog24 hydrog ? ? A DA 12 N1 ? ? ? 1_555 C DT 1  N3 ? ? A DA 12 C DT 0  1_555 ? ? ? ? ? ? WATSON-CRICK ? ? ? 
hydrog25 hydrog ? ? A DA 12 N6 ? ? ? 1_555 C DT 1  O4 ? ? A DA 12 C DT 0  1_555 ? ? ? ? ? ? WATSON-CRICK ? ? ? 
hydrog26 hydrog ? ? B DC 1  N3 ? ? ? 1_555 C DG 6  N1 ? ? B DC 12 C DG 5  1_555 ? ? ? ? ? ? WATSON-CRICK ? ? ? 
hydrog27 hydrog ? ? B DC 1  N4 ? ? ? 1_555 C DG 6  O6 ? ? B DC 12 C DG 5  1_555 ? ? ? ? ? ? WATSON-CRICK ? ? ? 
hydrog28 hydrog ? ? B DC 1  O2 ? ? ? 1_555 C DG 6  N2 ? ? B DC 12 C DG 5  1_555 ? ? ? ? ? ? WATSON-CRICK ? ? ? 
hydrog29 hydrog ? ? B DG 2  N1 ? ? ? 1_555 C DC 5  N3 ? ? B DG 13 C DC 4  1_555 ? ? ? ? ? ? WATSON-CRICK ? ? ? 
hydrog30 hydrog ? ? B DG 2  N2 ? ? ? 1_555 C DC 5  O2 ? ? B DG 13 C DC 4  1_555 ? ? ? ? ? ? WATSON-CRICK ? ? ? 
hydrog31 hydrog ? ? B DG 2  O6 ? ? ? 1_555 C DC 5  N4 ? ? B DG 13 C DC 4  1_555 ? ? ? ? ? ? WATSON-CRICK ? ? ? 
hydrog32 hydrog ? ? B DA 3  N1 ? ? ? 1_555 C DT 4  N3 ? ? B DA 14 C DT 3  1_555 ? ? ? ? ? ? WATSON-CRICK ? ? ? 
hydrog33 hydrog ? ? B DA 3  N6 ? ? ? 1_555 C DT 4  O4 ? ? B DA 14 C DT 3  1_555 ? ? ? ? ? ? WATSON-CRICK ? ? ? 
hydrog34 hydrog ? ? B DC 4  N3 ? ? ? 1_555 D DG 8  N1 ? ? B DC 15 D DG 9  1_555 ? ? ? ? ? ? WATSON-CRICK ? ? ? 
hydrog35 hydrog ? ? B DC 4  N4 ? ? ? 1_555 D DG 8  O6 ? ? B DC 15 D DG 9  1_555 ? ? ? ? ? ? WATSON-CRICK ? ? ? 
hydrog36 hydrog ? ? B DC 4  O2 ? ? ? 1_555 D DG 8  N2 ? ? B DC 15 D DG 9  1_555 ? ? ? ? ? ? WATSON-CRICK ? ? ? 
hydrog37 hydrog ? ? B DG 5  N1 ? ? ? 1_555 D DC 7  N3 ? ? B DG 16 D DC 8  1_555 ? ? ? ? ? ? WATSON-CRICK ? ? ? 
hydrog38 hydrog ? ? B DG 5  N2 ? ? ? 1_555 D DC 7  O2 ? ? B DG 16 D DC 8  1_555 ? ? ? ? ? ? WATSON-CRICK ? ? ? 
hydrog39 hydrog ? ? B DG 5  O6 ? ? ? 1_555 D DC 7  N4 ? ? B DG 16 D DC 8  1_555 ? ? ? ? ? ? WATSON-CRICK ? ? ? 
hydrog40 hydrog ? ? B DA 6  N1 ? ? ? 1_555 D DT 6  N3 ? ? B DA 17 D DT 7  1_555 ? ? ? ? ? ? WATSON-CRICK ? ? ? 
hydrog41 hydrog ? ? B DA 6  N6 ? ? ? 1_555 D DT 6  O4 ? ? B DA 17 D DT 7  1_555 ? ? ? ? ? ? WATSON-CRICK ? ? ? 
hydrog42 hydrog ? ? B DC 7  N3 ? ? ? 1_555 D DG 5  N1 ? ? B DC 18 D DG 6  1_555 ? ? ? ? ? ? WATSON-CRICK ? ? ? 
hydrog43 hydrog ? ? B DC 7  N4 ? ? ? 1_555 D DG 5  O6 ? ? B DC 18 D DG 6  1_555 ? ? ? ? ? ? WATSON-CRICK ? ? ? 
hydrog44 hydrog ? ? B DC 7  O2 ? ? ? 1_555 D DG 5  N2 ? ? B DC 18 D DG 6  1_555 ? ? ? ? ? ? WATSON-CRICK ? ? ? 
hydrog45 hydrog ? ? B DT 8  N3 ? ? ? 1_555 D DA 4  N1 ? ? B DT 19 D DA 5  1_555 ? ? ? ? ? ? WATSON-CRICK ? ? ? 
hydrog46 hydrog ? ? B DT 8  O4 ? ? ? 1_555 D DA 4  N6 ? ? B DT 19 D DA 5  1_555 ? ? ? ? ? ? WATSON-CRICK ? ? ? 
hydrog47 hydrog ? ? B DC 9  N3 ? ? ? 1_555 D DG 3  N1 ? ? B DC 20 D DG 4  1_555 ? ? ? ? ? ? WATSON-CRICK ? ? ? 
hydrog48 hydrog ? ? B DC 9  N4 ? ? ? 1_555 D DG 3  O6 ? ? B DC 20 D DG 4  1_555 ? ? ? ? ? ? WATSON-CRICK ? ? ? 
hydrog49 hydrog ? ? B DC 9  O2 ? ? ? 1_555 D DG 3  N2 ? ? B DC 20 D DG 4  1_555 ? ? ? ? ? ? WATSON-CRICK ? ? ? 
# 
_struct_conn_type.id          hydrog 
_struct_conn_type.criteria    ? 
_struct_conn_type.reference   ? 
# 
_atom_sites.entry_id                    7JI5 
_atom_sites.Cartn_transf_matrix[1][1]   ? 
_atom_sites.Cartn_transf_matrix[1][2]   ? 
_atom_sites.Cartn_transf_matrix[1][3]   ? 
_atom_sites.Cartn_transf_matrix[2][1]   ? 
_atom_sites.Cartn_transf_matrix[2][2]   ? 
_atom_sites.Cartn_transf_matrix[2][3]   ? 
_atom_sites.Cartn_transf_matrix[3][1]   ? 
_atom_sites.Cartn_transf_matrix[3][2]   ? 
_atom_sites.Cartn_transf_matrix[3][3]   ? 
_atom_sites.Cartn_transf_vector[1]      ? 
_atom_sites.Cartn_transf_vector[2]      ? 
_atom_sites.Cartn_transf_vector[3]      ? 
_atom_sites.fract_transf_matrix[1][1]   0.00604292 
_atom_sites.fract_transf_matrix[1][2]   0.00816185 
_atom_sites.fract_transf_matrix[1][3]   0.00135740 
_atom_sites.fract_transf_matrix[2][1]   0.00260539 
_atom_sites.fract_transf_matrix[2][2]   0.00583351 
_atom_sites.fract_transf_matrix[2][3]   -0.00800888 
_atom_sites.fract_transf_matrix[3][1]   -0.01592706 
_atom_sites.fract_transf_matrix[3][2]   0.01128665 
_atom_sites.fract_transf_matrix[3][3]   0.00303970 
_atom_sites.fract_transf_vector[1]      0.160650 
_atom_sites.fract_transf_vector[2]      1.323602 
_atom_sites.fract_transf_vector[3]      0.096620 
_atom_sites.solution_primary            ? 
_atom_sites.solution_secondary          ? 
_atom_sites.solution_hydrogens          ? 
_atom_sites.special_details             ? 
# 
loop_
_atom_type.symbol 
AS 
C  
N  
O  
P  
# 
loop_
_atom_site.group_PDB 
_atom_site.id 
_atom_site.type_symbol 
_atom_site.label_atom_id 
_atom_site.label_alt_id 
_atom_site.label_comp_id 
_atom_site.label_asym_id 
_atom_site.label_entity_id 
_atom_site.label_seq_id 
_atom_site.pdbx_PDB_ins_code 
_atom_site.Cartn_x 
_atom_site.Cartn_y 
_atom_site.Cartn_z 
_atom_site.occupancy 
_atom_site.B_iso_or_equiv 
_atom_site.pdbx_formal_charge 
_atom_site.auth_seq_id 
_atom_site.auth_comp_id 
_atom_site.auth_asym_id 
_atom_site.auth_atom_id 
_atom_site.pdbx_PDB_model_num 
ATOM   1   O  "O5'" . DG  A 1 1  ? 17.250  -14.519 13.325  1.00 132.89 ? 1   DG  A "O5'" 1 
ATOM   2   C  "C5'" . DG  A 1 1  ? 18.298  -14.398 14.284  1.00 129.32 ? 1   DG  A "C5'" 1 
ATOM   3   C  "C4'" . DG  A 1 1  ? 17.869  -13.512 15.440  1.00 124.91 ? 1   DG  A "C4'" 1 
ATOM   4   O  "O4'" . DG  A 1 1  ? 19.011  -12.774 15.922  1.00 119.40 ? 1   DG  A "O4'" 1 
ATOM   5   C  "C3'" . DG  A 1 1  ? 16.818  -12.476 15.080  1.00 122.50 ? 1   DG  A "C3'" 1 
ATOM   6   O  "O3'" . DG  A 1 1  ? 15.540  -12.984 15.395  1.00 125.16 ? 1   DG  A "O3'" 1 
ATOM   7   C  "C2'" . DG  A 1 1  ? 17.160  -11.276 15.958  1.00 115.55 ? 1   DG  A "C2'" 1 
ATOM   8   C  "C1'" . DG  A 1 1  ? 18.653  -11.440 16.222  1.00 111.42 ? 1   DG  A "C1'" 1 
ATOM   9   N  N9    . DG  A 1 1  ? 19.508  -10.545 15.449  1.00 103.75 ? 1   DG  A N9    1 
ATOM   10  C  C8    . DG  A 1 1  ? 20.523  -10.914 14.597  1.00 101.93 ? 1   DG  A C8    1 
ATOM   11  N  N7    . DG  A 1 1  ? 21.143  -9.904  14.058  1.00 99.35  ? 1   DG  A N7    1 
ATOM   12  C  C5    . DG  A 1 1  ? 20.501  -8.789  14.586  1.00 93.87  ? 1   DG  A C5    1 
ATOM   13  C  C6    . DG  A 1 1  ? 20.744  -7.417  14.362  1.00 92.91  ? 1   DG  A C6    1 
ATOM   14  O  O6    . DG  A 1 1  ? 21.594  -6.895  13.629  1.00 94.00  ? 1   DG  A O6    1 
ATOM   15  N  N1    . DG  A 1 1  ? 19.869  -6.612  15.093  1.00 89.70  ? 1   DG  A N1    1 
ATOM   16  C  C2    . DG  A 1 1  ? 18.890  -7.081  15.932  1.00 93.72  ? 1   DG  A C2    1 
ATOM   17  N  N2    . DG  A 1 1  ? 18.150  -6.151  16.555  1.00 92.73  ? 1   DG  A N2    1 
ATOM   18  N  N3    . DG  A 1 1  ? 18.654  -8.370  16.155  1.00 97.45  ? 1   DG  A N3    1 
ATOM   19  C  C4    . DG  A 1 1  ? 19.498  -9.169  15.446  1.00 97.04  ? 1   DG  A C4    1 
ATOM   20  P  P     . DA  A 1 2  ? 14.330  -12.789 14.363  1.00 136.07 ? 2   DA  A P     1 
ATOM   21  O  OP1   . DA  A 1 2  ? 13.813  -14.138 14.036  1.00 140.42 ? 2   DA  A OP1   1 
ATOM   22  O  OP2   . DA  A 1 2  ? 14.819  -11.905 13.281  1.00 129.91 ? 2   DA  A OP2   1 
ATOM   23  O  "O5'" . DA  A 1 2  ? 13.227  -11.986 15.204  1.00 128.37 ? 2   DA  A "O5'" 1 
ATOM   24  C  "C5'" . DA  A 1 2  ? 13.580  -11.357 16.432  1.00 123.20 ? 2   DA  A "C5'" 1 
ATOM   25  C  "C4'" . DA  A 1 2  ? 13.394  -9.852  16.344  1.00 120.87 ? 2   DA  A "C4'" 1 
ATOM   26  O  "O4'" . DA  A 1 2  ? 14.629  -9.236  15.898  1.00 113.76 ? 2   DA  A "O4'" 1 
ATOM   27  C  "C3'" . DA  A 1 2  ? 12.306  -9.389  15.370  1.00 121.15 ? 2   DA  A "C3'" 1 
ATOM   28  O  "O3'" . DA  A 1 2  ? 11.489  -8.401  15.981  1.00 121.78 ? 2   DA  A "O3'" 1 
ATOM   29  C  "C2'" . DA  A 1 2  ? 13.096  -8.813  14.197  1.00 115.60 ? 2   DA  A "C2'" 1 
ATOM   30  C  "C1'" . DA  A 1 2  ? 14.343  -8.298  14.892  1.00 112.59 ? 2   DA  A "C1'" 1 
ATOM   31  N  N9    . DA  A 1 2  ? 15.495  -8.207  14.006  1.00 106.27 ? 2   DA  A N9    1 
ATOM   32  C  C8    . DA  A 1 2  ? 16.132  -9.236  13.373  1.00 106.66 ? 2   DA  A C8    1 
ATOM   33  N  N7    . DA  A 1 2  ? 17.143  -8.856  12.631  1.00 101.23 ? 2   DA  A N7    1 
ATOM   34  C  C5    . DA  A 1 2  ? 17.167  -7.482  12.786  1.00 96.31  ? 2   DA  A C5    1 
ATOM   35  C  C6    . DA  A 1 2  ? 18.005  -6.485  12.259  1.00 92.83  ? 2   DA  A C6    1 
ATOM   36  N  N6    . DA  A 1 2  ? 19.020  -6.744  11.431  1.00 95.01  ? 2   DA  A N6    1 
ATOM   37  N  N1    . DA  A 1 2  ? 17.758  -5.207  12.614  1.00 90.49  ? 2   DA  A N1    1 
ATOM   38  C  C2    . DA  A 1 2  ? 16.741  -4.955  13.445  1.00 92.83  ? 2   DA  A C2    1 
ATOM   39  N  N3    . DA  A 1 2  ? 15.888  -5.806  14.007  1.00 94.84  ? 2   DA  A N3    1 
ATOM   40  C  C4    . DA  A 1 2  ? 16.158  -7.066  13.632  1.00 98.06  ? 2   DA  A C4    1 
ATOM   41  P  P     . DA  A 1 3  ? 10.310  -7.700  15.143  1.00 124.56 ? 3   DA  A P     1 
ATOM   42  O  OP1   . DA  A 1 3  ? 9.260   -7.286  16.099  1.00 128.25 ? 3   DA  A OP1   1 
ATOM   43  O  OP2   . DA  A 1 3  ? 9.960   -8.589  14.015  1.00 123.03 ? 3   DA  A OP2   1 
ATOM   44  O  "O5'" . DA  A 1 3  ? 10.993  -6.382  14.553  1.00 114.07 ? 3   DA  A "O5'" 1 
ATOM   45  C  "C5'" . DA  A 1 3  ? 11.372  -5.337  15.431  1.00 113.48 ? 3   DA  A "C5'" 1 
ATOM   46  C  "C4'" . DA  A 1 3  ? 11.363  -3.995  14.722  1.00 111.93 ? 3   DA  A "C4'" 1 
ATOM   47  O  "O4'" . DA  A 1 3  ? 12.561  -3.854  13.921  1.00 110.79 ? 3   DA  A "O4'" 1 
ATOM   48  C  "C3'" . DA  A 1 3  ? 10.194  -3.766  13.776  1.00 113.03 ? 3   DA  A "C3'" 1 
ATOM   49  O  "O3'" . DA  A 1 3  ? 9.819   -2.409  13.814  1.00 116.95 ? 3   DA  A "O3'" 1 
ATOM   50  C  "C2'" . DA  A 1 3  ? 10.770  -4.151  12.414  1.00 110.01 ? 3   DA  A "C2'" 1 
ATOM   51  C  "C1'" . DA  A 1 3  ? 12.231  -3.740  12.552  1.00 107.25 ? 3   DA  A "C1'" 1 
ATOM   52  N  N9    . DA  A 1 3  ? 13.148  -4.592  11.800  1.00 100.50 ? 3   DA  A N9    1 
ATOM   53  C  C8    . DA  A 1 3  ? 13.125  -5.956  11.720  1.00 102.79 ? 3   DA  A C8    1 
ATOM   54  N  N7    . DA  A 1 3  ? 14.083  -6.460  10.977  1.00 97.54  ? 3   DA  A N7    1 
ATOM   55  C  C5    . DA  A 1 3  ? 14.789  -5.349  10.546  1.00 95.17  ? 3   DA  A C5    1 
ATOM   56  C  C6    . DA  A 1 3  ? 15.924  -5.206  9.725   1.00 95.48  ? 3   DA  A C6    1 
ATOM   57  N  N6    . DA  A 1 3  ? 16.568  -6.241  9.172   1.00 94.24  ? 3   DA  A N6    1 
ATOM   58  N  N1    . DA  A 1 3  ? 16.373  -3.956  9.492   1.00 94.76  ? 3   DA  A N1    1 
ATOM   59  C  C2    . DA  A 1 3  ? 15.723  -2.924  10.046  1.00 92.89  ? 3   DA  A C2    1 
ATOM   60  N  N3    . DA  A 1 3  ? 14.649  -2.935  10.834  1.00 91.95  ? 3   DA  A N3    1 
ATOM   61  C  C4    . DA  A 1 3  ? 14.228  -4.189  11.049  1.00 94.63  ? 3   DA  A C4    1 
ATOM   62  P  P     . DC  A 1 4  ? 8.369   -1.957  13.296  1.00 128.78 ? 4   DC  A P     1 
ATOM   63  O  OP1   . DC  A 1 4  ? 7.746   -1.160  14.375  1.00 120.68 ? 4   DC  A OP1   1 
ATOM   64  O  OP2   . DC  A 1 4  ? 7.678   -3.162  12.777  1.00 121.49 ? 4   DC  A OP2   1 
ATOM   65  O  "O5'" . DC  A 1 4  ? 8.696   -0.999  12.060  1.00 116.24 ? 4   DC  A "O5'" 1 
ATOM   66  C  "C5'" . DC  A 1 4  ? 9.512   0.143   12.256  1.00 111.35 ? 4   DC  A "C5'" 1 
ATOM   67  C  "C4'" . DC  A 1 4  ? 10.211  0.540   10.969  1.00 111.85 ? 4   DC  A "C4'" 1 
ATOM   68  O  "O4'" . DC  A 1 4  ? 11.138  -0.491  10.579  1.00 107.81 ? 4   DC  A "O4'" 1 
ATOM   69  C  "C3'" . DC  A 1 4  ? 9.288   0.748   9.764   1.00 113.29 ? 4   DC  A "C3'" 1 
ATOM   70  O  "O3'" . DC  A 1 4  ? 9.207   2.134   9.454   1.00 115.51 ? 4   DC  A "O3'" 1 
ATOM   71  C  "C2'" . DC  A 1 4  ? 9.947   -0.055  8.623   1.00 107.75 ? 4   DC  A "C2'" 1 
ATOM   72  C  "C1'" . DC  A 1 4  ? 11.318  -0.405  9.192   1.00 106.53 ? 4   DC  A "C1'" 1 
ATOM   73  N  N1    . DC  A 1 4  ? 11.878  -1.708  8.703   1.00 97.37  ? 4   DC  A N1    1 
ATOM   74  C  C2    . DC  A 1 4  ? 13.022  -1.710  7.896   1.00 93.10  ? 4   DC  A C2    1 
ATOM   75  O  O2    . DC  A 1 4  ? 13.543  -0.633  7.590   1.00 98.02  ? 4   DC  A O2    1 
ATOM   76  N  N3    . DC  A 1 4  ? 13.526  -2.893  7.472   1.00 90.30  ? 4   DC  A N3    1 
ATOM   77  C  C4    . DC  A 1 4  ? 12.934  -4.036  7.823   1.00 91.72  ? 4   DC  A C4    1 
ATOM   78  N  N4    . DC  A 1 4  ? 13.469  -5.178  7.376   1.00 86.12  ? 4   DC  A N4    1 
ATOM   79  C  C5    . DC  A 1 4  ? 11.770  -4.057  8.648   1.00 92.95  ? 4   DC  A C5    1 
ATOM   80  C  C6    . DC  A 1 4  ? 11.282  -2.880  9.062   1.00 98.52  ? 4   DC  A C6    1 
ATOM   81  P  P     . DG  A 1 5  ? 8.180   2.664   8.338   1.00 128.36 ? 5   DG  A P     1 
ATOM   82  O  OP1   . DG  A 1 5  ? 7.771   4.034   8.722   1.00 126.74 ? 5   DG  A OP1   1 
ATOM   83  O  OP2   . DG  A 1 5  ? 7.145   1.626   8.121   1.00 117.88 ? 5   DG  A OP2   1 
ATOM   84  O  "O5'" . DG  A 1 5  ? 9.077   2.760   7.021   1.00 117.46 ? 5   DG  A "O5'" 1 
ATOM   85  C  "C5'" . DG  A 1 5  ? 10.252  3.554   7.030   1.00 114.04 ? 5   DG  A "C5'" 1 
ATOM   86  C  "C4'" . DG  A 1 5  ? 11.072  3.312   5.779   1.00 112.38 ? 5   DG  A "C4'" 1 
ATOM   87  O  "O4'" . DG  A 1 5  ? 11.577  1.952   5.786   1.00 106.45 ? 5   DG  A "O4'" 1 
ATOM   88  C  "C3'" . DG  A 1 5  ? 10.304  3.482   4.466   1.00 111.05 ? 5   DG  A "C3'" 1 
ATOM   89  O  "O3'" . DG  A 1 5  ? 11.058  4.271   3.562   1.00 117.52 ? 5   DG  A "O3'" 1 
ATOM   90  C  "C2'" . DG  A 1 5  ? 10.133  2.053   3.956   1.00 104.78 ? 5   DG  A "C2'" 1 
ATOM   91  C  "C1'" . DG  A 1 5  ? 11.361  1.364   4.527   1.00 103.58 ? 5   DG  A "C1'" 1 
ATOM   92  N  N9    . DG  A 1 5  ? 11.174  -0.072  4.711   1.00 97.48  ? 5   DG  A N9    1 
ATOM   93  C  C8    . DG  A 1 5  ? 10.142  -0.688  5.374   1.00 98.24  ? 5   DG  A C8    1 
ATOM   94  N  N7    . DG  A 1 5  ? 10.229  -1.987  5.377   1.00 93.33  ? 5   DG  A N7    1 
ATOM   95  C  C5    . DG  A 1 5  ? 11.390  -2.251  4.667   1.00 87.65  ? 5   DG  A C5    1 
ATOM   96  C  C6    . DG  A 1 5  ? 11.991  -3.487  4.345   1.00 87.58  ? 5   DG  A C6    1 
ATOM   97  O  O6    . DG  A 1 5  ? 11.602  -4.627  4.640   1.00 89.60  ? 5   DG  A O6    1 
ATOM   98  N  N1    . DG  A 1 5  ? 13.164  -3.314  3.611   1.00 86.66  ? 5   DG  A N1    1 
ATOM   99  C  C2    . DG  A 1 5  ? 13.683  -2.094  3.237   1.00 88.62  ? 5   DG  A C2    1 
ATOM   100 N  N2    . DG  A 1 5  ? 14.823  -2.124  2.528   1.00 86.37  ? 5   DG  A N2    1 
ATOM   101 N  N3    . DG  A 1 5  ? 13.126  -0.928  3.534   1.00 87.24  ? 5   DG  A N3    1 
ATOM   102 C  C4    . DG  A 1 5  ? 11.985  -1.083  4.248   1.00 88.05  ? 5   DG  A C4    1 
ATOM   103 P  P     . DA  A 1 6  ? 10.349  4.933   2.280   1.00 123.78 ? 6   DA  A P     1 
ATOM   104 O  OP1   . DA  A 1 6  ? 10.610  6.391   2.315   1.00 122.35 ? 6   DA  A OP1   1 
ATOM   105 O  OP2   . DA  A 1 6  ? 8.954   4.440   2.237   1.00 116.33 ? 6   DA  A OP2   1 
ATOM   106 O  "O5'" . DA  A 1 6  ? 11.139  4.299   1.046   1.00 105.13 ? 6   DA  A "O5'" 1 
ATOM   107 C  "C5'" . DA  A 1 6  ? 12.539  4.473   0.941   1.00 104.94 ? 6   DA  A "C5'" 1 
ATOM   108 C  "C4'" . DA  A 1 6  ? 13.134  3.452   -0.007  1.00 106.59 ? 6   DA  A "C4'" 1 
ATOM   109 O  "O4'" . DA  A 1 6  ? 13.001  2.134   0.571   1.00 100.39 ? 6   DA  A "O4'" 1 
ATOM   110 C  "C3'" . DA  A 1 6  ? 12.474  3.405   -1.386  1.00 107.43 ? 6   DA  A "C3'" 1 
ATOM   111 O  "O3'" . DA  A 1 6  ? 13.447  3.637   -2.403  1.00 113.88 ? 6   DA  A "O3'" 1 
ATOM   112 C  "C2'" . DA  A 1 6  ? 11.861  2.001   -1.483  1.00 98.28  ? 6   DA  A "C2'" 1 
ATOM   113 C  "C1'" . DA  A 1 6  ? 12.594  1.209   -0.405  1.00 95.18  ? 6   DA  A "C1'" 1 
ATOM   114 N  N9    . DA  A 1 6  ? 11.743  0.223   0.253   1.00 88.25  ? 6   DA  A N9    1 
ATOM   115 C  C8    . DA  A 1 6  ? 10.608  0.471   0.971   1.00 91.42  ? 6   DA  A C8    1 
ATOM   116 N  N7    . DA  A 1 6  ? 10.041  -0.607  1.457   1.00 86.85  ? 6   DA  A N7    1 
ATOM   117 C  C5    . DA  A 1 6  ? 10.859  -1.636  1.027   1.00 81.76  ? 6   DA  A C5    1 
ATOM   118 C  C6    . DA  A 1 6  ? 10.800  -3.031  1.209   1.00 81.95  ? 6   DA  A C6    1 
ATOM   119 N  N6    . DA  A 1 6  ? 9.835   -3.643  1.903   1.00 80.92  ? 6   DA  A N6    1 
ATOM   120 N  N1    . DA  A 1 6  ? 11.776  -3.776  0.650   1.00 82.56  ? 6   DA  A N1    1 
ATOM   121 C  C2    . DA  A 1 6  ? 12.738  -3.157  -0.045  1.00 85.03  ? 6   DA  A C2    1 
ATOM   122 N  N3    . DA  A 1 6  ? 12.895  -1.855  -0.285  1.00 85.58  ? 6   DA  A N3    1 
ATOM   123 C  C4    . DA  A 1 6  ? 11.914  -1.143  0.284   1.00 83.85  ? 6   DA  A C4    1 
ATOM   124 P  P     . DC  A 1 7  ? 12.992  3.876   -3.927  1.00 115.96 ? 7   DC  A P     1 
ATOM   125 O  OP1   . DC  A 1 7  ? 14.051  4.651   -4.609  1.00 116.96 ? 7   DC  A OP1   1 
ATOM   126 O  OP2   . DC  A 1 7  ? 11.608  4.398   -3.925  1.00 110.13 ? 7   DC  A OP2   1 
ATOM   127 O  "O5'" . DC  A 1 7  ? 12.986  2.403   -4.533  1.00 107.76 ? 7   DC  A "O5'" 1 
ATOM   128 C  "C5'" . DC  A 1 7  ? 14.070  1.541   -4.254  1.00 105.67 ? 7   DC  A "C5'" 1 
ATOM   129 C  "C4'" . DC  A 1 7  ? 13.717  0.109   -4.589  1.00 104.75 ? 7   DC  A "C4'" 1 
ATOM   130 O  "O4'" . DC  A 1 7  ? 12.872  -0.444  -3.566  1.00 100.46 ? 7   DC  A "O4'" 1 
ATOM   131 C  "C3'" . DC  A 1 7  ? 12.949  -0.080  -5.900  1.00 100.46 ? 7   DC  A "C3'" 1 
ATOM   132 O  "O3'" . DC  A 1 7  ? 13.835  -0.586  -6.899  1.00 104.13 ? 7   DC  A "O3'" 1 
ATOM   133 C  "C2'" . DC  A 1 7  ? 11.831  -1.085  -5.545  1.00 100.89 ? 7   DC  A "C2'" 1 
ATOM   134 C  "C1'" . DC  A 1 7  ? 12.196  -1.532  -4.133  1.00 96.42  ? 7   DC  A "C1'" 1 
ATOM   135 N  N1    . DC  A 1 7  ? 11.014  -1.882  -3.277  1.00 85.45  ? 7   DC  A N1    1 
ATOM   136 C  C2    . DC  A 1 7  ? 10.784  -3.218  -2.924  1.00 83.85  ? 7   DC  A C2    1 
ATOM   137 O  O2    . DC  A 1 7  ? 11.564  -4.091  -3.324  1.00 86.57  ? 7   DC  A O2    1 
ATOM   138 N  N3    . DC  A 1 7  ? 9.715   -3.518  -2.150  1.00 80.31  ? 7   DC  A N3    1 
ATOM   139 C  C4    . DC  A 1 7  ? 8.899   -2.551  -1.736  1.00 81.10  ? 7   DC  A C4    1 
ATOM   140 N  N4    . DC  A 1 7  ? 7.860   -2.894  -0.975  1.00 79.84  ? 7   DC  A N4    1 
ATOM   141 C  C5    . DC  A 1 7  ? 9.114   -1.186  -2.085  1.00 79.27  ? 7   DC  A C5    1 
ATOM   142 C  C6    . DC  A 1 7  ? 10.173  -0.900  -2.848  1.00 84.68  ? 7   DC  A C6    1 
ATOM   143 P  P     . DA  A 1 8  ? 13.276  -1.228  -8.263  1.00 116.16 ? 8   DA  A P     1 
ATOM   144 O  OP1   . DA  A 1 8  ? 14.395  -1.199  -9.229  1.00 119.52 ? 8   DA  A OP1   1 
ATOM   145 O  OP2   . DA  A 1 8  ? 11.994  -0.577  -8.617  1.00 114.39 ? 8   DA  A OP2   1 
ATOM   146 O  "O5'" . DA  A 1 8  ? 12.995  -2.756  -7.886  1.00 98.70  ? 8   DA  A "O5'" 1 
ATOM   147 C  "C5'" . DA  A 1 8  ? 14.025  -3.537  -7.309  1.00 96.97  ? 8   DA  A "C5'" 1 
ATOM   148 C  "C4'" . DA  A 1 8  ? 13.612  -4.995  -7.212  1.00 101.62 ? 8   DA  A "C4'" 1 
ATOM   149 O  "O4'" . DA  A 1 8  ? 12.577  -5.148  -6.204  1.00 97.95  ? 8   DA  A "O4'" 1 
ATOM   150 C  "C3'" . DA  A 1 8  ? 13.041  -5.595  -8.495  1.00 98.88  ? 8   DA  A "C3'" 1 
ATOM   151 O  "O3'" . DA  A 1 8  ? 13.483  -6.928  -8.631  1.00 97.00  ? 8   DA  A "O3'" 1 
ATOM   152 C  "C2'" . DA  A 1 8  ? 11.535  -5.532  -8.259  1.00 97.87  ? 8   DA  A "C2'" 1 
ATOM   153 C  "C1'" . DA  A 1 8  ? 11.458  -5.800  -6.768  1.00 93.89  ? 8   DA  A "C1'" 1 
ATOM   154 N  N9    . DA  A 1 8  ? 10.254  -5.270  -6.139  1.00 87.90  ? 8   DA  A N9    1 
ATOM   155 C  C8    . DA  A 1 8  ? 9.829   -3.970  -6.133  1.00 88.31  ? 8   DA  A C8    1 
ATOM   156 N  N7    . DA  A 1 8  ? 8.710   -3.783  -5.476  1.00 84.45  ? 8   DA  A N7    1 
ATOM   157 C  C5    . DA  A 1 8  ? 8.382   -5.048  -5.016  1.00 79.93  ? 8   DA  A C5    1 
ATOM   158 C  C6    . DA  A 1 8  ? 7.305   -5.528  -4.244  1.00 84.22  ? 8   DA  A C6    1 
ATOM   159 N  N6    . DA  A 1 8  ? 6.318   -4.749  -3.792  1.00 79.70  ? 8   DA  A N6    1 
ATOM   160 N  N1    . DA  A 1 8  ? 7.280   -6.847  -3.958  1.00 85.05  ? 8   DA  A N1    1 
ATOM   161 C  C2    . DA  A 1 8  ? 8.265   -7.625  -4.414  1.00 84.08  ? 8   DA  A C2    1 
ATOM   162 N  N3    . DA  A 1 8  ? 9.326   -7.286  -5.145  1.00 85.05  ? 8   DA  A N3    1 
ATOM   163 C  C4    . DA  A 1 8  ? 9.325   -5.972  -5.412  1.00 80.75  ? 8   DA  A C4    1 
ATOM   164 P  P     . DG  A 1 9  ? 13.231  -7.717  -10.005 1.00 116.69 ? 9   DG  A P     1 
ATOM   165 O  OP1   . DG  A 1 9  ? 14.467  -8.468  -10.320 1.00 117.05 ? 9   DG  A OP1   1 
ATOM   166 O  OP2   . DG  A 1 9  ? 12.706  -6.726  -10.974 1.00 98.32  ? 9   DG  A OP2   1 
ATOM   167 O  "O5'" . DG  A 1 9  ? 12.087  -8.776  -9.635  1.00 100.16 ? 9   DG  A "O5'" 1 
ATOM   168 C  "C5'" . DG  A 1 9  ? 12.388  -9.841  -8.752  1.00 96.31  ? 9   DG  A "C5'" 1 
ATOM   169 C  "C4'" . DG  A 1 9  ? 11.124  -10.492 -8.216  1.00 98.82  ? 9   DG  A "C4'" 1 
ATOM   170 O  "O4'" . DG  A 1 9  ? 10.253  -9.491  -7.628  1.00 96.92  ? 9   DG  A "O4'" 1 
ATOM   171 C  "C3'" . DG  A 1 9  ? 10.275  -11.240 -9.249  1.00 100.90 ? 9   DG  A "C3'" 1 
ATOM   172 O  "O3'" . DG  A 1 9  ? 9.988   -12.545 -8.766  1.00 93.78  ? 9   DG  A "O3'" 1 
ATOM   173 C  "C2'" . DG  A 1 9  ? 9.003   -10.382 -9.359  1.00 104.65 ? 9   DG  A "C2'" 1 
ATOM   174 C  "C1'" . DG  A 1 9  ? 8.922   -9.808  -7.959  1.00 96.94  ? 9   DG  A "C1'" 1 
ATOM   175 N  N9    . DG  A 1 9  ? 8.110   -8.595  -7.826  1.00 92.02  ? 9   DG  A N9    1 
ATOM   176 C  C8    . DG  A 1 9  ? 8.416   -7.336  -8.293  1.00 93.16  ? 9   DG  A C8    1 
ATOM   177 N  N7    . DG  A 1 9  ? 7.516   -6.436  -7.996  1.00 87.60  ? 9   DG  A N7    1 
ATOM   178 C  C5    . DG  A 1 9  ? 6.559   -7.139  -7.273  1.00 83.68  ? 9   DG  A C5    1 
ATOM   179 C  C6    . DG  A 1 9  ? 5.356   -6.691  -6.688  1.00 82.49  ? 9   DG  A C6    1 
ATOM   180 O  O6    . DG  A 1 9  ? 4.883   -5.546  -6.691  1.00 82.42  ? 9   DG  A O6    1 
ATOM   181 N  N1    . DG  A 1 9  ? 4.678   -7.722  -6.042  1.00 81.02  ? 9   DG  A N1    1 
ATOM   182 C  C2    . DG  A 1 9  ? 5.110   -9.023  -5.976  1.00 86.47  ? 9   DG  A C2    1 
ATOM   183 N  N2    . DG  A 1 9  ? 4.315   -9.879  -5.310  1.00 90.71  ? 9   DG  A N2    1 
ATOM   184 N  N3    . DG  A 1 9  ? 6.240   -9.460  -6.521  1.00 88.33  ? 9   DG  A N3    1 
ATOM   185 C  C4    . DG  A 1 9  ? 6.910   -8.466  -7.155  1.00 85.33  ? 9   DG  A C4    1 
ATOM   186 P  P     . DT  A 1 10 ? 9.096   -13.551 -9.641  1.00 112.71 ? 10  DT  A P     1 
ATOM   187 O  OP1   . DT  A 1 10 ? 9.405   -14.939 -9.230  1.00 109.54 ? 10  DT  A OP1   1 
ATOM   188 O  OP2   . DT  A 1 10 ? 9.258   -13.145 -11.055 1.00 111.08 ? 10  DT  A OP2   1 
ATOM   189 O  "O5'" . DT  A 1 10 ? 7.596   -13.226 -9.195  1.00 102.72 ? 10  DT  A "O5'" 1 
ATOM   190 C  "C5'" . DT  A 1 10 ? 7.215   -13.385 -7.838  1.00 99.29  ? 10  DT  A "C5'" 1 
ATOM   191 C  "C4'" . DT  A 1 10 ? 5.784   -13.883 -7.722  1.00 97.89  ? 10  DT  A "C4'" 1 
ATOM   192 O  "O4'" . DT  A 1 10 ? 4.889   -12.775 -7.429  1.00 98.31  ? 10  DT  A "O4'" 1 
ATOM   193 C  "C3'" . DT  A 1 10 ? 5.213   -14.547 -8.963  1.00 96.93  ? 10  DT  A "C3'" 1 
ATOM   194 O  "O3'" . DT  A 1 10 ? 4.284   -15.523 -8.558  1.00 101.41 ? 10  DT  A "O3'" 1 
ATOM   195 C  "C2'" . DT  A 1 10 ? 4.522   -13.378 -9.673  1.00 94.68  ? 10  DT  A "C2'" 1 
ATOM   196 C  "C1'" . DT  A 1 10 ? 3.951   -12.613 -8.485  1.00 91.84  ? 10  DT  A "C1'" 1 
ATOM   197 N  N1    . DT  A 1 10 ? 3.773   -11.137 -8.705  1.00 83.81  ? 10  DT  A N1    1 
ATOM   198 C  C2    . DT  A 1 10 ? 2.666   -10.511 -8.182  1.00 82.74  ? 10  DT  A C2    1 
ATOM   199 O  O2    . DT  A 1 10 ? 1.788   -11.099 -7.574  1.00 89.97  ? 10  DT  A O2    1 
ATOM   200 N  N3    . DT  A 1 10 ? 2.610   -9.164  -8.407  1.00 77.48  ? 10  DT  A N3    1 
ATOM   201 C  C4    . DT  A 1 10 ? 3.535   -8.391  -9.079  1.00 81.25  ? 10  DT  A C4    1 
ATOM   202 O  O4    . DT  A 1 10 ? 3.398   -7.179  -9.227  1.00 80.53  ? 10  DT  A O4    1 
ATOM   203 C  C5    . DT  A 1 10 ? 4.675   -9.104  -9.593  1.00 82.83  ? 10  DT  A C5    1 
ATOM   204 C  C7    . DT  A 1 10 ? 5.744   -8.369  -10.342 1.00 88.23  ? 10  DT  A C7    1 
ATOM   205 C  C6    . DT  A 1 10 ? 4.744   -10.426 -9.377  1.00 84.91  ? 10  DT  A C6    1 
ATOM   206 P  P     . DG  A 1 11 ? 3.818   -16.674 -9.569  1.00 104.18 ? 11  DG  A P     1 
ATOM   207 O  OP1   . DG  A 1 11 ? 3.784   -17.949 -8.813  1.00 105.91 ? 11  DG  A OP1   1 
ATOM   208 O  OP2   . DG  A 1 11 ? 4.628   -16.544 -10.801 1.00 96.52  ? 11  DG  A OP2   1 
ATOM   209 O  "O5'" . DG  A 1 11 ? 2.315   -16.277 -9.907  1.00 90.15  ? 11  DG  A "O5'" 1 
ATOM   210 C  "C5'" . DG  A 1 11 ? 1.340   -16.313 -8.889  1.00 88.51  ? 11  DG  A "C5'" 1 
ATOM   211 C  "C4'" . DG  A 1 11 ? 0.038   -15.722 -9.378  1.00 89.08  ? 11  DG  A "C4'" 1 
ATOM   212 O  "O4'" . DG  A 1 11 ? 0.157   -14.277 -9.460  1.00 94.11  ? 11  DG  A "O4'" 1 
ATOM   213 C  "C3'" . DG  A 1 11 ? -0.391  -16.177 -10.771 1.00 88.83  ? 11  DG  A "C3'" 1 
ATOM   214 O  "O3'" . DG  A 1 11 ? -1.785  -16.295 -10.796 1.00 88.00  ? 11  DG  A "O3'" 1 
ATOM   215 C  "C2'" . DG  A 1 11 ? 0.071   -15.023 -11.654 1.00 84.54  ? 11  DG  A "C2'" 1 
ATOM   216 C  "C1'" . DG  A 1 11 ? -0.244  -13.856 -10.744 1.00 80.46  ? 11  DG  A "C1'" 1 
ATOM   217 N  N9    . DG  A 1 11 ? 0.467   -12.633 -11.080 1.00 73.44  ? 11  DG  A N9    1 
ATOM   218 C  C8    . DG  A 1 11 ? 1.704   -12.525 -11.661 1.00 76.21  ? 11  DG  A C8    1 
ATOM   219 N  N7    . DG  A 1 11 ? 2.085   -11.289 -11.841 1.00 76.37  ? 11  DG  A N7    1 
ATOM   220 C  C5    . DG  A 1 11 ? 1.032   -10.534 -11.340 1.00 70.01  ? 11  DG  A C5    1 
ATOM   221 C  C6    . DG  A 1 11 ? 0.875   -9.133  -11.259 1.00 68.49  ? 11  DG  A C6    1 
ATOM   222 O  O6    . DG  A 1 11 ? 1.660   -8.250  -11.627 1.00 67.32  ? 11  DG  A O6    1 
ATOM   223 N  N1    . DG  A 1 11 ? -0.343  -8.787  -10.686 1.00 66.95  ? 11  DG  A N1    1 
ATOM   224 C  C2    . DG  A 1 11 ? -1.288  -9.682  -10.245 1.00 69.18  ? 11  DG  A C2    1 
ATOM   225 N  N2    . DG  A 1 11 ? -2.409  -9.159  -9.723  1.00 63.36  ? 11  DG  A N2    1 
ATOM   226 N  N3    . DG  A 1 11 ? -1.148  -10.996 -10.309 1.00 69.83  ? 11  DG  A N3    1 
ATOM   227 C  C4    . DG  A 1 11 ? 0.031   -11.348 -10.868 1.00 69.12  ? 11  DG  A C4    1 
ATOM   228 P  P     . DA  A 1 12 ? -2.483  -17.430 -11.681 1.00 94.10  ? 12  DA  A P     1 
ATOM   229 O  OP1   . DA  A 1 12 ? -2.161  -18.748 -11.089 1.00 96.97  ? 12  DA  A OP1   1 
ATOM   230 O  OP2   . DA  A 1 12 ? -2.115  -17.153 -13.088 1.00 91.57  ? 12  DA  A OP2   1 
ATOM   231 O  "O5'" . DA  A 1 12 ? -4.035  -17.134 -11.457 1.00 85.05  ? 12  DA  A "O5'" 1 
ATOM   232 C  "C5'" . DA  A 1 12 ? -4.425  -16.113 -10.549 1.00 84.45  ? 12  DA  A "C5'" 1 
ATOM   233 C  "C4'" . DA  A 1 12 ? -5.182  -15.020 -11.276 1.00 89.56  ? 12  DA  A "C4'" 1 
ATOM   234 O  "O4'" . DA  A 1 12 ? -4.361  -13.845 -11.365 1.00 88.62  ? 12  DA  A "O4'" 1 
ATOM   235 C  "C3'" . DA  A 1 12 ? -5.549  -15.374 -12.708 1.00 95.15  ? 12  DA  A "C3'" 1 
ATOM   236 O  "O3'" . DA  A 1 12 ? -6.894  -15.834 -12.758 1.00 95.78  ? 12  DA  A "O3'" 1 
ATOM   237 C  "C2'" . DA  A 1 12 ? -5.366  -14.072 -13.505 1.00 88.20  ? 12  DA  A "C2'" 1 
ATOM   238 C  "C1'" . DA  A 1 12 ? -4.682  -13.119 -12.535 1.00 83.04  ? 12  DA  A "C1'" 1 
ATOM   239 N  N9    . DA  A 1 12 ? -3.448  -12.550 -13.062 1.00 72.78  ? 12  DA  A N9    1 
ATOM   240 C  C8    . DA  A 1 12 ? -2.349  -13.228 -13.520 1.00 71.44  ? 12  DA  A C8    1 
ATOM   241 N  N7    . DA  A 1 12 ? -1.374  -12.439 -13.915 1.00 72.06  ? 12  DA  A N7    1 
ATOM   242 C  C5    . DA  A 1 12 ? -1.864  -11.163 -13.688 1.00 64.67  ? 12  DA  A C5    1 
ATOM   243 C  C6    . DA  A 1 12 ? -1.314  -9.879  -13.896 1.00 65.61  ? 12  DA  A C6    1 
ATOM   244 N  N6    . DA  A 1 12 ? -0.097  -9.669  -14.404 1.00 61.92  ? 12  DA  A N6    1 
ATOM   245 N  N1    . DA  A 1 12 ? -2.065  -8.819  -13.564 1.00 68.32  ? 12  DA  A N1    1 
ATOM   246 C  C2    . DA  A 1 12 ? -3.290  -9.031  -13.065 1.00 71.04  ? 12  DA  A C2    1 
ATOM   247 N  N3    . DA  A 1 12 ? -3.914  -10.185 -12.825 1.00 75.28  ? 12  DA  A N3    1 
ATOM   248 C  C4    . DA  A 1 12 ? -3.138  -11.220 -13.160 1.00 67.53  ? 12  DA  A C4    1 
ATOM   249 P  P     . DC  B 2 1  ? -20.645 -1.086  -11.537 1.00 107.05 ? 12  DC  B P     1 
ATOM   250 O  OP1   . DC  B 2 1  ? -20.511 -0.639  -12.944 1.00 108.72 ? 12  DC  B OP1   1 
ATOM   251 O  OP2   . DC  B 2 1  ? -20.974 -2.497  -11.244 1.00 97.15  ? 12  DC  B OP2   1 
ATOM   252 O  "O5'" . DC  B 2 1  ? -19.292 -0.761  -10.758 1.00 96.32  ? 12  DC  B "O5'" 1 
ATOM   253 C  "C5'" . DC  B 2 1  ? -19.284 0.189   -9.702  1.00 98.61  ? 12  DC  B "C5'" 1 
ATOM   254 C  "C4'" . DC  B 2 1  ? -20.163 -0.248  -8.535  1.00 86.97  ? 12  DC  B "C4'" 1 
ATOM   255 O  "O4'" . DC  B 2 1  ? -19.701 -1.512  -8.022  1.00 86.59  ? 12  DC  B "O4'" 1 
ATOM   256 C  "C3'" . DC  B 2 1  ? -20.119 0.708   -7.360  1.00 84.64  ? 12  DC  B "C3'" 1 
ATOM   257 O  "O3'" . DC  B 2 1  ? -21.229 1.561   -7.409  1.00 86.41  ? 12  DC  B "O3'" 1 
ATOM   258 C  "C2'" . DC  B 2 1  ? -20.137 -0.177  -6.102  1.00 78.90  ? 12  DC  B "C2'" 1 
ATOM   259 C  "C1'" . DC  B 2 1  ? -19.938 -1.590  -6.630  1.00 76.52  ? 12  DC  B "C1'" 1 
ATOM   260 N  N1    . DC  B 2 1  ? -18.802 -2.352  -5.999  1.00 67.30  ? 12  DC  B N1    1 
ATOM   261 C  C2    . DC  B 2 1  ? -18.886 -2.789  -4.664  1.00 67.09  ? 12  DC  B C2    1 
ATOM   262 O  O2    . DC  B 2 1  ? -19.877 -2.504  -3.991  1.00 72.12  ? 12  DC  B O2    1 
ATOM   263 N  N3    . DC  B 2 1  ? -17.862 -3.504  -4.143  1.00 61.63  ? 12  DC  B N3    1 
ATOM   264 C  C4    . DC  B 2 1  ? -16.801 -3.792  -4.895  1.00 64.33  ? 12  DC  B C4    1 
ATOM   265 N  N4    . DC  B 2 1  ? -15.818 -4.497  -4.337  1.00 64.16  ? 12  DC  B N4    1 
ATOM   266 C  C5    . DC  B 2 1  ? -16.700 -3.366  -6.247  1.00 63.07  ? 12  DC  B C5    1 
ATOM   267 C  C6    . DC  B 2 1  ? -17.716 -2.662  -6.756  1.00 69.21  ? 12  DC  B C6    1 
ATOM   268 P  P     . DG  B 2 2  ? -21.029 3.117   -7.105  1.00 91.98  ? 13  DG  B P     1 
ATOM   269 O  OP1   . DG  B 2 2  ? -22.246 3.827   -7.559  1.00 96.03  ? 13  DG  B OP1   1 
ATOM   270 O  OP2   . DG  B 2 2  ? -19.704 3.484   -7.659  1.00 86.66  ? 13  DG  B OP2   1 
ATOM   271 O  "O5'" . DG  B 2 2  ? -20.959 3.170   -5.514  1.00 80.18  ? 13  DG  B "O5'" 1 
ATOM   272 C  "C5'" . DG  B 2 2  ? -22.028 2.640   -4.752  1.00 79.09  ? 13  DG  B "C5'" 1 
ATOM   273 C  "C4'" . DG  B 2 2  ? -21.585 2.378   -3.329  1.00 83.87  ? 13  DG  B "C4'" 1 
ATOM   274 O  "O4'" . DG  B 2 2  ? -20.636 1.278   -3.316  1.00 84.88  ? 13  DG  B "O4'" 1 
ATOM   275 C  "C3'" . DG  B 2 2  ? -20.887 3.559   -2.647  1.00 81.41  ? 13  DG  B "C3'" 1 
ATOM   276 O  "O3'" . DG  B 2 2  ? -21.445 3.780   -1.363  1.00 88.68  ? 13  DG  B "O3'" 1 
ATOM   277 C  "C2'" . DG  B 2 2  ? -19.430 3.114   -2.556  1.00 87.42  ? 13  DG  B "C2'" 1 
ATOM   278 C  "C1'" . DG  B 2 2  ? -19.566 1.603   -2.471  1.00 77.51  ? 13  DG  B "C1'" 1 
ATOM   279 N  N9    . DG  B 2 2  ? -18.369 0.898   -2.921  1.00 71.05  ? 13  DG  B N9    1 
ATOM   280 C  C8    . DG  B 2 2  ? -17.752 1.005   -4.148  1.00 68.87  ? 13  DG  B C8    1 
ATOM   281 N  N7    . DG  B 2 2  ? -16.679 0.268   -4.255  1.00 66.45  ? 13  DG  B N7    1 
ATOM   282 C  C5    . DG  B 2 2  ? -16.574 -0.354  -3.017  1.00 63.00  ? 13  DG  B C5    1 
ATOM   283 C  C6    . DG  B 2 2  ? -15.615 -1.267  -2.544  1.00 64.19  ? 13  DG  B C6    1 
ATOM   284 O  O6    . DG  B 2 2  ? -14.629 -1.722  -3.139  1.00 63.96  ? 13  DG  B O6    1 
ATOM   285 N  N1    . DG  B 2 2  ? -15.880 -1.659  -1.237  1.00 66.86  ? 13  DG  B N1    1 
ATOM   286 C  C2    . DG  B 2 2  ? -16.939 -1.220  -0.483  1.00 67.04  ? 13  DG  B C2    1 
ATOM   287 N  N2    . DG  B 2 2  ? -17.028 -1.714  0.760   1.00 63.93  ? 13  DG  B N2    1 
ATOM   288 N  N3    . DG  B 2 2  ? -17.846 -0.361  -0.915  1.00 66.12  ? 13  DG  B N3    1 
ATOM   289 C  C4    . DG  B 2 2  ? -17.603 0.026   -2.187  1.00 65.51  ? 13  DG  B C4    1 
ATOM   290 P  P     . DA  B 2 3  ? -21.242 5.194   -0.630  1.00 93.30  ? 14  DA  B P     1 
ATOM   291 O  OP1   . DA  B 2 3  ? -22.560 5.627   -0.112  1.00 90.47  ? 14  DA  B OP1   1 
ATOM   292 O  OP2   . DA  B 2 3  ? -20.455 6.053   -1.538  1.00 83.52  ? 14  DA  B OP2   1 
ATOM   293 O  "O5'" . DA  B 2 3  ? -20.322 4.843   0.617   1.00 76.85  ? 14  DA  B "O5'" 1 
ATOM   294 C  "C5'" . DA  B 2 3  ? -20.736 3.839   1.515   1.00 82.07  ? 14  DA  B "C5'" 1 
ATOM   295 C  "C4'" . DA  B 2 3  ? -19.539 3.225   2.200   1.00 84.42  ? 14  DA  B "C4'" 1 
ATOM   296 O  "O4'" . DA  B 2 3  ? -18.713 2.566   1.223   1.00 83.67  ? 14  DA  B "O4'" 1 
ATOM   297 C  "C3'" . DA  B 2 3  ? -18.634 4.231   2.898   1.00 78.99  ? 14  DA  B "C3'" 1 
ATOM   298 O  "O3'" . DA  B 2 3  ? -18.809 4.132   4.291   1.00 83.84  ? 14  DA  B "O3'" 1 
ATOM   299 C  "C2'" . DA  B 2 3  ? -17.206 3.837   2.475   1.00 81.13  ? 14  DA  B "C2'" 1 
ATOM   300 C  "C1'" . DA  B 2 3  ? -17.401 2.535   1.704   1.00 73.92  ? 14  DA  B "C1'" 1 
ATOM   301 N  N9    . DA  B 2 3  ? -16.511 2.390   0.560   1.00 67.98  ? 14  DA  B N9    1 
ATOM   302 C  C8    . DA  B 2 3  ? -16.648 2.978   -0.666  1.00 72.64  ? 14  DA  B C8    1 
ATOM   303 N  N7    . DA  B 2 3  ? -15.699 2.660   -1.516  1.00 71.70  ? 14  DA  B N7    1 
ATOM   304 C  C5    . DA  B 2 3  ? -14.884 1.801   -0.797  1.00 65.24  ? 14  DA  B C5    1 
ATOM   305 C  C6    . DA  B 2 3  ? -13.707 1.114   -1.133  1.00 64.94  ? 14  DA  B C6    1 
ATOM   306 N  N6    . DA  B 2 3  ? -13.126 1.199   -2.336  1.00 64.67  ? 14  DA  B N6    1 
ATOM   307 N  N1    . DA  B 2 3  ? -13.144 0.334   -0.184  1.00 67.28  ? 14  DA  B N1    1 
ATOM   308 C  C2    . DA  B 2 3  ? -13.733 0.256   1.018   1.00 70.00  ? 14  DA  B C2    1 
ATOM   309 N  N3    . DA  B 2 3  ? -14.842 0.856   1.449   1.00 68.77  ? 14  DA  B N3    1 
ATOM   310 C  C4    . DA  B 2 3  ? -15.372 1.620   0.485   1.00 66.16  ? 14  DA  B C4    1 
ATOM   311 P  P     . DC  B 2 4  ? -18.234 5.275   5.255   1.00 103.06 ? 15  DC  B P     1 
ATOM   312 O  OP1   . DC  B 2 4  ? -19.134 5.361   6.428   1.00 95.38  ? 15  DC  B OP1   1 
ATOM   313 O  OP2   . DC  B 2 4  ? -17.954 6.470   4.421   1.00 84.16  ? 15  DC  B OP2   1 
ATOM   314 O  "O5'" . DC  B 2 4  ? -16.828 4.690   5.724   1.00 90.27  ? 15  DC  B "O5'" 1 
ATOM   315 C  "C5'" . DC  B 2 4  ? -16.699 3.310   6.038   1.00 81.28  ? 15  DC  B "C5'" 1 
ATOM   316 C  "C4'" . DC  B 2 4  ? -15.246 2.984   6.283   1.00 84.59  ? 15  DC  B "C4'" 1 
ATOM   317 O  "O4'" . DC  B 2 4  ? -14.626 2.561   5.038   1.00 83.43  ? 15  DC  B "O4'" 1 
ATOM   318 C  "C3'" . DC  B 2 4  ? -14.429 4.178   6.783   1.00 87.81  ? 15  DC  B "C3'" 1 
ATOM   319 O  "O3'" . DC  B 2 4  ? -13.713 3.838   7.947   1.00 91.32  ? 15  DC  B "O3'" 1 
ATOM   320 C  "C2'" . DC  B 2 4  ? -13.496 4.506   5.621   1.00 85.61  ? 15  DC  B "C2'" 1 
ATOM   321 C  "C1'" . DC  B 2 4  ? -13.363 3.162   4.925   1.00 77.97  ? 15  DC  B "C1'" 1 
ATOM   322 N  N1    . DC  B 2 4  ? -13.007 3.290   3.480   1.00 69.75  ? 15  DC  B N1    1 
ATOM   323 C  C2    . DC  B 2 4  ? -11.857 2.667   2.995   1.00 71.75  ? 15  DC  B C2    1 
ATOM   324 O  O2    . DC  B 2 4  ? -11.169 1.992   3.768   1.00 76.17  ? 15  DC  B O2    1 
ATOM   325 N  N3    . DC  B 2 4  ? -11.533 2.810   1.685   1.00 68.78  ? 15  DC  B N3    1 
ATOM   326 C  C4    . DC  B 2 4  ? -12.303 3.549   0.886   1.00 69.96  ? 15  DC  B C4    1 
ATOM   327 N  N4    . DC  B 2 4  ? -11.948 3.665   -0.394  1.00 69.78  ? 15  DC  B N4    1 
ATOM   328 C  C5    . DC  B 2 4  ? -13.472 4.201   1.366   1.00 68.40  ? 15  DC  B C5    1 
ATOM   329 C  C6    . DC  B 2 4  ? -13.779 4.050   2.659   1.00 69.36  ? 15  DC  B C6    1 
ATOM   330 P  P     . DG  B 2 5  ? -13.195 4.998   8.924   1.00 98.19  ? 16  DG  B P     1 
ATOM   331 O  OP1   . DG  B 2 5  ? -13.771 4.733   10.258  1.00 97.67  ? 16  DG  B OP1   1 
ATOM   332 O  OP2   . DG  B 2 5  ? -13.424 6.307   8.268   1.00 86.92  ? 16  DG  B OP2   1 
ATOM   333 O  "O5'" . DG  B 2 5  ? -11.622 4.754   8.991   1.00 91.56  ? 16  DG  B "O5'" 1 
ATOM   334 C  "C5'" . DG  B 2 5  ? -11.127 3.533   9.498   1.00 86.65  ? 16  DG  B "C5'" 1 
ATOM   335 C  "C4'" . DG  B 2 5  ? -9.661  3.366   9.152   1.00 89.21  ? 16  DG  B "C4'" 1 
ATOM   336 O  "O4'" . DG  B 2 5  ? -9.511  3.266   7.713   1.00 93.82  ? 16  DG  B "O4'" 1 
ATOM   337 C  "C3'" . DG  B 2 5  ? -8.757  4.514   9.589   1.00 86.72  ? 16  DG  B "C3'" 1 
ATOM   338 O  "O3'" . DG  B 2 5  ? -7.502  3.998   9.973   1.00 93.96  ? 16  DG  B "O3'" 1 
ATOM   339 C  "C2'" . DG  B 2 5  ? -8.648  5.363   8.327   1.00 84.00  ? 16  DG  B "C2'" 1 
ATOM   340 C  "C1'" . DG  B 2 5  ? -8.668  4.302   7.239   1.00 87.80  ? 16  DG  B "C1'" 1 
ATOM   341 N  N9    . DG  B 2 5  ? -9.212  4.782   5.976   1.00 78.81  ? 16  DG  B N9    1 
ATOM   342 C  C8    . DG  B 2 5  ? -10.356 5.514   5.805   1.00 76.57  ? 16  DG  B C8    1 
ATOM   343 N  N7    . DG  B 2 5  ? -10.608 5.802   4.559   1.00 74.39  ? 16  DG  B N7    1 
ATOM   344 C  C5    . DG  B 2 5  ? -9.561  5.224   3.857   1.00 71.63  ? 16  DG  B C5    1 
ATOM   345 C  C6    . DG  B 2 5  ? -9.295  5.206   2.466   1.00 74.24  ? 16  DG  B C6    1 
ATOM   346 O  O6    . DG  B 2 5  ? -9.952  5.718   1.551   1.00 78.89  ? 16  DG  B O6    1 
ATOM   347 N  N1    . DG  B 2 5  ? -8.131  4.511   2.171   1.00 70.75  ? 16  DG  B N1    1 
ATOM   348 C  C2    . DG  B 2 5  ? -7.322  3.911   3.097   1.00 73.69  ? 16  DG  B C2    1 
ATOM   349 N  N2    . DG  B 2 5  ? -6.239  3.289   2.612   1.00 69.55  ? 16  DG  B N2    1 
ATOM   350 N  N3    . DG  B 2 5  ? -7.557  3.918   4.407   1.00 76.47  ? 16  DG  B N3    1 
ATOM   351 C  C4    . DG  B 2 5  ? -8.691  4.590   4.712   1.00 74.39  ? 16  DG  B C4    1 
ATOM   352 P  P     . DA  B 2 6  ? -6.375  4.967   10.578  1.00 95.53  ? 17  DA  B P     1 
ATOM   353 O  OP1   . DA  B 2 6  ? -5.687  4.208   11.647  1.00 96.44  ? 17  DA  B OP1   1 
ATOM   354 O  OP2   . DA  B 2 6  ? -7.001  6.272   10.880  1.00 97.92  ? 17  DA  B OP2   1 
ATOM   355 O  "O5'" . DA  B 2 6  ? -5.355  5.168   9.366   1.00 86.43  ? 17  DA  B "O5'" 1 
ATOM   356 C  "C5'" . DA  B 2 6  ? -4.611  4.065   8.893   1.00 86.64  ? 17  DA  B "C5'" 1 
ATOM   357 C  "C4'" . DA  B 2 6  ? -3.671  4.482   7.782   1.00 90.81  ? 17  DA  B "C4'" 1 
ATOM   358 O  "O4'" . DA  B 2 6  ? -4.428  4.787   6.583   1.00 92.10  ? 17  DA  B "O4'" 1 
ATOM   359 C  "C3'" . DA  B 2 6  ? -2.824  5.712   8.083   1.00 91.86  ? 17  DA  B "C3'" 1 
ATOM   360 O  "O3'" . DA  B 2 6  ? -1.500  5.479   7.657   1.00 98.50  ? 17  DA  B "O3'" 1 
ATOM   361 C  "C2'" . DA  B 2 6  ? -3.497  6.823   7.273   1.00 87.33  ? 17  DA  B "C2'" 1 
ATOM   362 C  "C1'" . DA  B 2 6  ? -4.071  6.061   6.090   1.00 85.09  ? 17  DA  B "C1'" 1 
ATOM   363 N  N9    . DA  B 2 6  ? -5.277  6.666   5.529   1.00 80.34  ? 17  DA  B N9    1 
ATOM   364 C  C8    . DA  B 2 6  ? -6.364  7.116   6.222   1.00 84.93  ? 17  DA  B C8    1 
ATOM   365 N  N7    . DA  B 2 6  ? -7.318  7.598   5.457   1.00 82.04  ? 17  DA  B N7    1 
ATOM   366 C  C5    . DA  B 2 6  ? -6.829  7.440   4.176   1.00 74.47  ? 17  DA  B C5    1 
ATOM   367 C  C6    . DA  B 2 6  ? -7.366  7.755   2.920   1.00 75.51  ? 17  DA  B C6    1 
ATOM   368 N  N6    . DA  B 2 6  ? -8.563  8.319   2.758   1.00 78.73  ? 17  DA  B N6    1 
ATOM   369 N  N1    . DA  B 2 6  ? -6.624  7.469   1.832   1.00 76.09  ? 17  DA  B N1    1 
ATOM   370 C  C2    . DA  B 2 6  ? -5.421  6.909   2.004   1.00 75.44  ? 17  DA  B C2    1 
ATOM   371 N  N3    . DA  B 2 6  ? -4.812  6.567   3.137   1.00 74.98  ? 17  DA  B N3    1 
ATOM   372 C  C4    . DA  B 2 6  ? -5.574  6.863   4.197   1.00 74.27  ? 17  DA  B C4    1 
ATOM   373 P  P     . DC  B 2 7  ? -0.343  6.537   7.992   1.00 107.86 ? 18  DC  B P     1 
ATOM   374 O  OP1   . DC  B 2 7  ? 0.912   5.766   8.137   1.00 102.37 ? 18  DC  B OP1   1 
ATOM   375 O  OP2   . DC  B 2 7  ? -0.826  7.405   9.093   1.00 103.48 ? 18  DC  B OP2   1 
ATOM   376 O  "O5'" . DC  B 2 7  ? -0.242  7.411   6.661   1.00 93.03  ? 18  DC  B "O5'" 1 
ATOM   377 C  "C5'" . DC  B 2 7  ? -0.038  6.753   5.431   1.00 95.74  ? 18  DC  B "C5'" 1 
ATOM   378 C  "C4'" . DC  B 2 7  ? -0.278  7.681   4.257   1.00 94.96  ? 18  DC  B "C4'" 1 
ATOM   379 O  "O4'" . DC  B 2 7  ? -1.679  7.933   4.103   1.00 88.08  ? 18  DC  B "O4'" 1 
ATOM   380 C  "C3'" . DC  B 2 7  ? 0.368   9.059   4.366   1.00 94.47  ? 18  DC  B "C3'" 1 
ATOM   381 O  "O3'" . DC  B 2 7  ? 1.579   9.060   3.619   1.00 98.44  ? 18  DC  B "O3'" 1 
ATOM   382 C  "C2'" . DC  B 2 7  ? -0.689  10.022  3.774   1.00 91.96  ? 18  DC  B "C2'" 1 
ATOM   383 C  "C1'" . DC  B 2 7  ? -1.805  9.080   3.313   1.00 86.58  ? 18  DC  B "C1'" 1 
ATOM   384 N  N1    . DC  B 2 7  ? -3.199  9.607   3.470   1.00 77.73  ? 18  DC  B N1    1 
ATOM   385 C  C2    . DC  B 2 7  ? -3.955  9.903   2.330   1.00 79.60  ? 18  DC  B C2    1 
ATOM   386 O  O2    . DC  B 2 7  ? -3.445  9.750   1.216   1.00 82.26  ? 18  DC  B O2    1 
ATOM   387 N  N3    . DC  B 2 7  ? -5.222  10.358  2.476   1.00 76.55  ? 18  DC  B N3    1 
ATOM   388 C  C4    . DC  B 2 7  ? -5.735  10.508  3.694   1.00 80.35  ? 18  DC  B C4    1 
ATOM   389 N  N4    . DC  B 2 7  ? -6.990  10.957  3.788   1.00 81.17  ? 18  DC  B N4    1 
ATOM   390 C  C5    . DC  B 2 7  ? -4.987  10.200  4.872   1.00 77.40  ? 18  DC  B C5    1 
ATOM   391 C  C6    . DC  B 2 7  ? -3.737  9.752   4.712   1.00 79.32  ? 18  DC  B C6    1 
ATOM   392 P  P     . DT  B 2 8  ? 2.462   10.391  3.470   1.00 110.31 ? 19  DT  B P     1 
ATOM   393 O  OP1   . DT  B 2 8  ? 3.836   9.964   3.116   1.00 104.78 ? 19  DT  B OP1   1 
ATOM   394 O  OP2   . DT  B 2 8  ? 2.237   11.256  4.652   1.00 100.35 ? 19  DT  B OP2   1 
ATOM   395 O  "O5'" . DT  B 2 8  ? 1.830   11.101  2.192   1.00 99.73  ? 19  DT  B "O5'" 1 
ATOM   396 C  "C5'" . DT  B 2 8  ? 1.685   10.368  0.999   1.00 95.82  ? 19  DT  B "C5'" 1 
ATOM   397 C  "C4'" . DT  B 2 8  ? 1.258   11.270  -0.138  1.00 101.84 ? 19  DT  B "C4'" 1 
ATOM   398 O  "O4'" . DT  B 2 8  ? -0.167  11.527  -0.054  1.00 100.93 ? 19  DT  B "O4'" 1 
ATOM   399 C  "C3'" . DT  B 2 8  ? 1.936   12.637  -0.176  1.00 103.23 ? 19  DT  B "C3'" 1 
ATOM   400 O  "O3'" . DT  B 2 8  ? 2.208   12.976  -1.525  1.00 108.91 ? 19  DT  B "O3'" 1 
ATOM   401 C  "C2'" . DT  B 2 8  ? 0.887   13.562  0.450   1.00 96.18  ? 19  DT  B "C2'" 1 
ATOM   402 C  "C1'" . DT  B 2 8  ? -0.405  12.921  -0.037  1.00 101.44 ? 19  DT  B "C1'" 1 
ATOM   403 N  N1    . DT  B 2 8  ? -1.607  13.165  0.833   1.00 93.47  ? 19  DT  B N1    1 
ATOM   404 C  C2    . DT  B 2 8  ? -2.816  13.436  0.235   1.00 90.21  ? 19  DT  B C2    1 
ATOM   405 O  O2    . DT  B 2 8  ? -2.958  13.524  -0.972  1.00 95.94  ? 19  DT  B O2    1 
ATOM   406 N  N3    . DT  B 2 8  ? -3.858  13.614  1.102   1.00 83.53  ? 19  DT  B N3    1 
ATOM   407 C  C4    . DT  B 2 8  ? -3.820  13.539  2.480   1.00 85.47  ? 19  DT  B C4    1 
ATOM   408 O  O4    . DT  B 2 8  ? -4.820  13.715  3.175   1.00 81.97  ? 19  DT  B O4    1 
ATOM   409 C  C5    . DT  B 2 8  ? -2.526  13.238  3.046   1.00 83.60  ? 19  DT  B C5    1 
ATOM   410 C  C7    . DT  B 2 8  ? -2.366  13.130  4.532   1.00 82.11  ? 19  DT  B C7    1 
ATOM   411 C  C6    . DT  B 2 8  ? -1.493  13.063  2.206   1.00 87.68  ? 19  DT  B C6    1 
ATOM   412 P  P     . DC  B 2 9  ? 3.026   14.305  -1.886  1.00 110.89 ? 20  DC  B P     1 
ATOM   413 O  OP1   . DC  B 2 9  ? 3.842   14.004  -3.083  1.00 105.92 ? 20  DC  B OP1   1 
ATOM   414 O  OP2   . DC  B 2 9  ? 3.673   14.787  -0.641  1.00 110.11 ? 20  DC  B OP2   1 
ATOM   415 O  "O5'" . DC  B 2 9  ? 1.884   15.337  -2.313  1.00 101.01 ? 20  DC  B "O5'" 1 
ATOM   416 C  "C5'" . DC  B 2 9  ? 1.044   15.035  -3.419  1.00 99.16  ? 20  DC  B "C5'" 1 
ATOM   417 C  "C4'" . DC  B 2 9  ? 0.081   16.177  -3.692  1.00 105.60 ? 20  DC  B "C4'" 1 
ATOM   418 O  "O4'" . DC  B 2 9  ? -1.024  16.123  -2.750  1.00 107.37 ? 20  DC  B "O4'" 1 
ATOM   419 C  "C3'" . DC  B 2 9  ? 0.688   17.578  -3.566  1.00 105.99 ? 20  DC  B "C3'" 1 
ATOM   420 O  "O3'" . DC  B 2 9  ? 0.265   18.391  -4.652  1.00 108.08 ? 20  DC  B "O3'" 1 
ATOM   421 C  "C2'" . DC  B 2 9  ? 0.131   18.085  -2.236  1.00 102.47 ? 20  DC  B "C2'" 1 
ATOM   422 C  "C1'" . DC  B 2 9  ? -1.226  17.402  -2.197  1.00 103.76 ? 20  DC  B "C1'" 1 
ATOM   423 N  N1    . DC  B 2 9  ? -1.776  17.245  -0.817  1.00 98.91  ? 20  DC  B N1    1 
ATOM   424 C  C2    . DC  B 2 9  ? -3.162  17.258  -0.620  1.00 95.31  ? 20  DC  B C2    1 
ATOM   425 O  O2    . DC  B 2 9  ? -3.910  17.394  -1.597  1.00 96.10  ? 20  DC  B O2    1 
ATOM   426 N  N3    . DC  B 2 9  ? -3.647  17.121  0.640   1.00 87.72  ? 20  DC  B N3    1 
ATOM   427 C  C4    . DC  B 2 9  ? -2.808  16.974  1.664   1.00 90.61  ? 20  DC  B C4    1 
ATOM   428 N  N4    . DC  B 2 9  ? -3.332  16.840  2.885   1.00 87.91  ? 20  DC  B N4    1 
ATOM   429 C  C5    . DC  B 2 9  ? -1.393  16.960  1.484   1.00 93.63  ? 20  DC  B C5    1 
ATOM   430 C  C6    . DC  B 2 9  ? -0.925  17.098  0.238   1.00 95.84  ? 20  DC  B C6    1 
ATOM   431 P  P     . DT  C 3 1  ? 0.920   1.340   -15.861 1.00 101.84 ? 0   DT  C P     1 
ATOM   432 O  OP1   . DT  C 3 1  ? 2.150   1.163   -15.053 1.00 102.25 ? 0   DT  C OP1   1 
ATOM   433 O  OP2   . DT  C 3 1  ? 0.984   1.275   -17.337 1.00 91.88  ? 0   DT  C OP2   1 
ATOM   434 O  "O5'" . DT  C 3 1  ? -0.198  0.316   -15.340 1.00 90.98  ? 0   DT  C "O5'" 1 
ATOM   435 C  "C5'" . DT  C 3 1  ? -1.465  0.266   -15.976 1.00 83.59  ? 0   DT  C "C5'" 1 
ATOM   436 C  "C4'" . DT  C 3 1  ? -2.480  -0.442  -15.103 1.00 79.87  ? 0   DT  C "C4'" 1 
ATOM   437 O  "O4'" . DT  C 3 1  ? -2.313  -1.876  -15.225 1.00 81.78  ? 0   DT  C "O4'" 1 
ATOM   438 C  "C3'" . DT  C 3 1  ? -2.371  -0.127  -13.611 1.00 87.12  ? 0   DT  C "C3'" 1 
ATOM   439 O  "O3'" . DT  C 3 1  ? -3.679  0.080   -13.059 1.00 92.81  ? 0   DT  C "O3'" 1 
ATOM   440 C  "C2'" . DT  C 3 1  ? -1.693  -1.376  -13.039 1.00 81.91  ? 0   DT  C "C2'" 1 
ATOM   441 C  "C1'" . DT  C 3 1  ? -2.271  -2.451  -13.938 1.00 79.22  ? 0   DT  C "C1'" 1 
ATOM   442 N  N1    . DT  C 3 1  ? -1.464  -3.699  -14.010 1.00 71.62  ? 0   DT  C N1    1 
ATOM   443 C  C2    . DT  C 3 1  ? -2.081  -4.905  -13.777 1.00 71.88  ? 0   DT  C C2    1 
ATOM   444 O  O2    . DT  C 3 1  ? -3.263  -5.006  -13.495 1.00 78.50  ? 0   DT  C O2    1 
ATOM   445 N  N3    . DT  C 3 1  ? -1.268  -5.997  -13.881 1.00 64.45  ? 0   DT  C N3    1 
ATOM   446 C  C4    . DT  C 3 1  ? 0.076   -6.006  -14.194 1.00 72.16  ? 0   DT  C C4    1 
ATOM   447 O  O4    . DT  C 3 1  ? 0.725   -7.046  -14.269 1.00 74.69  ? 0   DT  C O4    1 
ATOM   448 C  C5    . DT  C 3 1  ? 0.667   -4.709  -14.429 1.00 73.60  ? 0   DT  C C5    1 
ATOM   449 C  C7    . DT  C 3 1  ? 2.124   -4.602  -14.774 1.00 70.33  ? 0   DT  C C7    1 
ATOM   450 C  C6    . DT  C 3 1  ? -0.124  -3.626  -14.328 1.00 72.80  ? 0   DT  C C6    1 
ATOM   451 P  P     . DC  C 3 2  ? -3.845  0.502   -11.518 1.00 93.20  ? 1   DC  C P     1 
ATOM   452 O  OP1   . DC  C 3 2  ? -5.029  1.383   -11.402 1.00 87.57  ? 1   DC  C OP1   1 
ATOM   453 O  OP2   . DC  C 3 2  ? -2.513  0.958   -11.068 1.00 83.71  ? 1   DC  C OP2   1 
ATOM   454 O  "O5'" . DC  C 3 2  ? -4.200  -0.874  -10.789 1.00 88.01  ? 1   DC  C "O5'" 1 
ATOM   455 C  "C5'" . DC  C 3 2  ? -5.338  -1.610  -11.212 1.00 84.90  ? 1   DC  C "C5'" 1 
ATOM   456 C  "C4'" . DC  C 3 2  ? -5.537  -2.850  -10.360 1.00 78.27  ? 1   DC  C "C4'" 1 
ATOM   457 O  "O4'" . DC  C 3 2  ? -4.563  -3.864  -10.722 1.00 80.78  ? 1   DC  C "O4'" 1 
ATOM   458 C  "C3'" . DC  C 3 2  ? -5.382  -2.641  -8.864  1.00 68.80  ? 1   DC  C "C3'" 1 
ATOM   459 O  "O3'" . DC  C 3 2  ? -6.330  -3.431  -8.208  1.00 67.95  ? 1   DC  C "O3'" 1 
ATOM   460 C  "C2'" . DC  C 3 2  ? -3.964  -3.151  -8.600  1.00 77.34  ? 1   DC  C "C2'" 1 
ATOM   461 C  "C1'" . DC  C 3 2  ? -3.903  -4.317  -9.565  1.00 73.70  ? 1   DC  C "C1'" 1 
ATOM   462 N  N1    . DC  C 3 2  ? -2.528  -4.727  -9.966  1.00 72.17  ? 1   DC  C N1    1 
ATOM   463 C  C2    . DC  C 3 2  ? -2.209  -6.089  -10.038 1.00 69.01  ? 1   DC  C C2    1 
ATOM   464 O  O2    . DC  C 3 2  ? -3.073  -6.931  -9.740  1.00 66.23  ? 1   DC  C O2    1 
ATOM   465 N  N3    . DC  C 3 2  ? -0.964  -6.449  -10.427 1.00 67.74  ? 1   DC  C N3    1 
ATOM   466 C  C4    . DC  C 3 2  ? -0.067  -5.516  -10.748 1.00 69.86  ? 1   DC  C C4    1 
ATOM   467 N  N4    . DC  C 3 2  ? 1.149   -5.922  -11.134 1.00 67.99  ? 1   DC  C N4    1 
ATOM   468 C  C5    . DC  C 3 2  ? -0.375  -4.125  -10.688 1.00 68.53  ? 1   DC  C C5    1 
ATOM   469 C  C6    . DC  C 3 2  ? -1.609  -3.780  -10.302 1.00 71.49  ? 1   DC  C C6    1 
ATOM   470 P  P     . DA  C 3 3  ? -7.180  -2.814  -7.007  1.00 72.60  ? 2   DA  C P     1 
ATOM   471 O  OP1   . DA  C 3 3  ? -8.578  -3.265  -7.121  1.00 63.86  ? 2   DA  C OP1   1 
ATOM   472 O  OP2   . DA  C 3 3  ? -6.853  -1.367  -6.985  1.00 68.68  ? 2   DA  C OP2   1 
ATOM   473 O  "O5'" . DA  C 3 3  ? -6.593  -3.562  -5.735  1.00 72.65  ? 2   DA  C "O5'" 1 
ATOM   474 C  "C5'" . DA  C 3 3  ? -6.950  -4.903  -5.523  1.00 74.96  ? 2   DA  C "C5'" 1 
ATOM   475 C  "C4'" . DA  C 3 3  ? -5.778  -5.723  -5.030  1.00 70.79  ? 2   DA  C "C4'" 1 
ATOM   476 O  "O4'" . DA  C 3 3  ? -4.736  -5.759  -6.017  1.00 71.83  ? 2   DA  C "O4'" 1 
ATOM   477 C  "C3'" . DA  C 3 3  ? -5.048  -5.172  -3.836  1.00 72.90  ? 2   DA  C "C3'" 1 
ATOM   478 O  "O3'" . DA  C 3 3  ? -5.789  -5.350  -2.620  1.00 77.23  ? 2   DA  C "O3'" 1 
ATOM   479 C  "C2'" . DA  C 3 3  ? -3.770  -5.998  -3.867  1.00 76.41  ? 2   DA  C "C2'" 1 
ATOM   480 C  "C1'" . DA  C 3 3  ? -3.589  -6.275  -5.369  1.00 75.69  ? 2   DA  C "C1'" 1 
ATOM   481 N  N9    . DA  C 3 3  ? -2.385  -5.668  -5.914  1.00 73.88  ? 2   DA  C N9    1 
ATOM   482 C  C8    . DA  C 3 3  ? -2.099  -4.339  -6.004  1.00 72.33  ? 2   DA  C C8    1 
ATOM   483 N  N7    . DA  C 3 3  ? -0.919  -4.089  -6.522  1.00 71.89  ? 2   DA  C N7    1 
ATOM   484 C  C5    . DA  C 3 3  ? -0.392  -5.340  -6.775  1.00 69.48  ? 2   DA  C C5    1 
ATOM   485 C  C6    . DA  C 3 3  ? 0.830   -5.759  -7.325  1.00 70.43  ? 2   DA  C C6    1 
ATOM   486 N  N6    . DA  C 3 3  ? 1.782   -4.913  -7.731  1.00 72.51  ? 2   DA  C N6    1 
ATOM   487 N  N1    . DA  C 3 3  ? 1.043   -7.084  -7.438  1.00 71.32  ? 2   DA  C N1    1 
ATOM   488 C  C2    . DA  C 3 3  ? 0.085   -7.929  -7.032  1.00 72.39  ? 2   DA  C C2    1 
ATOM   489 N  N3    . DA  C 3 3  ? -1.107  -7.654  -6.506  1.00 71.17  ? 2   DA  C N3    1 
ATOM   490 C  C4    . DA  C 3 3  ? -1.280  -6.326  -6.398  1.00 73.44  ? 2   DA  C C4    1 
ATOM   491 P  P     . DT  C 3 4  ? -6.472  -6.743  -2.210  1.00 79.32  ? 3   DT  C P     1 
ATOM   492 O  OP1   . DT  C 3 4  ? -5.466  -7.821  -2.191  1.00 78.18  ? 3   DT  C OP1   1 
ATOM   493 O  OP2   . DT  C 3 4  ? -7.729  -6.884  -2.975  1.00 76.83  ? 3   DT  C OP2   1 
ATOM   494 O  "O5'" . DT  C 3 4  ? -6.900  -6.492  -0.691  1.00 79.74  ? 3   DT  C "O5'" 1 
ATOM   495 C  "C5'" . DT  C 3 4  ? -6.113  -5.630  0.126   1.00 75.29  ? 3   DT  C "C5'" 1 
ATOM   496 C  "C4'" . DT  C 3 4  ? -6.954  -4.995  1.220   1.00 70.69  ? 3   DT  C "C4'" 1 
ATOM   497 O  "O4'" . DT  C 3 4  ? -7.262  -3.639  0.855   1.00 71.12  ? 3   DT  C "O4'" 1 
ATOM   498 C  "C3'" . DT  C 3 4  ? -8.293  -5.660  1.469   1.00 70.26  ? 3   DT  C "C3'" 1 
ATOM   499 O  "O3'" . DT  C 3 4  ? -8.142  -6.672  2.437   1.00 73.59  ? 3   DT  C "O3'" 1 
ATOM   500 C  "C2'" . DT  C 3 4  ? -9.154  -4.515  2.000   1.00 69.95  ? 3   DT  C "C2'" 1 
ATOM   501 C  "C1'" . DT  C 3 4  ? -8.543  -3.282  1.339   1.00 64.88  ? 3   DT  C "C1'" 1 
ATOM   502 N  N1    . DT  C 3 4  ? -9.320  -2.746  0.203   1.00 61.81  ? 3   DT  C N1    1 
ATOM   503 C  C2    . DT  C 3 4  ? -10.481 -2.072  0.439   1.00 65.55  ? 3   DT  C C2    1 
ATOM   504 O  O2    . DT  C 3 4  ? -10.935 -1.903  1.549   1.00 75.25  ? 3   DT  C O2    1 
ATOM   505 N  N3    . DT  C 3 4  ? -11.107 -1.601  -0.682  1.00 63.69  ? 3   DT  C N3    1 
ATOM   506 C  C4    . DT  C 3 4  ? -10.679 -1.725  -1.986  1.00 61.47  ? 3   DT  C C4    1 
ATOM   507 O  O4    . DT  C 3 4  ? -11.305 -1.264  -2.930  1.00 66.94  ? 3   DT  C O4    1 
ATOM   508 C  C5    . DT  C 3 4  ? -9.449  -2.440  -2.160  1.00 58.05  ? 3   DT  C C5    1 
ATOM   509 C  C7    . DT  C 3 4  ? -8.885  -2.643  -3.528  1.00 65.96  ? 3   DT  C C7    1 
ATOM   510 C  C6    . DT  C 3 4  ? -8.837  -2.908  -1.073  1.00 66.81  ? 3   DT  C C6    1 
ATOM   511 P  P     . DC  C 3 5  ? -9.172  -7.900  2.498   1.00 86.37  ? 4   DC  C P     1 
ATOM   512 O  OP1   . DC  C 3 5  ? -8.680  -8.813  3.553   1.00 78.59  ? 4   DC  C OP1   1 
ATOM   513 O  OP2   . DC  C 3 5  ? -9.404  -8.388  1.123   1.00 84.92  ? 4   DC  C OP2   1 
ATOM   514 O  "O5'" . DC  C 3 5  ? -10.526 -7.246  3.014   1.00 73.49  ? 4   DC  C "O5'" 1 
ATOM   515 C  "C5'" . DC  C 3 5  ? -10.590 -6.720  4.329   1.00 80.38  ? 4   DC  C "C5'" 1 
ATOM   516 C  "C4'" . DC  C 3 5  ? -11.950 -6.116  4.580   1.00 80.35  ? 4   DC  C "C4'" 1 
ATOM   517 O  "O4'" . DC  C 3 5  ? -12.104 -4.945  3.754   1.00 80.64  ? 4   DC  C "O4'" 1 
ATOM   518 C  "C3'" . DC  C 3 5  ? -13.104 -7.035  4.229   1.00 76.56  ? 4   DC  C "C3'" 1 
ATOM   519 O  "O3'" . DC  C 3 5  ? -13.496 -7.745  5.404   1.00 90.07  ? 4   DC  C "O3'" 1 
ATOM   520 C  "C2'" . DC  C 3 5  ? -14.193 -6.089  3.723   1.00 77.73  ? 4   DC  C "C2'" 1 
ATOM   521 C  "C1'" . DC  C 3 5  ? -13.435 -4.837  3.294   1.00 79.97  ? 4   DC  C "C1'" 1 
ATOM   522 N  N1    . DC  C 3 5  ? -13.404 -4.603  1.819   1.00 68.82  ? 4   DC  C N1    1 
ATOM   523 C  C2    . DC  C 3 5  ? -14.359 -3.767  1.235   1.00 69.64  ? 4   DC  C C2    1 
ATOM   524 O  O2    . DC  C 3 5  ? -15.237 -3.261  1.945   1.00 73.95  ? 4   DC  C O2    1 
ATOM   525 N  N3    . DC  C 3 5  ? -14.302 -3.544  -0.095  1.00 67.75  ? 4   DC  C N3    1 
ATOM   526 C  C4    . DC  C 3 5  ? -13.345 -4.108  -0.828  1.00 68.27  ? 4   DC  C C4    1 
ATOM   527 N  N4    . DC  C 3 5  ? -13.337 -3.856  -2.142  1.00 67.66  ? 4   DC  C N4    1 
ATOM   528 C  C5    . DC  C 3 5  ? -12.357 -4.959  -0.251  1.00 66.95  ? 4   DC  C C5    1 
ATOM   529 C  C6    . DC  C 3 5  ? -12.424 -5.173  1.064   1.00 69.56  ? 4   DC  C C6    1 
ATOM   530 P  P     . DG  C 3 6  ? -15.016 -8.219  5.638   1.00 101.15 ? 5   DG  C P     1 
ATOM   531 O  OP1   . DG  C 3 6  ? -15.022 -9.069  6.848   1.00 102.85 ? 5   DG  C OP1   1 
ATOM   532 O  OP2   . DG  C 3 6  ? -15.522 -8.791  4.374   1.00 96.41  ? 5   DG  C OP2   1 
ATOM   533 O  "O5'" . DG  C 3 6  ? -15.785 -6.862  5.985   1.00 84.43  ? 5   DG  C "O5'" 1 
ATOM   534 C  "C5'" . DG  C 3 6  ? -17.080 -6.897  6.526   1.00 93.52  ? 5   DG  C "C5'" 1 
ATOM   535 C  "C4'" . DG  C 3 6  ? -18.145 -6.754  5.446   1.00 94.62  ? 5   DG  C "C4'" 1 
ATOM   536 O  "O4'" . DG  C 3 6  ? -17.664 -5.964  4.339   1.00 91.61  ? 5   DG  C "O4'" 1 
ATOM   537 C  "C3'" . DG  C 3 6  ? -18.566 -8.032  4.769   1.00 94.12  ? 5   DG  C "C3'" 1 
ATOM   538 O  "O3'" . DG  C 3 6  ? -19.411 -8.786  5.621   1.00 102.68 ? 5   DG  C "O3'" 1 
ATOM   539 C  "C2'" . DG  C 3 6  ? -19.321 -7.479  3.560   1.00 87.46  ? 5   DG  C "C2'" 1 
ATOM   540 C  "C1'" . DG  C 3 6  ? -18.507 -6.225  3.220   1.00 80.07  ? 5   DG  C "C1'" 1 
ATOM   541 N  N9    . DG  C 3 6  ? -17.684 -6.376  2.023   1.00 76.93  ? 5   DG  C N9    1 
ATOM   542 C  C8    . DG  C 3 6  ? -16.591 -7.192  1.869   1.00 79.29  ? 5   DG  C C8    1 
ATOM   543 N  N7    . DG  C 3 6  ? -16.048 -7.118  0.684   1.00 74.02  ? 5   DG  C N7    1 
ATOM   544 C  C5    . DG  C 3 6  ? -16.838 -6.198  0.007   1.00 66.44  ? 5   DG  C C5    1 
ATOM   545 C  C6    . DG  C 3 6  ? -16.733 -5.710  -1.311  1.00 67.72  ? 5   DG  C C6    1 
ATOM   546 O  O6    . DG  C 3 6  ? -15.900 -6.008  -2.177  1.00 68.85  ? 5   DG  C O6    1 
ATOM   547 N  N1    . DG  C 3 6  ? -17.726 -4.781  -1.596  1.00 70.40  ? 5   DG  C N1    1 
ATOM   548 C  C2    . DG  C 3 6  ? -18.702 -4.381  -0.720  1.00 72.19  ? 5   DG  C C2    1 
ATOM   549 N  N2    . DG  C 3 6  ? -19.581 -3.480  -1.186  1.00 69.98  ? 5   DG  C N2    1 
ATOM   550 N  N3    . DG  C 3 6  ? -18.813 -4.831  0.523   1.00 70.69  ? 5   DG  C N3    1 
ATOM   551 C  C4    . DG  C 3 6  ? -17.850 -5.734  0.816   1.00 69.90  ? 5   DG  C C4    1 
ATOM   552 O  "O5'" . DT  D 4 1  ? -4.066  20.833  12.983  1.00 141.35 ? 2   DT  D "O5'" 1 
ATOM   553 C  "C5'" . DT  D 4 1  ? -5.144  20.361  12.178  1.00 132.69 ? 2   DT  D "C5'" 1 
ATOM   554 C  "C4'" . DT  D 4 1  ? -6.053  21.505  11.761  1.00 129.25 ? 2   DT  D "C4'" 1 
ATOM   555 O  "O4'" . DT  D 4 1  ? -5.378  22.335  10.765  1.00 119.96 ? 2   DT  D "O4'" 1 
ATOM   556 C  "C3'" . DT  D 4 1  ? -7.380  21.081  11.130  1.00 129.49 ? 2   DT  D "C3'" 1 
ATOM   557 O  "O3'" . DT  D 4 1  ? -8.451  21.871  11.669  1.00 133.47 ? 2   DT  D "O3'" 1 
ATOM   558 C  "C2'" . DT  D 4 1  ? -7.148  21.347  9.648   1.00 123.87 ? 2   DT  D "C2'" 1 
ATOM   559 C  "C1'" . DT  D 4 1  ? -6.247  22.562  9.685   1.00 115.01 ? 2   DT  D "C1'" 1 
ATOM   560 N  N1    . DT  D 4 1  ? -5.450  22.703  8.444   1.00 105.13 ? 2   DT  D N1    1 
ATOM   561 C  C2    . DT  D 4 1  ? -6.053  23.213  7.322   1.00 100.48 ? 2   DT  D C2    1 
ATOM   562 O  O2    . DT  D 4 1  ? -7.212  23.583  7.298   1.00 103.08 ? 2   DT  D O2    1 
ATOM   563 N  N3    . DT  D 4 1  ? -5.246  23.284  6.222   1.00 95.81  ? 2   DT  D N3    1 
ATOM   564 C  C4    . DT  D 4 1  ? -3.925  22.895  6.131   1.00 95.80  ? 2   DT  D C4    1 
ATOM   565 O  O4    . DT  D 4 1  ? -3.279  22.999  5.096   1.00 94.24  ? 2   DT  D O4    1 
ATOM   566 C  C5    . DT  D 4 1  ? -3.355  22.356  7.342   1.00 96.96  ? 2   DT  D C5    1 
ATOM   567 C  C7    . DT  D 4 1  ? -1.928  21.902  7.361   1.00 94.69  ? 2   DT  D C7    1 
ATOM   568 C  C6    . DT  D 4 1  ? -4.138  22.282  8.428   1.00 103.18 ? 2   DT  D C6    1 
ATOM   569 P  P     . DC  D 4 2  ? -9.823  22.126  10.859  1.00 140.10 ? 3   DC  D P     1 
ATOM   570 O  OP1   . DC  D 4 2  ? -9.530  23.023  9.712   1.00 133.17 ? 3   DC  D OP1   1 
ATOM   571 O  OP2   . DC  D 4 2  ? -10.773 22.616  11.880  1.00 152.51 ? 3   DC  D OP2   1 
ATOM   572 O  "O5'" . DC  D 4 2  ? -10.354 20.665  10.428  1.00 124.51 ? 3   DC  D "O5'" 1 
ATOM   573 C  "C5'" . DC  D 4 2  ? -10.204 20.162  9.083   1.00 126.42 ? 3   DC  D "C5'" 1 
ATOM   574 C  "C4'" . DC  D 4 2  ? -10.936 21.021  8.063   1.00 122.54 ? 3   DC  D "C4'" 1 
ATOM   575 O  "O4'" . DC  D 4 2  ? -9.957  21.677  7.206   1.00 116.01 ? 3   DC  D "O4'" 1 
ATOM   576 C  "C3'" . DC  D 4 2  ? -11.823 20.250  7.104   1.00 120.80 ? 3   DC  D "C3'" 1 
ATOM   577 O  "O3'" . DC  D 4 2  ? -12.796 21.127  6.534   1.00 126.12 ? 3   DC  D "O3'" 1 
ATOM   578 C  "C2'" . DC  D 4 2  ? -10.805 19.798  6.067   1.00 115.49 ? 3   DC  D "C2'" 1 
ATOM   579 C  "C1'" . DC  D 4 2  ? -9.950  21.052  5.928   1.00 111.46 ? 3   DC  D "C1'" 1 
ATOM   580 N  N1    . DC  D 4 2  ? -8.530  20.766  5.526   1.00 98.56  ? 3   DC  D N1    1 
ATOM   581 C  C2    . DC  D 4 2  ? -8.116  21.008  4.208   1.00 92.88  ? 3   DC  D C2    1 
ATOM   582 O  O2    . DC  D 4 2  ? -8.928  21.464  3.395   1.00 93.02  ? 3   DC  D O2    1 
ATOM   583 N  N3    . DC  D 4 2  ? -6.833  20.738  3.862   1.00 90.81  ? 3   DC  D N3    1 
ATOM   584 C  C4    . DC  D 4 2  ? -5.987  20.248  4.771   1.00 92.69  ? 3   DC  D C4    1 
ATOM   585 N  N4    . DC  D 4 2  ? -4.729  20.001  4.388   1.00 91.59  ? 3   DC  D N4    1 
ATOM   586 C  C5    . DC  D 4 2  ? -6.390  19.991  6.115   1.00 92.52  ? 3   DC  D C5    1 
ATOM   587 C  C6    . DC  D 4 2  ? -7.657  20.258  6.443   1.00 97.76  ? 3   DC  D C6    1 
ATOM   588 P  P     . DG  D 4 3  ? -13.984 20.545  5.616   1.00 129.99 ? 4   DG  D P     1 
ATOM   589 O  OP1   . DG  D 4 3  ? -14.819 21.682  5.171   1.00 131.95 ? 4   DG  D OP1   1 
ATOM   590 O  OP2   . DG  D 4 3  ? -14.602 19.404  6.329   1.00 119.44 ? 4   DG  D OP2   1 
ATOM   591 O  "O5'" . DG  D 4 3  ? -13.231 19.991  4.326   1.00 116.87 ? 4   DG  D "O5'" 1 
ATOM   592 C  "C5'" . DG  D 4 3  ? -13.965 19.422  3.279   1.00 116.57 ? 4   DG  D "C5'" 1 
ATOM   593 C  "C4'" . DG  D 4 3  ? -13.331 19.758  1.948   1.00 114.19 ? 4   DG  D "C4'" 1 
ATOM   594 O  "O4'" . DG  D 4 3  ? -11.893 19.890  2.108   1.00 104.99 ? 4   DG  D "O4'" 1 
ATOM   595 C  "C3'" . DG  D 4 3  ? -13.543 18.712  0.870   1.00 114.99 ? 4   DG  D "C3'" 1 
ATOM   596 O  "O3'" . DG  D 4 3  ? -13.746 19.348  -0.370  1.00 118.94 ? 4   DG  D "O3'" 1 
ATOM   597 C  "C2'" . DG  D 4 3  ? -12.242 17.912  0.898   1.00 107.29 ? 4   DG  D "C2'" 1 
ATOM   598 C  "C1'" . DG  D 4 3  ? -11.225 18.984  1.255   1.00 98.34  ? 4   DG  D "C1'" 1 
ATOM   599 N  N9    . DG  D 4 3  ? -10.053 18.477  1.965   1.00 92.60  ? 4   DG  D N9    1 
ATOM   600 C  C8    . DG  D 4 3  ? -9.983  18.106  3.286   1.00 92.67  ? 4   DG  D C8    1 
ATOM   601 N  N7    . DG  D 4 3  ? -8.799  17.703  3.653   1.00 84.56  ? 4   DG  D N7    1 
ATOM   602 C  C5    . DG  D 4 3  ? -8.031  17.820  2.505   1.00 82.84  ? 4   DG  D C5    1 
ATOM   603 C  C6    . DG  D 4 3  ? -6.666  17.531  2.294   1.00 83.37  ? 4   DG  D C6    1 
ATOM   604 O  O6    . DG  D 4 3  ? -5.838  17.100  3.107   1.00 83.39  ? 4   DG  D O6    1 
ATOM   605 N  N1    . DG  D 4 3  ? -6.283  17.787  0.982   1.00 83.83  ? 4   DG  D N1    1 
ATOM   606 C  C2    . DG  D 4 3  ? -7.115  18.266  -0.001  1.00 85.69  ? 4   DG  D C2    1 
ATOM   607 N  N2    . DG  D 4 3  ? -6.563  18.454  -1.208  1.00 86.77  ? 4   DG  D N2    1 
ATOM   608 N  N3    . DG  D 4 3  ? -8.399  18.543  0.185   1.00 87.19  ? 4   DG  D N3    1 
ATOM   609 C  C4    . DG  D 4 3  ? -8.787  18.296  1.457   1.00 86.37  ? 4   DG  D C4    1 
ATOM   610 P  P     . DA  D 4 4  ? -14.571 18.595  -1.518  1.00 122.28 ? 5   DA  D P     1 
ATOM   611 O  OP1   . DA  D 4 4  ? -15.106 19.623  -2.441  1.00 118.44 ? 5   DA  D OP1   1 
ATOM   612 O  OP2   . DA  D 4 4  ? -15.483 17.632  -0.859  1.00 115.83 ? 5   DA  D OP2   1 
ATOM   613 O  "O5'" . DA  D 4 4  ? -13.445 17.766  -2.279  1.00 110.60 ? 5   DA  D "O5'" 1 
ATOM   614 C  "C5'" . DA  D 4 4  ? -12.308 18.440  -2.770  1.00 108.89 ? 5   DA  D "C5'" 1 
ATOM   615 C  "C4'" . DA  D 4 4  ? -11.335 17.455  -3.363  1.00 107.65 ? 5   DA  D "C4'" 1 
ATOM   616 O  "O4'" . DA  D 4 4  ? -10.330 17.115  -2.375  1.00 103.18 ? 5   DA  D "O4'" 1 
ATOM   617 C  "C3'" . DA  D 4 4  ? -11.969 16.135  -3.807  1.00 105.10 ? 5   DA  D "C3'" 1 
ATOM   618 O  "O3'" . DA  D 4 4  ? -11.501 15.787  -5.095  1.00 105.72 ? 5   DA  D "O3'" 1 
ATOM   619 C  "C2'" . DA  D 4 4  ? -11.500 15.141  -2.746  1.00 101.58 ? 5   DA  D "C2'" 1 
ATOM   620 C  "C1'" . DA  D 4 4  ? -10.150 15.724  -2.367  1.00 96.09  ? 5   DA  D "C1'" 1 
ATOM   621 N  N9    . DA  D 4 4  ? -9.692  15.331  -1.043  1.00 87.56  ? 5   DA  D N9    1 
ATOM   622 C  C8    . DA  D 4 4  ? -10.439 15.226  0.096   1.00 85.17  ? 5   DA  D C8    1 
ATOM   623 N  N7    . DA  D 4 4  ? -9.749  14.849  1.147   1.00 83.30  ? 5   DA  D N7    1 
ATOM   624 C  C5    . DA  D 4 4  ? -8.462  14.698  0.660   1.00 78.45  ? 5   DA  D C5    1 
ATOM   625 C  C6    . DA  D 4 4  ? -7.255  14.316  1.272   1.00 78.66  ? 5   DA  D C6    1 
ATOM   626 N  N6    . DA  D 4 4  ? -7.154  14.002  2.566   1.00 78.03  ? 5   DA  D N6    1 
ATOM   627 N  N1    . DA  D 4 4  ? -6.151  14.266  0.498   1.00 79.86  ? 5   DA  D N1    1 
ATOM   628 C  C2    . DA  D 4 4  ? -6.256  14.580  -0.798  1.00 78.48  ? 5   DA  D C2    1 
ATOM   629 N  N3    . DA  D 4 4  ? -7.334  14.955  -1.483  1.00 79.51  ? 5   DA  D N3    1 
ATOM   630 C  C4    . DA  D 4 4  ? -8.412  14.993  -0.688  1.00 81.52  ? 5   DA  D C4    1 
ATOM   631 P  P     . DG  D 4 5  ? -12.421 14.911  -6.079  1.00 122.74 ? 6   DG  D P     1 
ATOM   632 O  OP1   . DG  D 4 5  ? -12.824 15.759  -7.222  1.00 122.33 ? 6   DG  D OP1   1 
ATOM   633 O  OP2   . DG  D 4 5  ? -13.452 14.249  -5.248  1.00 115.08 ? 6   DG  D OP2   1 
ATOM   634 O  "O5'" . DG  D 4 5  ? -11.428 13.783  -6.601  1.00 108.90 ? 6   DG  D "O5'" 1 
ATOM   635 C  "C5'" . DG  D 4 5  ? -10.684 13.039  -5.662  1.00 104.91 ? 6   DG  D "C5'" 1 
ATOM   636 C  "C4'" . DG  D 4 5  ? -9.251  12.876  -6.115  1.00 98.79  ? 6   DG  D "C4'" 1 
ATOM   637 O  "O4'" . DG  D 4 5  ? -8.364  13.193  -5.019  1.00 94.72  ? 6   DG  D "O4'" 1 
ATOM   638 C  "C3'" . DG  D 4 5  ? -8.894  11.468  -6.556  1.00 95.03  ? 6   DG  D "C3'" 1 
ATOM   639 O  "O3'" . DG  D 4 5  ? -8.004  11.490  -7.643  1.00 100.63 ? 6   DG  D "O3'" 1 
ATOM   640 C  "C2'" . DG  D 4 5  ? -8.255  10.833  -5.326  1.00 87.56  ? 6   DG  D "C2'" 1 
ATOM   641 C  "C1'" . DG  D 4 5  ? -7.843  12.014  -4.449  1.00 84.48  ? 6   DG  D "C1'" 1 
ATOM   642 N  N9    . DG  D 4 5  ? -8.336  11.882  -3.082  1.00 76.72  ? 6   DG  D N9    1 
ATOM   643 C  C8    . DG  D 4 5  ? -9.618  12.084  -2.634  1.00 79.65  ? 6   DG  D C8    1 
ATOM   644 N  N7    . DG  D 4 5  ? -9.761  11.863  -1.355  1.00 78.02  ? 6   DG  D N7    1 
ATOM   645 C  C5    . DG  D 4 5  ? -8.498  11.480  -0.936  1.00 70.29  ? 6   DG  D C5    1 
ATOM   646 C  C6    . DG  D 4 5  ? -8.042  11.113  0.345   1.00 73.54  ? 6   DG  D C6    1 
ATOM   647 O  O6    . DG  D 4 5  ? -8.689  11.052  1.398   1.00 79.31  ? 6   DG  D O6    1 
ATOM   648 N  N1    . DG  D 4 5  ? -6.684  10.797  0.338   1.00 75.56  ? 6   DG  D N1    1 
ATOM   649 C  C2    . DG  D 4 5  ? -5.876  10.831  -0.779  1.00 77.16  ? 6   DG  D C2    1 
ATOM   650 N  N2    . DG  D 4 5  ? -4.591  10.489  -0.602  1.00 76.99  ? 6   DG  D N2    1 
ATOM   651 N  N3    . DG  D 4 5  ? -6.299  11.169  -1.987  1.00 73.05  ? 6   DG  D N3    1 
ATOM   652 C  C4    . DG  D 4 5  ? -7.613  11.480  -1.988  1.00 72.63  ? 6   DG  D C4    1 
ATOM   653 P  P     . DT  D 4 6  ? -7.822  10.164  -8.526  1.00 105.53 ? 7   DT  D P     1 
ATOM   654 O  OP1   . DT  D 4 6  ? -7.141  10.538  -9.787  1.00 97.42  ? 7   DT  D OP1   1 
ATOM   655 O  OP2   . DT  D 4 6  ? -9.140  9.490   -8.555  1.00 102.74 ? 7   DT  D OP2   1 
ATOM   656 O  "O5'" . DT  D 4 6  ? -6.850  9.248   -7.645  1.00 94.61  ? 7   DT  D "O5'" 1 
ATOM   657 C  "C5'" . DT  D 4 6  ? -5.538  9.693   -7.343  1.00 83.37  ? 7   DT  D "C5'" 1 
ATOM   658 C  "C4'" . DT  D 4 6  ? -4.844  8.725   -6.402  1.00 83.61  ? 7   DT  D "C4'" 1 
ATOM   659 O  "O4'" . DT  D 4 6  ? -5.385  8.865   -5.069  1.00 85.95  ? 7   DT  D "O4'" 1 
ATOM   660 C  "C3'" . DT  D 4 6  ? -4.983  7.238   -6.762  1.00 80.83  ? 7   DT  D "C3'" 1 
ATOM   661 O  "O3'" . DT  D 4 6  ? -3.691  6.660   -6.874  1.00 77.72  ? 7   DT  D "O3'" 1 
ATOM   662 C  "C2'" . DT  D 4 6  ? -5.783  6.640   -5.590  1.00 73.34  ? 7   DT  D "C2'" 1 
ATOM   663 C  "C1'" . DT  D 4 6  ? -5.436  7.596   -4.466  1.00 76.11  ? 7   DT  D "C1'" 1 
ATOM   664 N  N1    . DT  D 4 6  ? -6.435  7.660   -3.368  1.00 67.83  ? 7   DT  D N1    1 
ATOM   665 C  C2    . DT  D 4 6  ? -6.031  7.402   -2.083  1.00 69.69  ? 7   DT  D C2    1 
ATOM   666 O  O2    . DT  D 4 6  ? -4.895  7.078   -1.797  1.00 74.82  ? 7   DT  D O2    1 
ATOM   667 N  N3    . DT  D 4 6  ? -7.010  7.521   -1.139  1.00 67.77  ? 7   DT  D N3    1 
ATOM   668 C  C4    . DT  D 4 6  ? -8.329  7.872   -1.349  1.00 69.73  ? 7   DT  D C4    1 
ATOM   669 O  O4    . DT  D 4 6  ? -9.145  7.949   -0.436  1.00 72.52  ? 7   DT  D O4    1 
ATOM   670 C  C5    . DT  D 4 6  ? -8.683  8.143   -2.717  1.00 64.57  ? 7   DT  D C5    1 
ATOM   671 C  C7    . DT  D 4 6  ? -10.086 8.536   -3.061  1.00 63.90  ? 7   DT  D C7    1 
ATOM   672 C  C6    . DT  D 4 6  ? -7.728  8.028   -3.650  1.00 66.39  ? 7   DT  D C6    1 
ATOM   673 P  P     . DC  D 4 7  ? -3.516  5.116   -7.271  1.00 84.41  ? 8   DC  D P     1 
ATOM   674 O  OP1   . DC  D 4 7  ? -2.231  4.988   -7.990  1.00 75.97  ? 8   DC  D OP1   1 
ATOM   675 O  OP2   . DC  D 4 7  ? -4.765  4.645   -7.909  1.00 79.18  ? 8   DC  D OP2   1 
ATOM   676 O  "O5'" . DC  D 4 7  ? -3.375  4.385   -5.861  1.00 81.44  ? 8   DC  D "O5'" 1 
ATOM   677 C  "C5'" . DC  D 4 7  ? -2.322  4.742   -4.983  1.00 73.37  ? 8   DC  D "C5'" 1 
ATOM   678 C  "C4'" . DC  D 4 7  ? -2.291  3.821   -3.780  1.00 69.39  ? 8   DC  D "C4'" 1 
ATOM   679 O  "O4'" . DC  D 4 7  ? -3.333  4.199   -2.841  1.00 71.90  ? 8   DC  D "O4'" 1 
ATOM   680 C  "C3'" . DC  D 4 7  ? -2.519  2.342   -4.090  1.00 70.85  ? 8   DC  D "C3'" 1 
ATOM   681 O  "O3'" . DC  D 4 7  ? -1.646  1.567   -3.302  1.00 75.53  ? 8   DC  D "O3'" 1 
ATOM   682 C  "C2'" . DC  D 4 7  ? -3.980  2.120   -3.688  1.00 73.71  ? 8   DC  D "C2'" 1 
ATOM   683 C  "C1'" . DC  D 4 7  ? -4.101  3.059   -2.499  1.00 70.68  ? 8   DC  D "C1'" 1 
ATOM   684 N  N1    . DC  D 4 7  ? -5.502  3.514   -2.197  1.00 65.13  ? 8   DC  D N1    1 
ATOM   685 C  C2    . DC  D 4 7  ? -5.936  3.560   -0.870  1.00 66.70  ? 8   DC  D C2    1 
ATOM   686 O  O2    . DC  D 4 7  ? -5.170  3.188   0.020   1.00 70.93  ? 8   DC  D O2    1 
ATOM   687 N  N3    . DC  D 4 7  ? -7.188  3.996   -0.600  1.00 67.37  ? 8   DC  D N3    1 
ATOM   688 C  C4    . DC  D 4 7  ? -7.988  4.381   -1.591  1.00 65.74  ? 8   DC  D C4    1 
ATOM   689 N  N4    . DC  D 4 7  ? -9.217  4.799   -1.274  1.00 66.11  ? 8   DC  D N4    1 
ATOM   690 C  C5    . DC  D 4 7  ? -7.565  4.355   -2.953  1.00 61.00  ? 8   DC  D C5    1 
ATOM   691 C  C6    . DC  D 4 7  ? -6.324  3.921   -3.208  1.00 65.20  ? 8   DC  D C6    1 
ATOM   692 P  P     . DG  D 4 8  ? -1.284  0.068   -3.737  1.00 83.00  ? 9   DG  D P     1 
ATOM   693 O  OP1   . DG  D 4 8  ? 0.183   -0.066  -3.713  1.00 84.85  ? 9   DG  D OP1   1 
ATOM   694 O  OP2   . DG  D 4 8  ? -2.028  -0.220  -4.980  1.00 84.11  ? 9   DG  D OP2   1 
ATOM   695 O  "O5'" . DG  D 4 8  ? -1.907  -0.815  -2.566  1.00 78.75  ? 9   DG  D "O5'" 1 
ATOM   696 C  "C5'" . DG  D 4 8  ? -1.702  -0.436  -1.227  1.00 74.31  ? 9   DG  D "C5'" 1 
ATOM   697 C  "C4'" . DG  D 4 8  ? -2.798  -0.989  -0.348  1.00 75.21  ? 9   DG  D "C4'" 1 
ATOM   698 O  "O4'" . DG  D 4 8  ? -3.998  -0.204  -0.522  1.00 76.72  ? 9   DG  D "O4'" 1 
ATOM   699 C  "C3'" . DG  D 4 8  ? -3.197  -2.442  -0.640  1.00 74.95  ? 9   DG  D "C3'" 1 
ATOM   700 O  "O3'" . DG  D 4 8  ? -3.075  -3.218  0.537   1.00 76.97  ? 9   DG  D "O3'" 1 
ATOM   701 C  "C2'" . DG  D 4 8  ? -4.662  -2.338  -1.082  1.00 76.09  ? 9   DG  D "C2'" 1 
ATOM   702 C  "C1'" . DG  D 4 8  ? -5.095  -1.061  -0.388  1.00 69.61  ? 9   DG  D "C1'" 1 
ATOM   703 N  N9    . DG  D 4 8  ? -6.255  -0.420  -0.987  1.00 65.43  ? 9   DG  D N9    1 
ATOM   704 C  C8    . DG  D 4 8  ? -6.478  -0.175  -2.318  1.00 63.92  ? 9   DG  D C8    1 
ATOM   705 N  N7    . DG  D 4 8  ? -7.608  0.427   -2.550  1.00 65.20  ? 9   DG  D N7    1 
ATOM   706 C  C5    . DG  D 4 8  ? -8.163  0.603   -1.293  1.00 60.51  ? 9   DG  D C5    1 
ATOM   707 C  C6    . DG  D 4 8  ? -9.377  1.205   -0.914  1.00 64.88  ? 9   DG  D C6    1 
ATOM   708 O  O6    . DG  D 4 8  ? -10.238 1.714   -1.643  1.00 68.75  ? 9   DG  D O6    1 
ATOM   709 N  N1    . DG  D 4 8  ? -9.559  1.172   0.463   1.00 63.97  ? 9   DG  D N1    1 
ATOM   710 C  C2    . DG  D 4 8  ? -8.669  0.625   1.358   1.00 68.37  ? 9   DG  D C2    1 
ATOM   711 N  N2    . DG  D 4 8  ? -9.011  0.683   2.651   1.00 72.84  ? 9   DG  D N2    1 
ATOM   712 N  N3    . DG  D 4 8  ? -7.527  0.062   1.012   1.00 68.79  ? 9   DG  D N3    1 
ATOM   713 C  C4    . DG  D 4 8  ? -7.342  0.086   -0.323  1.00 64.68  ? 9   DG  D C4    1 
ATOM   714 P  P     . DC  D 4 9  ? -1.692  -3.949  0.885   1.00 86.40  ? 10  DC  D P     1 
ATOM   715 O  OP1   . DC  D 4 9  ? -1.824  -4.467  2.263   1.00 78.38  ? 10  DC  D OP1   1 
ATOM   716 O  OP2   . DC  D 4 9  ? -0.578  -3.059  0.489   1.00 75.27  ? 10  DC  D OP2   1 
ATOM   717 O  "O5'" . DC  D 4 9  ? -1.626  -5.180  -0.125  1.00 78.46  ? 10  DC  D "O5'" 1 
ATOM   718 C  "C5'" . DC  D 4 9  ? -2.408  -6.333  0.105   1.00 77.58  ? 10  DC  D "C5'" 1 
ATOM   719 C  "C4'" . DC  D 4 9  ? -1.977  -7.442  -0.832  1.00 78.32  ? 10  DC  D "C4'" 1 
ATOM   720 O  "O4'" . DC  D 4 9  ? -1.563  -6.863  -2.084  1.00 76.74  ? 10  DC  D "O4'" 1 
ATOM   721 C  "C3'" . DC  D 4 9  ? -0.769  -8.221  -0.369  1.00 79.89  ? 10  DC  D "C3'" 1 
ATOM   722 O  "O3'" . DC  D 4 9  ? -1.172  -9.269  0.493   1.00 78.99  ? 10  DC  D "O3'" 1 
ATOM   723 C  "C2'" . DC  D 4 9  ? -0.184  -8.758  -1.682  1.00 80.50  ? 10  DC  D "C2'" 1 
ATOM   724 C  "C1'" . DC  D 4 9  ? -0.648  -7.727  -2.727  1.00 74.02  ? 10  DC  D "C1'" 1 
ATOM   725 N  N1    . DC  D 4 9  ? 0.446   -6.885  -3.314  1.00 66.92  ? 10  DC  D N1    1 
ATOM   726 C  C2    . DC  D 4 9  ? 1.510   -7.480  -3.995  1.00 72.93  ? 10  DC  D C2    1 
ATOM   727 O  O2    . DC  D 4 9  ? 1.554   -8.709  -4.102  1.00 78.43  ? 10  DC  D O2    1 
ATOM   728 N  N3    . DC  D 4 9  ? 2.475   -6.687  -4.517  1.00 74.31  ? 10  DC  D N3    1 
ATOM   729 C  C4    . DC  D 4 9  ? 2.401   -5.365  -4.386  1.00 69.90  ? 10  DC  D C4    1 
ATOM   730 N  N4    . DC  D 4 9  ? 3.377   -4.629  -4.920  1.00 70.65  ? 10  DC  D N4    1 
ATOM   731 C  C5    . DC  D 4 9  ? 1.326   -4.742  -3.709  1.00 67.05  ? 10  DC  D C5    1 
ATOM   732 C  C6    . DC  D 4 9  ? 0.377   -5.532  -3.197  1.00 72.98  ? 10  DC  D C6    1 
ATOM   733 P  P     . DT  D 4 10 ? -0.215  -9.697  1.706   1.00 87.20  ? 11  DT  D P     1 
ATOM   734 O  OP1   . DT  D 4 10 ? -0.884  -10.754 2.493   1.00 77.14  ? 11  DT  D OP1   1 
ATOM   735 O  OP2   . DT  D 4 10 ? 0.206   -8.447  2.377   1.00 79.87  ? 11  DT  D OP2   1 
ATOM   736 O  "O5'" . DT  D 4 10 ? 1.049   -10.328 0.970   1.00 75.43  ? 11  DT  D "O5'" 1 
ATOM   737 C  "C5'" . DT  D 4 10 ? 0.934   -11.589 0.339   1.00 76.73  ? 11  DT  D "C5'" 1 
ATOM   738 C  "C4'" . DT  D 4 10 ? 2.201   -11.911 -0.418  1.00 76.40  ? 11  DT  D "C4'" 1 
ATOM   739 O  "O4'" . DT  D 4 10 ? 2.567   -10.757 -1.197  1.00 72.88  ? 11  DT  D "O4'" 1 
ATOM   740 C  "C3'" . DT  D 4 10 ? 3.409   -12.230 0.466   1.00 85.40  ? 11  DT  D "C3'" 1 
ATOM   741 O  "O3'" . DT  D 4 10 ? 3.993   -13.463 0.077   1.00 95.99  ? 11  DT  D "O3'" 1 
ATOM   742 C  "C2'" . DT  D 4 10 ? 4.367   -11.060 0.238   1.00 84.65  ? 11  DT  D "C2'" 1 
ATOM   743 C  "C1'" . DT  D 4 10 ? 3.950   -10.562 -1.129  1.00 76.56  ? 11  DT  D "C1'" 1 
ATOM   744 N  N1    . DT  D 4 10 ? 4.210   -9.122  -1.322  1.00 73.61  ? 11  DT  D N1    1 
ATOM   745 C  C2    . DT  D 4 10 ? 5.312   -8.731  -2.037  1.00 79.51  ? 11  DT  D C2    1 
ATOM   746 O  O2    . DT  D 4 10 ? 6.104   -9.516  -2.522  1.00 87.87  ? 11  DT  D O2    1 
ATOM   747 N  N3    . DT  D 4 10 ? 5.460   -7.379  -2.165  1.00 78.50  ? 11  DT  D N3    1 
ATOM   748 C  C4    . DT  D 4 10 ? 4.630   -6.400  -1.657  1.00 77.65  ? 11  DT  D C4    1 
ATOM   749 O  O4    . DT  D 4 10 ? 4.847   -5.204  -1.826  1.00 80.10  ? 11  DT  D O4    1 
ATOM   750 C  C5    . DT  D 4 10 ? 3.490   -6.879  -0.918  1.00 71.65  ? 11  DT  D C5    1 
ATOM   751 C  C7    . DT  D 4 10 ? 2.521   -5.909  -0.323  1.00 71.80  ? 11  DT  D C7    1 
ATOM   752 C  C6    . DT  D 4 10 ? 3.334   -8.201  -0.788  1.00 74.70  ? 11  DT  D C6    1 
ATOM   753 P  P     . DG  D 4 11 ? 5.174   -14.101 0.960   1.00 100.38 ? 12  DG  D P     1 
ATOM   754 O  OP1   . DG  D 4 11 ? 5.153   -15.570 0.766   1.00 94.52  ? 12  DG  D OP1   1 
ATOM   755 O  OP2   . DG  D 4 11 ? 5.034   -13.536 2.318   1.00 94.38  ? 12  DG  D OP2   1 
ATOM   756 O  "O5'" . DG  D 4 11 ? 6.506   -13.507 0.301   1.00 87.89  ? 12  DG  D "O5'" 1 
ATOM   757 C  "C5'" . DG  D 4 11 ? 6.781   -13.774 -1.057  1.00 89.49  ? 12  DG  D "C5'" 1 
ATOM   758 C  "C4'" . DG  D 4 11 ? 8.093   -13.150 -1.490  1.00 93.30  ? 12  DG  D "C4'" 1 
ATOM   759 O  "O4'" . DG  D 4 11 ? 7.940   -11.717 -1.648  1.00 88.53  ? 12  DG  D "O4'" 1 
ATOM   760 C  "C3'" . DG  D 4 11 ? 9.265   -13.349 -0.531  1.00 97.68  ? 12  DG  D "C3'" 1 
ATOM   761 O  "O3'" . DG  D 4 11 ? 10.419  -13.692 -1.289  1.00 106.03 ? 12  DG  D "O3'" 1 
ATOM   762 C  "C2'" . DG  D 4 11 ? 9.406   -11.970 0.122   1.00 97.04  ? 12  DG  D "C2'" 1 
ATOM   763 C  "C1'" . DG  D 4 11 ? 9.027   -11.069 -1.036  1.00 90.40  ? 12  DG  D "C1'" 1 
ATOM   764 N  N9    . DG  D 4 11 ? 8.587   -9.732  -0.647  1.00 87.51  ? 12  DG  D N9    1 
ATOM   765 C  C8    . DG  D 4 11 ? 7.541   -9.421  0.185   1.00 87.02  ? 12  DG  D C8    1 
ATOM   766 N  N7    . DG  D 4 11 ? 7.360   -8.138  0.333   1.00 88.33  ? 12  DG  D N7    1 
ATOM   767 C  C5    . DG  D 4 11 ? 8.342   -7.559  -0.461  1.00 80.81  ? 12  DG  D C5    1 
ATOM   768 C  C6    . DG  D 4 11 ? 8.631   -6.195  -0.698  1.00 82.19  ? 12  DG  D C6    1 
ATOM   769 O  O6    . DG  D 4 11 ? 8.056   -5.201  -0.239  1.00 83.27  ? 12  DG  D O6    1 
ATOM   770 N  N1    . DG  D 4 11 ? 9.706   -6.037  -1.566  1.00 81.06  ? 12  DG  D N1    1 
ATOM   771 C  C2    . DG  D 4 11 ? 10.414  -7.068  -2.130  1.00 84.58  ? 12  DG  D C2    1 
ATOM   772 N  N2    . DG  D 4 11 ? 11.418  -6.717  -2.947  1.00 82.38  ? 12  DG  D N2    1 
ATOM   773 N  N3    . DG  D 4 11 ? 10.150  -8.356  -1.923  1.00 84.13  ? 12  DG  D N3    1 
ATOM   774 C  C4    . DG  D 4 11 ? 9.102   -8.524  -1.079  1.00 82.79  ? 12  DG  D C4    1 
ATOM   775 P  P     . DT  D 4 12 ? 11.653  -14.481 -0.625  1.00 106.23 ? 13  DT  D P     1 
ATOM   776 O  OP1   . DT  D 4 12 ? 11.788  -15.775 -1.332  1.00 106.59 ? 13  DT  D OP1   1 
ATOM   777 O  OP2   . DT  D 4 12 ? 11.481  -14.469 0.844   1.00 98.82  ? 13  DT  D OP2   1 
ATOM   778 O  "O5'" . DT  D 4 12 ? 12.894  -13.544 -0.980  1.00 95.44  ? 13  DT  D "O5'" 1 
ATOM   779 C  "C5'" . DT  D 4 12 ? 12.755  -12.153 -0.809  1.00 97.87  ? 13  DT  D "C5'" 1 
ATOM   780 C  "C4'" . DT  D 4 12 ? 13.827  -11.392 -1.549  1.00 102.71 ? 13  DT  D "C4'" 1 
ATOM   781 O  "O4'" . DT  D 4 12 ? 13.419  -10.006 -1.642  1.00 106.43 ? 13  DT  D "O4'" 1 
ATOM   782 C  "C3'" . DT  D 4 12 ? 15.157  -11.334 -0.829  1.00 111.69 ? 13  DT  D "C3'" 1 
ATOM   783 O  "O3'" . DT  D 4 12 ? 16.172  -10.909 -1.732  1.00 119.55 ? 13  DT  D "O3'" 1 
ATOM   784 C  "C2'" . DT  D 4 12 ? 14.863  -10.262 0.204   1.00 107.48 ? 13  DT  D "C2'" 1 
ATOM   785 C  "C1'" . DT  D 4 12 ? 14.098  -9.252  -0.651  1.00 103.84 ? 13  DT  D "C1'" 1 
ATOM   786 N  N1    . DT  D 4 12 ? 13.100  -8.437  0.119   1.00 94.73  ? 13  DT  D N1    1 
ATOM   787 C  C2    . DT  D 4 12 ? 13.085  -7.071  -0.041  1.00 91.70  ? 13  DT  D C2    1 
ATOM   788 O  O2    . DT  D 4 12 ? 13.844  -6.478  -0.789  1.00 93.43  ? 13  DT  D O2    1 
ATOM   789 N  N3    . DT  D 4 12 ? 12.143  -6.416  0.709   1.00 86.10  ? 13  DT  D N3    1 
ATOM   790 C  C4    . DT  D 4 12 ? 11.233  -6.979  1.584   1.00 88.58  ? 13  DT  D C4    1 
ATOM   791 O  O4    . DT  D 4 12 ? 10.420  -6.307  2.210   1.00 87.91  ? 13  DT  D O4    1 
ATOM   792 C  C5    . DT  D 4 12 ? 11.304  -8.415  1.708   1.00 89.36  ? 13  DT  D C5    1 
ATOM   793 C  C7    . DT  D 4 12 ? 10.367  -9.138  2.629   1.00 88.81  ? 13  DT  D C7    1 
ATOM   794 C  C6    . DT  D 4 12 ? 12.223  -9.068  0.978   1.00 91.78  ? 13  DT  D C6    1 
ATOM   795 P  P     . DC  D 4 13 ? 17.706  -11.327 -1.495  1.00 122.43 ? 14  DC  D P     1 
ATOM   796 O  OP1   . DC  D 4 13 ? 18.522  -10.550 -2.459  1.00 118.08 ? 14  DC  D OP1   1 
ATOM   797 O  OP2   . DC  D 4 13 ? 17.771  -12.807 -1.487  1.00 109.38 ? 14  DC  D OP2   1 
ATOM   798 O  "O5'" . DC  D 4 13 ? 18.023  -10.815 -0.013  1.00 121.23 ? 14  DC  D "O5'" 1 
ATOM   799 C  "C5'" . DC  D 4 13 ? 19.103  -9.915  0.221   1.00 121.67 ? 14  DC  D "C5'" 1 
ATOM   800 C  "C4'" . DC  D 4 13 ? 18.691  -8.485  -0.084  1.00 119.24 ? 14  DC  D "C4'" 1 
ATOM   801 O  "O4'" . DC  D 4 13 ? 17.347  -8.269  0.370   1.00 115.02 ? 14  DC  D "O4'" 1 
ATOM   802 C  "C3'" . DC  D 4 13 ? 19.516  -7.420  0.621   1.00 121.55 ? 14  DC  D "C3'" 1 
ATOM   803 O  "O3'" . DC  D 4 13 ? 20.582  -7.005  -0.220  1.00 127.71 ? 14  DC  D "O3'" 1 
ATOM   804 C  "C2'" . DC  D 4 13 ? 18.519  -6.274  0.859   1.00 115.91 ? 14  DC  D "C2'" 1 
ATOM   805 C  "C1'" . DC  D 4 13 ? 17.152  -6.889  0.561   1.00 110.50 ? 14  DC  D "C1'" 1 
ATOM   806 N  N1    . DC  D 4 13 ? 16.126  -6.697  1.637   1.00 100.66 ? 14  DC  D N1    1 
ATOM   807 C  C2    . DC  D 4 13 ? 15.625  -5.416  1.912   1.00 97.49  ? 14  DC  D C2    1 
ATOM   808 O  O2    . DC  D 4 13 ? 16.064  -4.445  1.282   1.00 95.37  ? 14  DC  D O2    1 
ATOM   809 N  N3    . DC  D 4 13 ? 14.673  -5.277  2.874   1.00 93.98  ? 14  DC  D N3    1 
ATOM   810 C  C4    . DC  D 4 13 ? 14.226  -6.351  3.531   1.00 96.29  ? 14  DC  D C4    1 
ATOM   811 N  N4    . DC  D 4 13 ? 13.293  -6.170  4.469   1.00 95.96  ? 14  DC  D N4    1 
ATOM   812 C  C5    . DC  D 4 13 ? 14.718  -7.660  3.258   1.00 95.60  ? 14  DC  D C5    1 
ATOM   813 C  C6    . DC  D 4 13 ? 15.654  -7.784  2.314   1.00 99.45  ? 14  DC  D C6    1 
ATOM   814 P  P     . DG  D 4 14 ? 21.900  -6.336  0.410   1.00 130.74 ? 15  DG  D P     1 
ATOM   815 O  OP1   . DG  D 4 14 ? 22.865  -6.141  -0.695  1.00 131.81 ? 15  DG  D OP1   1 
ATOM   816 O  OP2   . DG  D 4 14 ? 22.280  -7.129  1.601   1.00 126.67 ? 15  DG  D OP2   1 
ATOM   817 O  "O5'" . DG  D 4 14 ? 21.418  -4.886  0.880   1.00 125.91 ? 15  DG  D "O5'" 1 
ATOM   818 C  "C5'" . DG  D 4 14 ? 22.191  -3.739  0.548   1.00 125.74 ? 15  DG  D "C5'" 1 
ATOM   819 C  "C4'" . DG  D 4 14 ? 21.661  -2.508  1.258   1.00 125.71 ? 15  DG  D "C4'" 1 
ATOM   820 O  "O4'" . DG  D 4 14 ? 20.214  -2.594  1.359   1.00 122.64 ? 15  DG  D "O4'" 1 
ATOM   821 C  "C3'" . DG  D 4 14 ? 22.145  -2.329  2.689   1.00 124.17 ? 15  DG  D "C3'" 1 
ATOM   822 O  "O3'" . DG  D 4 14 ? 23.403  -1.609  2.721   1.00 130.59 ? 15  DG  D "O3'" 1 
ATOM   823 C  "C2'" . DG  D 4 14 ? 21.007  -1.540  3.314   1.00 120.52 ? 15  DG  D "C2'" 1 
ATOM   824 C  "C1'" . DG  D 4 14 ? 19.789  -2.152  2.640   1.00 117.46 ? 15  DG  D "C1'" 1 
ATOM   825 N  N9    . DG  D 4 14 ? 19.217  -3.293  3.359   1.00 108.67 ? 15  DG  D N9    1 
ATOM   826 C  C8    . DG  D 4 14 ? 19.621  -4.600  3.278   1.00 111.00 ? 15  DG  D C8    1 
ATOM   827 N  N7    . DG  D 4 14 ? 18.915  -5.415  4.010   1.00 107.90 ? 15  DG  D N7    1 
ATOM   828 C  C5    . DG  D 4 14 ? 17.982  -4.596  4.627   1.00 100.56 ? 15  DG  D C5    1 
ATOM   829 C  C6    . DG  D 4 14 ? 16.950  -4.920  5.539   1.00 96.34  ? 15  DG  D C6    1 
ATOM   830 O  O6    . DG  D 4 14 ? 16.651  -6.034  5.995   1.00 94.24  ? 15  DG  D O6    1 
ATOM   831 N  N1    . DG  D 4 14 ? 16.227  -3.792  5.920   1.00 92.37  ? 15  DG  D N1    1 
ATOM   832 C  C2    . DG  D 4 14 ? 16.472  -2.514  5.476   1.00 94.06  ? 15  DG  D C2    1 
ATOM   833 N  N2    . DG  D 4 14 ? 15.666  -1.556  5.960   1.00 91.24  ? 15  DG  D N2    1 
ATOM   834 N  N3    . DG  D 4 14 ? 17.435  -2.195  4.618   1.00 96.59  ? 15  DG  D N3    1 
ATOM   835 C  C4    . DG  D 4 14 ? 18.150  -3.283  4.237   1.00 100.77 ? 15  DG  D C4    1 
ATOM   836 P  P     . DT  D 4 15 ? 23.479  -0.003  2.574   1.00 135.13 ? 16  DT  D P     1 
ATOM   837 O  OP1   . DT  D 4 15 ? 22.563  0.458   1.507   1.00 132.98 ? 16  DT  D OP1   1 
ATOM   838 O  OP2   . DT  D 4 15 ? 24.916  0.339   2.485   1.00 136.89 ? 16  DT  D OP2   1 
ATOM   839 O  "O5'" . DT  D 4 15 ? 22.968  0.562   3.979   1.00 125.56 ? 16  DT  D "O5'" 1 
ATOM   840 C  "C5'" . DT  D 4 15 ? 22.819  1.961   4.159   1.00 126.94 ? 16  DT  D "C5'" 1 
ATOM   841 C  "C4'" . DT  D 4 15 ? 21.534  2.278   4.899   1.00 127.00 ? 16  DT  D "C4'" 1 
ATOM   842 O  "O4'" . DT  D 4 15 ? 20.794  1.055   5.159   1.00 121.02 ? 16  DT  D "O4'" 1 
ATOM   843 C  "C3'" . DT  D 4 15 ? 21.725  2.957   6.260   1.00 127.22 ? 16  DT  D "C3'" 1 
ATOM   844 O  "O3'" . DT  D 4 15 ? 20.963  4.157   6.317   1.00 130.69 ? 16  DT  D "O3'" 1 
ATOM   845 C  "C2'" . DT  D 4 15 ? 21.212  1.915   7.262   1.00 121.38 ? 16  DT  D "C2'" 1 
ATOM   846 C  "C1'" . DT  D 4 15 ? 20.202  1.157   6.427   1.00 117.79 ? 16  DT  D "C1'" 1 
ATOM   847 N  N1    . DT  D 4 15 ? 19.887  -0.221  6.930   1.00 107.96 ? 16  DT  D N1    1 
ATOM   848 C  C2    . DT  D 4 15 ? 18.863  -0.397  7.835   1.00 107.61 ? 16  DT  D C2    1 
ATOM   849 O  O2    . DT  D 4 15 ? 18.192  0.520   8.276   1.00 110.81 ? 16  DT  D O2    1 
ATOM   850 N  N3    . DT  D 4 15 ? 18.653  -1.699  8.214   1.00 99.34  ? 16  DT  D N3    1 
ATOM   851 C  C4    . DT  D 4 15 ? 19.345  -2.814  7.782   1.00 96.95  ? 16  DT  D C4    1 
ATOM   852 O  O4    . DT  D 4 15 ? 19.083  -3.945  8.176   1.00 95.87  ? 16  DT  D O4    1 
ATOM   853 C  C5    . DT  D 4 15 ? 20.399  -2.557  6.835   1.00 100.70 ? 16  DT  D C5    1 
ATOM   854 C  C7    . DT  D 4 15 ? 21.221  -3.686  6.291   1.00 103.19 ? 16  DT  D C7    1 
ATOM   855 C  C6    . DT  D 4 15 ? 20.617  -1.288  6.467   1.00 106.06 ? 16  DT  D C6    1 
HETATM 856 AS AS    . CAC E 5 .  ? -10.376 0.897   -6.126  1.00 182.04 ? 101 CAC C AS    1 
# 
loop_
_pdbx_poly_seq_scheme.asym_id 
_pdbx_poly_seq_scheme.entity_id 
_pdbx_poly_seq_scheme.seq_id 
_pdbx_poly_seq_scheme.mon_id 
_pdbx_poly_seq_scheme.ndb_seq_num 
_pdbx_poly_seq_scheme.pdb_seq_num 
_pdbx_poly_seq_scheme.auth_seq_num 
_pdbx_poly_seq_scheme.pdb_mon_id 
_pdbx_poly_seq_scheme.auth_mon_id 
_pdbx_poly_seq_scheme.pdb_strand_id 
_pdbx_poly_seq_scheme.pdb_ins_code 
_pdbx_poly_seq_scheme.hetero 
A 1 1  DG 1  1  1  DG DG A . n 
A 1 2  DA 2  2  2  DA DA A . n 
A 1 3  DA 3  3  3  DA DA A . n 
A 1 4  DC 4  4  4  DC DC A . n 
A 1 5  DG 5  5  5  DG DG A . n 
A 1 6  DA 6  6  6  DA DA A . n 
A 1 7  DC 7  7  7  DC DC A . n 
A 1 8  DA 8  8  8  DA DA A . n 
A 1 9  DG 9  9  9  DG DG A . n 
A 1 10 DT 10 10 10 DT DT A . n 
A 1 11 DG 11 11 11 DG DG A . n 
A 1 12 DA 12 12 12 DA DA A . n 
B 2 1  DC 1  12 12 DC DC B . n 
B 2 2  DG 2  13 13 DG DG B . n 
B 2 3  DA 3  14 14 DA DA B . n 
B 2 4  DC 4  15 15 DC DC B . n 
B 2 5  DG 5  16 16 DG DG B . n 
B 2 6  DA 6  17 17 DA DA B . n 
B 2 7  DC 7  18 18 DC DC B . n 
B 2 8  DT 8  19 19 DT DT B . n 
B 2 9  DC 9  20 20 DC DC B . n 
C 3 1  DT 1  0  0  DT DT C . n 
C 3 2  DC 2  1  1  DC DC C . n 
C 3 3  DA 3  2  2  DA DA C . n 
C 3 4  DT 4  3  3  DT DT C . n 
C 3 5  DC 5  4  4  DC DC C . n 
C 3 6  DG 6  5  5  DG DG C . n 
D 4 1  DT 1  2  2  DT DT D . n 
D 4 2  DC 2  3  3  DC DC D . n 
D 4 3  DG 3  4  4  DG DG D . n 
D 4 4  DA 4  5  5  DA DA D . n 
D 4 5  DG 5  6  6  DG DG D . n 
D 4 6  DT 6  7  7  DT DT D . n 
D 4 7  DC 7  8  8  DC DC D . n 
D 4 8  DG 8  9  9  DG DG D . n 
D 4 9  DC 9  10 10 DC DC D . n 
D 4 10 DT 10 11 11 DT DT D . n 
D 4 11 DG 11 12 12 DG DG D . n 
D 4 12 DT 12 13 13 DT DT D . n 
D 4 13 DC 13 14 14 DC DC D . n 
D 4 14 DG 14 15 15 DG DG D . n 
D 4 15 DT 15 16 16 DT DT D . n 
# 
_pdbx_nonpoly_scheme.asym_id         E 
_pdbx_nonpoly_scheme.entity_id       5 
_pdbx_nonpoly_scheme.mon_id          CAC 
_pdbx_nonpoly_scheme.ndb_seq_num     1 
_pdbx_nonpoly_scheme.pdb_seq_num     101 
_pdbx_nonpoly_scheme.auth_seq_num    1 
_pdbx_nonpoly_scheme.pdb_mon_id      CAC 
_pdbx_nonpoly_scheme.auth_mon_id     AS 
_pdbx_nonpoly_scheme.pdb_strand_id   C 
_pdbx_nonpoly_scheme.pdb_ins_code    . 
# 
_pdbx_struct_assembly.id                   1 
_pdbx_struct_assembly.details              author_and_software_defined_assembly 
_pdbx_struct_assembly.method_details       PISA 
_pdbx_struct_assembly.oligomeric_details   tetrameric 
_pdbx_struct_assembly.oligomeric_count     4 
# 
_pdbx_struct_assembly_gen.assembly_id       1 
_pdbx_struct_assembly_gen.oper_expression   1 
_pdbx_struct_assembly_gen.asym_id_list      A,B,C,D,E 
# 
loop_
_pdbx_struct_assembly_prop.biol_id 
_pdbx_struct_assembly_prop.type 
_pdbx_struct_assembly_prop.value 
_pdbx_struct_assembly_prop.details 
1 'ABSA (A^2)' 2540 ? 
1 MORE         -11  ? 
1 'SSA (A^2)'  7830 ? 
# 
_pdbx_struct_oper_list.id                   1 
_pdbx_struct_oper_list.type                 'identity operation' 
_pdbx_struct_oper_list.name                 1_555 
_pdbx_struct_oper_list.symmetry_operation   x,y,z 
_pdbx_struct_oper_list.matrix[1][1]         1.0000000000 
_pdbx_struct_oper_list.matrix[1][2]         0.0000000000 
_pdbx_struct_oper_list.matrix[1][3]         0.0000000000 
_pdbx_struct_oper_list.vector[1]            0.0000000000 
_pdbx_struct_oper_list.matrix[2][1]         0.0000000000 
_pdbx_struct_oper_list.matrix[2][2]         1.0000000000 
_pdbx_struct_oper_list.matrix[2][3]         0.0000000000 
_pdbx_struct_oper_list.vector[2]            0.0000000000 
_pdbx_struct_oper_list.matrix[3][1]         0.0000000000 
_pdbx_struct_oper_list.matrix[3][2]         0.0000000000 
_pdbx_struct_oper_list.matrix[3][3]         1.0000000000 
_pdbx_struct_oper_list.vector[3]            0.0000000000 
# 
loop_
_pdbx_audit_revision_history.ordinal 
_pdbx_audit_revision_history.data_content_type 
_pdbx_audit_revision_history.major_revision 
_pdbx_audit_revision_history.minor_revision 
_pdbx_audit_revision_history.revision_date 
1 'Structure model' 1 0 2021-07-14 
2 'Structure model' 1 1 2022-07-06 
3 'Structure model' 1 2 2023-10-18 
# 
_pdbx_audit_revision_details.ordinal             1 
_pdbx_audit_revision_details.revision_ordinal    1 
_pdbx_audit_revision_details.data_content_type   'Structure model' 
_pdbx_audit_revision_details.provider            repository 
_pdbx_audit_revision_details.type                'Initial release' 
_pdbx_audit_revision_details.description         ? 
_pdbx_audit_revision_details.details             ? 
# 
loop_
_pdbx_audit_revision_group.ordinal 
_pdbx_audit_revision_group.revision_ordinal 
_pdbx_audit_revision_group.data_content_type 
_pdbx_audit_revision_group.group 
1 2 'Structure model' 'Database references'    
2 3 'Structure model' 'Data collection'        
3 3 'Structure model' 'Refinement description' 
# 
loop_
_pdbx_audit_revision_category.ordinal 
_pdbx_audit_revision_category.revision_ordinal 
_pdbx_audit_revision_category.data_content_type 
_pdbx_audit_revision_category.category 
1 2 'Structure model' citation                      
2 2 'Structure model' citation_author               
3 2 'Structure model' database_2                    
4 3 'Structure model' chem_comp_atom                
5 3 'Structure model' chem_comp_bond                
6 3 'Structure model' pdbx_initial_refinement_model 
# 
loop_
_pdbx_audit_revision_item.ordinal 
_pdbx_audit_revision_item.revision_ordinal 
_pdbx_audit_revision_item.data_content_type 
_pdbx_audit_revision_item.item 
1  2 'Structure model' '_citation.country'                   
2  2 'Structure model' '_citation.journal_abbrev'            
3  2 'Structure model' '_citation.journal_id_CSD'            
4  2 'Structure model' '_citation.journal_id_ISSN'           
5  2 'Structure model' '_citation.journal_volume'            
6  2 'Structure model' '_citation.page_first'                
7  2 'Structure model' '_citation.page_last'                 
8  2 'Structure model' '_citation.pdbx_database_id_DOI'      
9  2 'Structure model' '_citation.pdbx_database_id_PubMed'   
10 2 'Structure model' '_citation.title'                     
11 2 'Structure model' '_citation.year'                      
12 2 'Structure model' '_database_2.pdbx_DOI'                
13 2 'Structure model' '_database_2.pdbx_database_accession' 
# 
loop_
_software.citation_id 
_software.classification 
_software.compiler_name 
_software.compiler_version 
_software.contact_author 
_software.contact_author_email 
_software.date 
_software.description 
_software.dependencies 
_software.hardware 
_software.language 
_software.location 
_software.mods 
_software.name 
_software.os 
_software.os_version 
_software.type 
_software.version 
_software.pdbx_ordinal 
? 'data reduction'  ? ? ? ? ? ? ? ? ? ? ? HKL-2000    ? ? ? .           1 
? 'data scaling'    ? ? ? ? ? ? ? ? ? ? ? HKL-2000    ? ? ? .           2 
? refinement        ? ? ? ? ? ? ? ? ? ? ? PHENIX      ? ? ? 1.11.1_2575 3 
? 'data extraction' ? ? ? ? ? ? ? ? ? ? ? PDB_EXTRACT ? ? ? 3.25        4 
? phasing           ? ? ? ? ? ? ? ? ? ? ? PHASER      ? ? ? .           5 
# 
_pdbx_entry_details.entry_id                 7JI5 
_pdbx_entry_details.has_ligand_of_interest   N 
_pdbx_entry_details.compound_details         ? 
_pdbx_entry_details.source_details           ? 
_pdbx_entry_details.nonpolymer_details       ? 
_pdbx_entry_details.sequence_details         ? 
# 
loop_
_pdbx_validate_rmsd_angle.id 
_pdbx_validate_rmsd_angle.PDB_model_num 
_pdbx_validate_rmsd_angle.auth_atom_id_1 
_pdbx_validate_rmsd_angle.auth_asym_id_1 
_pdbx_validate_rmsd_angle.auth_comp_id_1 
_pdbx_validate_rmsd_angle.auth_seq_id_1 
_pdbx_validate_rmsd_angle.PDB_ins_code_1 
_pdbx_validate_rmsd_angle.label_alt_id_1 
_pdbx_validate_rmsd_angle.auth_atom_id_2 
_pdbx_validate_rmsd_angle.auth_asym_id_2 
_pdbx_validate_rmsd_angle.auth_comp_id_2 
_pdbx_validate_rmsd_angle.auth_seq_id_2 
_pdbx_validate_rmsd_angle.PDB_ins_code_2 
_pdbx_validate_rmsd_angle.label_alt_id_2 
_pdbx_validate_rmsd_angle.auth_atom_id_3 
_pdbx_validate_rmsd_angle.auth_asym_id_3 
_pdbx_validate_rmsd_angle.auth_comp_id_3 
_pdbx_validate_rmsd_angle.auth_seq_id_3 
_pdbx_validate_rmsd_angle.PDB_ins_code_3 
_pdbx_validate_rmsd_angle.label_alt_id_3 
_pdbx_validate_rmsd_angle.angle_value 
_pdbx_validate_rmsd_angle.angle_target_value 
_pdbx_validate_rmsd_angle.angle_deviation 
_pdbx_validate_rmsd_angle.angle_standard_deviation 
_pdbx_validate_rmsd_angle.linker_flag 
1 1 "O4'" C DA 2 ? ? "C4'" C DA 2 ? ? "C3'" C DA 2 ? ? 101.70 104.50 -2.80 0.40 N 
2 1 "O4'" C DA 2 ? ? "C1'" C DA 2 ? ? N9    C DA 2 ? ? 110.29 108.30 1.99  0.30 N 
# 
loop_
_pdbx_unobs_or_zero_occ_atoms.id 
_pdbx_unobs_or_zero_occ_atoms.PDB_model_num 
_pdbx_unobs_or_zero_occ_atoms.polymer_flag 
_pdbx_unobs_or_zero_occ_atoms.occupancy_flag 
_pdbx_unobs_or_zero_occ_atoms.auth_asym_id 
_pdbx_unobs_or_zero_occ_atoms.auth_comp_id 
_pdbx_unobs_or_zero_occ_atoms.auth_seq_id 
_pdbx_unobs_or_zero_occ_atoms.PDB_ins_code 
_pdbx_unobs_or_zero_occ_atoms.auth_atom_id 
_pdbx_unobs_or_zero_occ_atoms.label_alt_id 
_pdbx_unobs_or_zero_occ_atoms.label_asym_id 
_pdbx_unobs_or_zero_occ_atoms.label_comp_id 
_pdbx_unobs_or_zero_occ_atoms.label_seq_id 
_pdbx_unobs_or_zero_occ_atoms.label_atom_id 
1 1 N 1 C CAC 101 ? O1 ? E CAC 1 O1 
2 1 N 1 C CAC 101 ? O2 ? E CAC 1 O2 
3 1 N 1 C CAC 101 ? C1 ? E CAC 1 C1 
4 1 N 1 C CAC 101 ? C2 ? E CAC 1 C2 
# 
loop_
_chem_comp_atom.comp_id 
_chem_comp_atom.atom_id 
_chem_comp_atom.type_symbol 
_chem_comp_atom.pdbx_aromatic_flag 
_chem_comp_atom.pdbx_stereo_config 
_chem_comp_atom.pdbx_ordinal 
CAC AS     AS N N 1   
CAC O1     O  N N 2   
CAC O2     O  N N 3   
CAC C1     C  N N 4   
CAC C2     C  N N 5   
CAC H11    H  N N 6   
CAC H12    H  N N 7   
CAC H13    H  N N 8   
CAC H21    H  N N 9   
CAC H22    H  N N 10  
CAC H23    H  N N 11  
DA  OP3    O  N N 12  
DA  P      P  N N 13  
DA  OP1    O  N N 14  
DA  OP2    O  N N 15  
DA  "O5'"  O  N N 16  
DA  "C5'"  C  N N 17  
DA  "C4'"  C  N R 18  
DA  "O4'"  O  N N 19  
DA  "C3'"  C  N S 20  
DA  "O3'"  O  N N 21  
DA  "C2'"  C  N N 22  
DA  "C1'"  C  N R 23  
DA  N9     N  Y N 24  
DA  C8     C  Y N 25  
DA  N7     N  Y N 26  
DA  C5     C  Y N 27  
DA  C6     C  Y N 28  
DA  N6     N  N N 29  
DA  N1     N  Y N 30  
DA  C2     C  Y N 31  
DA  N3     N  Y N 32  
DA  C4     C  Y N 33  
DA  HOP3   H  N N 34  
DA  HOP2   H  N N 35  
DA  "H5'"  H  N N 36  
DA  "H5''" H  N N 37  
DA  "H4'"  H  N N 38  
DA  "H3'"  H  N N 39  
DA  "HO3'" H  N N 40  
DA  "H2'"  H  N N 41  
DA  "H2''" H  N N 42  
DA  "H1'"  H  N N 43  
DA  H8     H  N N 44  
DA  H61    H  N N 45  
DA  H62    H  N N 46  
DA  H2     H  N N 47  
DC  OP3    O  N N 48  
DC  P      P  N N 49  
DC  OP1    O  N N 50  
DC  OP2    O  N N 51  
DC  "O5'"  O  N N 52  
DC  "C5'"  C  N N 53  
DC  "C4'"  C  N R 54  
DC  "O4'"  O  N N 55  
DC  "C3'"  C  N S 56  
DC  "O3'"  O  N N 57  
DC  "C2'"  C  N N 58  
DC  "C1'"  C  N R 59  
DC  N1     N  N N 60  
DC  C2     C  N N 61  
DC  O2     O  N N 62  
DC  N3     N  N N 63  
DC  C4     C  N N 64  
DC  N4     N  N N 65  
DC  C5     C  N N 66  
DC  C6     C  N N 67  
DC  HOP3   H  N N 68  
DC  HOP2   H  N N 69  
DC  "H5'"  H  N N 70  
DC  "H5''" H  N N 71  
DC  "H4'"  H  N N 72  
DC  "H3'"  H  N N 73  
DC  "HO3'" H  N N 74  
DC  "H2'"  H  N N 75  
DC  "H2''" H  N N 76  
DC  "H1'"  H  N N 77  
DC  H41    H  N N 78  
DC  H42    H  N N 79  
DC  H5     H  N N 80  
DC  H6     H  N N 81  
DG  OP3    O  N N 82  
DG  P      P  N N 83  
DG  OP1    O  N N 84  
DG  OP2    O  N N 85  
DG  "O5'"  O  N N 86  
DG  "C5'"  C  N N 87  
DG  "C4'"  C  N R 88  
DG  "O4'"  O  N N 89  
DG  "C3'"  C  N S 90  
DG  "O3'"  O  N N 91  
DG  "C2'"  C  N N 92  
DG  "C1'"  C  N R 93  
DG  N9     N  Y N 94  
DG  C8     C  Y N 95  
DG  N7     N  Y N 96  
DG  C5     C  Y N 97  
DG  C6     C  N N 98  
DG  O6     O  N N 99  
DG  N1     N  N N 100 
DG  C2     C  N N 101 
DG  N2     N  N N 102 
DG  N3     N  N N 103 
DG  C4     C  Y N 104 
DG  HOP3   H  N N 105 
DG  HOP2   H  N N 106 
DG  "H5'"  H  N N 107 
DG  "H5''" H  N N 108 
DG  "H4'"  H  N N 109 
DG  "H3'"  H  N N 110 
DG  "HO3'" H  N N 111 
DG  "H2'"  H  N N 112 
DG  "H2''" H  N N 113 
DG  "H1'"  H  N N 114 
DG  H8     H  N N 115 
DG  H1     H  N N 116 
DG  H21    H  N N 117 
DG  H22    H  N N 118 
DT  OP3    O  N N 119 
DT  P      P  N N 120 
DT  OP1    O  N N 121 
DT  OP2    O  N N 122 
DT  "O5'"  O  N N 123 
DT  "C5'"  C  N N 124 
DT  "C4'"  C  N R 125 
DT  "O4'"  O  N N 126 
DT  "C3'"  C  N S 127 
DT  "O3'"  O  N N 128 
DT  "C2'"  C  N N 129 
DT  "C1'"  C  N R 130 
DT  N1     N  N N 131 
DT  C2     C  N N 132 
DT  O2     O  N N 133 
DT  N3     N  N N 134 
DT  C4     C  N N 135 
DT  O4     O  N N 136 
DT  C5     C  N N 137 
DT  C7     C  N N 138 
DT  C6     C  N N 139 
DT  HOP3   H  N N 140 
DT  HOP2   H  N N 141 
DT  "H5'"  H  N N 142 
DT  "H5''" H  N N 143 
DT  "H4'"  H  N N 144 
DT  "H3'"  H  N N 145 
DT  "HO3'" H  N N 146 
DT  "H2'"  H  N N 147 
DT  "H2''" H  N N 148 
DT  "H1'"  H  N N 149 
DT  H3     H  N N 150 
DT  H71    H  N N 151 
DT  H72    H  N N 152 
DT  H73    H  N N 153 
DT  H6     H  N N 154 
# 
loop_
_chem_comp_bond.comp_id 
_chem_comp_bond.atom_id_1 
_chem_comp_bond.atom_id_2 
_chem_comp_bond.value_order 
_chem_comp_bond.pdbx_aromatic_flag 
_chem_comp_bond.pdbx_stereo_config 
_chem_comp_bond.pdbx_ordinal 
CAC AS    O1     doub N N 1   
CAC AS    O2     sing N N 2   
CAC AS    C1     sing N N 3   
CAC AS    C2     sing N N 4   
CAC C1    H11    sing N N 5   
CAC C1    H12    sing N N 6   
CAC C1    H13    sing N N 7   
CAC C2    H21    sing N N 8   
CAC C2    H22    sing N N 9   
CAC C2    H23    sing N N 10  
DA  OP3   P      sing N N 11  
DA  OP3   HOP3   sing N N 12  
DA  P     OP1    doub N N 13  
DA  P     OP2    sing N N 14  
DA  P     "O5'"  sing N N 15  
DA  OP2   HOP2   sing N N 16  
DA  "O5'" "C5'"  sing N N 17  
DA  "C5'" "C4'"  sing N N 18  
DA  "C5'" "H5'"  sing N N 19  
DA  "C5'" "H5''" sing N N 20  
DA  "C4'" "O4'"  sing N N 21  
DA  "C4'" "C3'"  sing N N 22  
DA  "C4'" "H4'"  sing N N 23  
DA  "O4'" "C1'"  sing N N 24  
DA  "C3'" "O3'"  sing N N 25  
DA  "C3'" "C2'"  sing N N 26  
DA  "C3'" "H3'"  sing N N 27  
DA  "O3'" "HO3'" sing N N 28  
DA  "C2'" "C1'"  sing N N 29  
DA  "C2'" "H2'"  sing N N 30  
DA  "C2'" "H2''" sing N N 31  
DA  "C1'" N9     sing N N 32  
DA  "C1'" "H1'"  sing N N 33  
DA  N9    C8     sing Y N 34  
DA  N9    C4     sing Y N 35  
DA  C8    N7     doub Y N 36  
DA  C8    H8     sing N N 37  
DA  N7    C5     sing Y N 38  
DA  C5    C6     sing Y N 39  
DA  C5    C4     doub Y N 40  
DA  C6    N6     sing N N 41  
DA  C6    N1     doub Y N 42  
DA  N6    H61    sing N N 43  
DA  N6    H62    sing N N 44  
DA  N1    C2     sing Y N 45  
DA  C2    N3     doub Y N 46  
DA  C2    H2     sing N N 47  
DA  N3    C4     sing Y N 48  
DC  OP3   P      sing N N 49  
DC  OP3   HOP3   sing N N 50  
DC  P     OP1    doub N N 51  
DC  P     OP2    sing N N 52  
DC  P     "O5'"  sing N N 53  
DC  OP2   HOP2   sing N N 54  
DC  "O5'" "C5'"  sing N N 55  
DC  "C5'" "C4'"  sing N N 56  
DC  "C5'" "H5'"  sing N N 57  
DC  "C5'" "H5''" sing N N 58  
DC  "C4'" "O4'"  sing N N 59  
DC  "C4'" "C3'"  sing N N 60  
DC  "C4'" "H4'"  sing N N 61  
DC  "O4'" "C1'"  sing N N 62  
DC  "C3'" "O3'"  sing N N 63  
DC  "C3'" "C2'"  sing N N 64  
DC  "C3'" "H3'"  sing N N 65  
DC  "O3'" "HO3'" sing N N 66  
DC  "C2'" "C1'"  sing N N 67  
DC  "C2'" "H2'"  sing N N 68  
DC  "C2'" "H2''" sing N N 69  
DC  "C1'" N1     sing N N 70  
DC  "C1'" "H1'"  sing N N 71  
DC  N1    C2     sing N N 72  
DC  N1    C6     sing N N 73  
DC  C2    O2     doub N N 74  
DC  C2    N3     sing N N 75  
DC  N3    C4     doub N N 76  
DC  C4    N4     sing N N 77  
DC  C4    C5     sing N N 78  
DC  N4    H41    sing N N 79  
DC  N4    H42    sing N N 80  
DC  C5    C6     doub N N 81  
DC  C5    H5     sing N N 82  
DC  C6    H6     sing N N 83  
DG  OP3   P      sing N N 84  
DG  OP3   HOP3   sing N N 85  
DG  P     OP1    doub N N 86  
DG  P     OP2    sing N N 87  
DG  P     "O5'"  sing N N 88  
DG  OP2   HOP2   sing N N 89  
DG  "O5'" "C5'"  sing N N 90  
DG  "C5'" "C4'"  sing N N 91  
DG  "C5'" "H5'"  sing N N 92  
DG  "C5'" "H5''" sing N N 93  
DG  "C4'" "O4'"  sing N N 94  
DG  "C4'" "C3'"  sing N N 95  
DG  "C4'" "H4'"  sing N N 96  
DG  "O4'" "C1'"  sing N N 97  
DG  "C3'" "O3'"  sing N N 98  
DG  "C3'" "C2'"  sing N N 99  
DG  "C3'" "H3'"  sing N N 100 
DG  "O3'" "HO3'" sing N N 101 
DG  "C2'" "C1'"  sing N N 102 
DG  "C2'" "H2'"  sing N N 103 
DG  "C2'" "H2''" sing N N 104 
DG  "C1'" N9     sing N N 105 
DG  "C1'" "H1'"  sing N N 106 
DG  N9    C8     sing Y N 107 
DG  N9    C4     sing Y N 108 
DG  C8    N7     doub Y N 109 
DG  C8    H8     sing N N 110 
DG  N7    C5     sing Y N 111 
DG  C5    C6     sing N N 112 
DG  C5    C4     doub Y N 113 
DG  C6    O6     doub N N 114 
DG  C6    N1     sing N N 115 
DG  N1    C2     sing N N 116 
DG  N1    H1     sing N N 117 
DG  C2    N2     sing N N 118 
DG  C2    N3     doub N N 119 
DG  N2    H21    sing N N 120 
DG  N2    H22    sing N N 121 
DG  N3    C4     sing N N 122 
DT  OP3   P      sing N N 123 
DT  OP3   HOP3   sing N N 124 
DT  P     OP1    doub N N 125 
DT  P     OP2    sing N N 126 
DT  P     "O5'"  sing N N 127 
DT  OP2   HOP2   sing N N 128 
DT  "O5'" "C5'"  sing N N 129 
DT  "C5'" "C4'"  sing N N 130 
DT  "C5'" "H5'"  sing N N 131 
DT  "C5'" "H5''" sing N N 132 
DT  "C4'" "O4'"  sing N N 133 
DT  "C4'" "C3'"  sing N N 134 
DT  "C4'" "H4'"  sing N N 135 
DT  "O4'" "C1'"  sing N N 136 
DT  "C3'" "O3'"  sing N N 137 
DT  "C3'" "C2'"  sing N N 138 
DT  "C3'" "H3'"  sing N N 139 
DT  "O3'" "HO3'" sing N N 140 
DT  "C2'" "C1'"  sing N N 141 
DT  "C2'" "H2'"  sing N N 142 
DT  "C2'" "H2''" sing N N 143 
DT  "C1'" N1     sing N N 144 
DT  "C1'" "H1'"  sing N N 145 
DT  N1    C2     sing N N 146 
DT  N1    C6     sing N N 147 
DT  C2    O2     doub N N 148 
DT  C2    N3     sing N N 149 
DT  N3    C4     sing N N 150 
DT  N3    H3     sing N N 151 
DT  C4    O4     doub N N 152 
DT  C4    C5     sing N N 153 
DT  C5    C7     sing N N 154 
DT  C5    C6     doub N N 155 
DT  C7    H71    sing N N 156 
DT  C7    H72    sing N N 157 
DT  C7    H73    sing N N 158 
DT  C6    H6     sing N N 159 
# 
loop_
_ndb_struct_conf_na.entry_id 
_ndb_struct_conf_na.feature 
7JI5 'double helix'        
7JI5 'a-form double helix' 
7JI5 'b-form double helix' 
# 
loop_
_ndb_struct_na_base_pair.model_number 
_ndb_struct_na_base_pair.i_label_asym_id 
_ndb_struct_na_base_pair.i_label_comp_id 
_ndb_struct_na_base_pair.i_label_seq_id 
_ndb_struct_na_base_pair.i_symmetry 
_ndb_struct_na_base_pair.j_label_asym_id 
_ndb_struct_na_base_pair.j_label_comp_id 
_ndb_struct_na_base_pair.j_label_seq_id 
_ndb_struct_na_base_pair.j_symmetry 
_ndb_struct_na_base_pair.shear 
_ndb_struct_na_base_pair.stretch 
_ndb_struct_na_base_pair.stagger 
_ndb_struct_na_base_pair.buckle 
_ndb_struct_na_base_pair.propeller 
_ndb_struct_na_base_pair.opening 
_ndb_struct_na_base_pair.pair_number 
_ndb_struct_na_base_pair.pair_name 
_ndb_struct_na_base_pair.i_auth_asym_id 
_ndb_struct_na_base_pair.i_auth_seq_id 
_ndb_struct_na_base_pair.i_PDB_ins_code 
_ndb_struct_na_base_pair.j_auth_asym_id 
_ndb_struct_na_base_pair.j_auth_seq_id 
_ndb_struct_na_base_pair.j_PDB_ins_code 
_ndb_struct_na_base_pair.hbond_type_28 
_ndb_struct_na_base_pair.hbond_type_12 
1 A DA 3  1_555 D DT 15 1_555 1.844  0.153  0.649  7.095  -8.283  -3.098  1  A_DA3:DT16_D A 3  ? D 16 ? 20 1 
1 A DC 4  1_555 D DG 14 1_555 -0.872 0.240  0.437  3.323  -11.343 6.837   2  A_DC4:DG15_D A 4  ? D 15 ? 19 1 
1 A DG 5  1_555 D DC 13 1_555 0.574  -0.502 0.373  4.420  -14.282 -11.554 3  A_DG5:DC14_D A 5  ? D 14 ? 19 1 
1 A DA 6  1_555 D DT 12 1_555 0.434  -0.290 0.095  0.195  -8.246  -2.062  4  A_DA6:DT13_D A 6  ? D 13 ? 20 1 
1 A DC 7  1_555 D DG 11 1_555 0.451  -0.604 0.308  4.015  -7.210  -5.724  5  A_DC7:DG12_D A 7  ? D 12 ? 19 1 
1 A DA 8  1_555 D DT 10 1_555 -0.158 -0.530 0.601  3.550  -7.911  -8.362  6  A_DA8:DT11_D A 8  ? D 11 ? 20 1 
1 A DG 9  1_555 D DC 9  1_555 -0.002 -0.275 0.320  -3.543 -14.567 -12.986 7  A_DG9:DC10_D A 9  ? D 10 ? 19 1 
1 A DT 10 1_555 C DA 3  1_555 -1.067 -0.255 0.432  -0.457 -11.781 4.648   8  A_DT10:DA2_C A 10 ? C 2  ? 20 1 
1 A DG 11 1_555 C DC 2  1_555 0.084  -0.570 0.162  4.324  -6.100  -0.503  9  A_DG11:DC1_C A 11 ? C 1  ? 19 1 
1 A DA 12 1_555 C DT 1  1_555 0.514  -0.056 0.127  2.191  -10.461 -8.924  10 A_DA12:DT0_C A 12 ? C 0  ? 20 1 
1 B DC 1  1_555 C DG 6  1_555 -0.329 -0.202 0.301  -4.478 -9.752  -7.218  11 B_DC12:DG5_C B 12 ? C 5  ? 19 1 
1 B DG 2  1_555 C DC 5  1_555 0.034  -0.337 0.442  5.481  -9.035  -2.403  12 B_DG13:DC4_C B 13 ? C 4  ? 19 1 
1 B DA 3  1_555 C DT 4  1_555 0.118  -0.182 0.782  3.594  -13.891 -1.106  13 B_DA14:DT3_C B 14 ? C 3  ? 20 1 
1 B DC 4  1_555 D DG 8  1_555 -0.089 -0.244 0.662  1.260  -10.430 -2.337  14 B_DC15:DG9_D B 15 ? D 9  ? 19 1 
1 B DG 5  1_555 D DC 7  1_555 0.132  -0.029 0.464  4.696  -10.568 0.267   15 B_DG16:DC8_D B 16 ? D 8  ? 19 1 
1 B DA 6  1_555 D DT 6  1_555 0.647  0.026  0.466  1.945  -11.340 0.983   16 B_DA17:DT7_D B 17 ? D 7  ? 20 1 
1 B DC 7  1_555 D DG 5  1_555 -0.015 -0.316 0.308  3.099  -11.031 5.787   17 B_DC18:DG6_D B 18 ? D 6  ? 19 1 
1 B DT 8  1_555 D DA 4  1_555 -0.511 -0.520 -0.066 2.442  -9.367  -4.282  18 B_DT19:DA5_D B 19 ? D 5  ? 20 1 
1 B DC 9  1_555 D DG 3  1_555 0.275  -0.381 -0.401 9.136  -11.634 -5.046  19 B_DC20:DG4_D B 20 ? D 4  ? 19 1 
# 
loop_
_ndb_struct_na_base_pair_step.model_number 
_ndb_struct_na_base_pair_step.i_label_asym_id_1 
_ndb_struct_na_base_pair_step.i_label_comp_id_1 
_ndb_struct_na_base_pair_step.i_label_seq_id_1 
_ndb_struct_na_base_pair_step.i_symmetry_1 
_ndb_struct_na_base_pair_step.j_label_asym_id_1 
_ndb_struct_na_base_pair_step.j_label_comp_id_1 
_ndb_struct_na_base_pair_step.j_label_seq_id_1 
_ndb_struct_na_base_pair_step.j_symmetry_1 
_ndb_struct_na_base_pair_step.i_label_asym_id_2 
_ndb_struct_na_base_pair_step.i_label_comp_id_2 
_ndb_struct_na_base_pair_step.i_label_seq_id_2 
_ndb_struct_na_base_pair_step.i_symmetry_2 
_ndb_struct_na_base_pair_step.j_label_asym_id_2 
_ndb_struct_na_base_pair_step.j_label_comp_id_2 
_ndb_struct_na_base_pair_step.j_label_seq_id_2 
_ndb_struct_na_base_pair_step.j_symmetry_2 
_ndb_struct_na_base_pair_step.shift 
_ndb_struct_na_base_pair_step.slide 
_ndb_struct_na_base_pair_step.rise 
_ndb_struct_na_base_pair_step.tilt 
_ndb_struct_na_base_pair_step.roll 
_ndb_struct_na_base_pair_step.twist 
_ndb_struct_na_base_pair_step.x_displacement 
_ndb_struct_na_base_pair_step.y_displacement 
_ndb_struct_na_base_pair_step.helical_rise 
_ndb_struct_na_base_pair_step.inclination 
_ndb_struct_na_base_pair_step.tip 
_ndb_struct_na_base_pair_step.helical_twist 
_ndb_struct_na_base_pair_step.step_number 
_ndb_struct_na_base_pair_step.step_name 
_ndb_struct_na_base_pair_step.i_auth_asym_id_1 
_ndb_struct_na_base_pair_step.i_auth_seq_id_1 
_ndb_struct_na_base_pair_step.i_PDB_ins_code_1 
_ndb_struct_na_base_pair_step.j_auth_asym_id_1 
_ndb_struct_na_base_pair_step.j_auth_seq_id_1 
_ndb_struct_na_base_pair_step.j_PDB_ins_code_1 
_ndb_struct_na_base_pair_step.i_auth_asym_id_2 
_ndb_struct_na_base_pair_step.i_auth_seq_id_2 
_ndb_struct_na_base_pair_step.i_PDB_ins_code_2 
_ndb_struct_na_base_pair_step.j_auth_asym_id_2 
_ndb_struct_na_base_pair_step.j_auth_seq_id_2 
_ndb_struct_na_base_pair_step.j_PDB_ins_code_2 
1 A DA 3  1_555 D DT 15 1_555 A DC 4  1_555 D DG 14 1_555 0.481  -0.772 3.345 0.892  1.504  21.058 -2.744 -0.932 3.300 4.107  
-2.436 21.130 1  AA_DA3DC4:DG15DT16_DD A 3  ? D 16 ? A 4  ? D 15 ? 
1 A DC 4  1_555 D DG 14 1_555 A DG 5  1_555 D DC 13 1_555 -0.225 0.394  3.382 -0.412 2.267  48.004 0.299  0.243  3.398 2.784  
0.507  48.056 2  AA_DC4DG5:DC14DG15_DD A 4  ? D 15 ? A 5  ? D 14 ? 
1 A DG 5  1_555 D DC 13 1_555 A DA 6  1_555 D DT 12 1_555 -0.279 -0.162 3.349 1.089  -1.137 32.750 -0.086 0.686  3.341 -2.016 
-1.929 32.787 3  AA_DG5DA6:DT13DC14_DD A 5  ? D 14 ? A 6  ? D 13 ? 
1 A DA 6  1_555 D DT 12 1_555 A DC 7  1_555 D DG 11 1_555 0.363  -0.945 3.272 -1.842 -0.423 31.866 -1.641 -0.994 3.258 -0.769 
3.352  31.921 4  AA_DA6DC7:DG12DT13_DD A 6  ? D 13 ? A 7  ? D 12 ? 
1 A DC 7  1_555 D DG 11 1_555 A DA 8  1_555 D DT 10 1_555 -0.097 -1.017 3.103 -1.617 -4.466 35.151 -1.035 -0.070 3.205 -7.353 
2.662  35.460 5  AA_DC7DA8:DT11DG12_DD A 7  ? D 12 ? A 8  ? D 11 ? 
1 A DA 8  1_555 D DT 10 1_555 A DG 9  1_555 D DC 9  1_555 -0.215 -1.021 3.417 -1.981 0.843  39.236 -1.622 0.075  3.402 1.254  
2.947  39.293 6  AA_DA8DG9:DC10DT11_DD A 8  ? D 11 ? A 9  ? D 10 ? 
1 A DG 9  1_555 D DC 9  1_555 A DT 10 1_555 C DA 3  1_555 -0.546 -1.581 3.115 -3.441 1.578  21.359 -4.795 0.159  3.040 4.215  
9.192  21.688 7  AA_DG9DT10:DA2DC10_CD A 9  ? D 10 ? A 10 ? C 2  ? 
1 A DT 10 1_555 C DA 3  1_555 A DG 11 1_555 C DC 2  1_555 -0.469 0.778  3.331 -0.573 6.008  36.672 0.390  0.657  3.418 9.469  
0.902  37.148 8  AA_DT10DG11:DC1DA2_CC A 10 ? C 2  ? A 11 ? C 1  ? 
1 A DG 11 1_555 C DC 2  1_555 A DA 12 1_555 C DT 1  1_555 -0.622 0.089  3.318 -1.077 3.846  38.585 -0.345 0.802  3.326 5.802  
1.625  38.783 9  AA_DG11DA12:DT0DC1_CC A 11 ? C 1  ? A 12 ? C 0  ? 
1 B DC 1  1_555 C DG 6  1_555 B DG 2  1_555 C DC 5  1_555 0.329  0.027  3.201 -1.003 4.603  36.425 -0.572 -0.656 3.171 7.325  
1.597  36.718 10 BB_DC12DG13:DC4DG5_CC B 12 ? C 5  ? B 13 ? C 4  ? 
1 B DG 2  1_555 C DC 5  1_555 B DA 3  1_555 C DT 4  1_555 0.246  -0.734 3.231 -4.162 1.854  37.452 -1.370 -0.907 3.148 2.875  
6.452  37.718 11 BB_DG13DA14:DT3DC4_CC B 13 ? C 4  ? B 14 ? C 3  ? 
1 B DA 3  1_555 C DT 4  1_555 B DC 4  1_555 D DG 8  1_555 -0.871 -1.209 3.233 -1.275 3.154  27.546 -3.261 1.516  3.114 6.592  
2.666  27.751 12 BB_DA14DC15:DG9DT3_DC B 14 ? C 3  ? B 15 ? D 9  ? 
1 B DC 4  1_555 D DG 8  1_555 B DG 5  1_555 D DC 7  1_555 -0.581 0.437  3.263 -0.256 5.876  36.354 -0.113 0.884  3.296 9.343  
0.407  36.810 13 BB_DC15DG16:DC8DG9_DD B 15 ? D 9  ? B 16 ? D 8  ? 
1 B DG 5  1_555 D DC 7  1_555 B DA 6  1_555 D DT 6  1_555 -0.092 -0.254 3.239 -0.563 6.745  38.380 -1.186 0.070  3.152 10.164 
0.849  38.950 14 BB_DG16DA17:DT7DC8_DD B 16 ? D 8  ? B 17 ? D 7  ? 
1 B DA 6  1_555 D DT 6  1_555 B DC 7  1_555 D DG 5  1_555 0.544  -0.880 3.204 -0.038 3.113  27.290 -2.592 -1.155 3.086 6.571  
0.080  27.463 15 BB_DA17DC18:DG6DT7_DD B 17 ? D 7  ? B 18 ? D 6  ? 
1 B DC 7  1_555 D DG 5  1_555 B DT 8  1_555 D DA 4  1_555 -0.577 -0.237 3.307 3.427  3.736  34.084 -0.982 1.506  3.193 6.331  
-5.807 34.448 16 BB_DC18DT19:DA5DG6_DD B 18 ? D 6  ? B 19 ? D 5  ? 
1 B DT 8  1_555 D DA 4  1_555 B DC 9  1_555 D DG 3  1_555 0.035  -0.164 3.259 3.849  3.086  36.619 -0.673 0.462  3.222 4.885  
-6.092 36.939 17 BB_DT19DC20:DG4DA5_DD B 19 ? D 5  ? B 20 ? D 4  ? 
# 
loop_
_pdbx_audit_support.funding_organization 
_pdbx_audit_support.country 
_pdbx_audit_support.grant_number 
_pdbx_audit_support.ordinal 
'National Science Foundation (NSF, United States)'                                         'United States' 1360635     1 
'National Institutes of Health/National Institute of General Medical Sciences (NIH/NIGMS)' 'United States' R01GM104960 2 
'National Science Foundation (NSF, United States)'                                         'United States' NSF2004250  3 
# 
_pdbx_entity_nonpoly.entity_id   5 
_pdbx_entity_nonpoly.name        'CACODYLATE ION' 
_pdbx_entity_nonpoly.comp_id     CAC 
# 
_pdbx_initial_refinement_model.id               1 
_pdbx_initial_refinement_model.entity_id_list   ? 
_pdbx_initial_refinement_model.type             'experimental model' 
_pdbx_initial_refinement_model.source_name      PDB 
_pdbx_initial_refinement_model.accession_code   6XNA 
_pdbx_initial_refinement_model.details          ? 
# 
_pdbx_struct_assembly_auth_evidence.id                     1 
_pdbx_struct_assembly_auth_evidence.assembly_id            1 
_pdbx_struct_assembly_auth_evidence.experimental_support   none 
_pdbx_struct_assembly_auth_evidence.details                ? 
# 
